data_6KIZ
#
_entry.id   6KIZ
#
_cell.length_a   1.00
_cell.length_b   1.00
_cell.length_c   1.00
_cell.angle_alpha   90.00
_cell.angle_beta   90.00
_cell.angle_gamma   90.00
#
_symmetry.space_group_name_H-M   'P 1'
#
loop_
_entity.id
_entity.type
_entity.pdbx_description
1 polymer 'Histone H3'
2 polymer 'Histone H4'
3 polymer 'Histone H2A'
4 polymer 'Histone H2B 1.1'
5 polymer 'DNA (145-MER)'
6 polymer 'DNA (145-MER)'
7 polymer 'Retinoblastoma-binding protein 5'
8 polymer 'Histone-lysine N-methyltransferase 2A'
9 polymer 'WD repeat-containing protein 5'
10 polymer 'Set1/Ash2 histone methyltransferase complex subunit ASH2'
11 non-polymer S-ADENOSYL-L-HOMOCYSTEINE
12 non-polymer 'ZINC ION'
#
loop_
_entity_poly.entity_id
_entity_poly.type
_entity_poly.pdbx_seq_one_letter_code
_entity_poly.pdbx_strand_id
1 'polypeptide(L)'
;ARTKQTARKSTGGKAPRKQLATKAARKSAPATGGVKKPHRYRPGTVALREIRRYQKSTELLIRKLPFQRLVREIAQDFKT
DLRFQSSAVMALQEASEAYLVALFEDTNLCAIHAKRVTIMPKDIQLARRIRGERA
;
A,E
2 'polypeptide(L)'
;SGRGKGGKGLGKGGAKRHRKVLRDNIQGITKPAIRRLARRGGVKRISGLIYEETRGVLKVFLENVIRDAVTYTEHAKRKT
VTAMDVVYALKRQGRTLYGFGG
;
B,F
3 'polypeptide(L)'
;SGRGKQGGKTRAKAKTRSSRAGLQFPVGRVHRLLRKGNYAERVGAGAPVYLAAVLEYLTAEILELAGNAARDNKKTRIIP
RHLQLAVRNDEELNKLLGRVTIAQGGVLPNIQSVLLPKKTESSKSAKSK
;
C,G
4 'polypeptide(L)'
;AKSAPAPKKGSKKAVTKTQKKDGKKRRKTRKESYAIYVYKVLKQVHPDTGISSKAMSIMNSFVNDVFERIAGEASRLAHY
NKRSTITSREIQTAVRLLLPGELAKHAVSEGTKAVTCYTSAK
;
D,H
5 'polydeoxyribonucleotide'
;(DT)(DC)(DG)(DA)(DG)(DA)(DA)(DT)(DC)(DC)(DC)(DG)(DG)(DT)(DG)(DC)(DC)(DG)(DA)(DG)
(DG)(DC)(DC)(DG)(DC)(DT)(DC)(DA)(DA)(DT)(DT)(DG)(DG)(DT)(DC)(DG)(DT)(DA)(DG)(DA)
(DC)(DA)(DG)(DC)(DT)(DC)(DT)(DA)(DG)(DC)(DA)(DC)(DC)(DG)(DC)(DT)(DT)(DA)(DA)(DA)
(DC)(DG)(DC)(DA)(DC)(DG)(DT)(DA)(DC)(DG)(DC)(DG)(DC)(DT)(DG)(DT)(DC)(DC)(DC)(DC)
(DC)(DG)(DC)(DG)(DT)(DT)(DT)(DT)(DA)(DA)(DC)(DC)(DG)(DC)(DC)(DA)(DA)(DG)(DG)(DG)
(DG)(DA)(DT)(DT)(DA)(DC)(DT)(DC)(DC)(DC)(DT)(DA)(DG)(DT)(DC)(DT)(DC)(DC)(DA)(DG)
(DG)(DC)(DA)(DC)(DG)(DT)(DG)(DT)(DC)(DA)(DG)(DA)(DT)(DA)(DT)(DA)(DT)(DA)(DC)(DA)
(DT)(DC)(DC)(DG)(DA)
;
I
6 'polydeoxyribonucleotide'
;(DT)(DC)(DG)(DG)(DA)(DT)(DG)(DT)(DA)(DT)(DA)(DT)(DA)(DT)(DC)(DT)(DG)(DA)(DC)(DA)
(DC)(DG)(DT)(DG)(DC)(DC)(DT)(DG)(DG)(DA)(DG)(DA)(DC)(DT)(DA)(DG)(DG)(DG)(DA)(DG)
(DT)(DA)(DA)(DT)(DC)(DC)(DC)(DC)(DT)(DT)(DG)(DG)(DC)(DG)(DG)(DT)(DT)(DA)(DA)(DA)
(DA)(DC)(DG)(DC)(DG)(DG)(DG)(DG)(DG)(DA)(DC)(DA)(DG)(DC)(DG)(DC)(DG)(DT)(DA)(DC)
(DG)(DT)(DG)(DC)(DG)(DT)(DT)(DT)(DA)(DA)(DG)(DC)(DG)(DG)(DT)(DG)(DC)(DT)(DA)(DG)
(DA)(DG)(DC)(DT)(DG)(DT)(DC)(DT)(DA)(DC)(DG)(DA)(DC)(DC)(DA)(DA)(DT)(DT)(DG)(DA)
(DG)(DC)(DG)(DG)(DC)(DC)(DT)(DC)(DG)(DG)(DC)(DA)(DC)(DC)(DG)(DG)(DG)(DA)(DT)(DT)
(DC)(DT)(DC)(DG)(DA)
;
J
7 'polypeptide(L)'
;MNLELLESFGQNYPEEADGTLDCISMALTCTFNRWGTLLAVGCNDGRIVIWDFLTRGIAKIISAHIHPVCSLCWSRDGHK
LVSASTDNIVSQWDVLSGDCDQRFRFPSPILKVQYHPRDQNKVLVCPMKSAPVMLTLSDSKHVVLPVDDDSDLNVVASFD
RRGEYIYTGNAKGKILVLKTDSQDLVASFRVTTGTSNTTAIKSIEFARKGSCFLINTADRIIRVYDGREILTCGRDGEPE
PMQKLQDLVNRTPWKKCCFSGDGEYIVAGSARQHALYIWEKSIGNLVKILHGTRGELLLDVAWHPVRPIIASISSGVVSI
WAQNQVENWSAFAPDFKELDENVEYEERESEFDIEDEDKSEPEQTGADAAEDEEVDVTSVDPIAAFCSSDEELEDSKALL
YLPIAPEVEDPEENPYGPPPDAVQTSLMDEGASSEKKRQSSADGSQPPKKKPKTTNIELQGVPNDEVHPLLGVKGDGKSK
KKQAGRPKGSKGKEKDSPFKPKLYKGDRGLPLEGSAKGKVQAELSQPLTAGGAISELL
;
N
8 'polypeptide(L)'
;NEPPLNPHGSARAEVHLRKSAFDMFNFLASKHRQPPEYNPNDEEEEEVQLKSARRATSMDLPMPMRFRHLKKTSKEAVGV
YRSPIHGRGLFCKRNIDAGEMVIEYAGNVIRSIQTDKREKYYDSKGIGCYMFRIDDSEVVDATMHGNAARFINHSCEPNC
YSRVINIDGQKHIVIFAMRKIYRGEELTYDYKFPIEDASNKLPCNCGAKKCRKFLN
;
K
9 'polypeptide(L)'
;MATEEKKPETEAARAQPTPSSSATQSKPTPVKPNYALKFTLAGHTKAVSSVKFSPNGEWLASSSADKLIKIWGAYDGKFE
KTISGHKLGISDVAWSSDSNLLVSASDDKTLKIWDVSSGKCLKTLKGHSNYVFCCNFNPQSNLIVSGSFDESVRIWDVKT
GKCLKTLPAHSDPVSAVHFNRDGSLIVSSSYDGLCRIWDTASGQCLKTLIDDDNPPVSFVKFSPNGKYILAATLDNTLKL
WDYSKGKCLKTYTGHKNEKYCIFANFSVTGGKWIVSGSEDNLVYIWNLQTKEIVQKLQGHTDVVISTACHPTENIIASAA
LENDKTIKLWKSDC
;
R
10 'polypeptide(L)'
;MDTQAGSVDEENGRQLGEVELQCGICTKWFTADTFGIDTSSCLPFMTNYSFHCNVCHHSGNTYFLRKQANLKEMCLSALA
NLTWQSRTQDEHPKTMFSKDKDIIPFIDKYWECMTTRQRPGKMTWPNNIVKTMSKERDVFLVKEHPDPGSKDPEEDYPKF
GLLDQDLSNIGPAYDNQKQSSAVSTSGNLNGGIAAGSSGKGRGAKRKQQDGGTTGTTKKARSDPLFSAQRLPPHGYPLEH
PFNKDGYRYILAEPDPHAPDPEKLELDCWAGKPIPGDLYRACLYERVLLALHDRAPQLKISDDRLTVVGEKGYSMVRASH
GVRKGAWYFEITVDEMPPDTAARLGWSQPLGNLQAPLGYDKFSYSWRSKKGTKFHQSIGKHYSSGYGQGDVLGFYINLPE
DTETAKSLPDTYKDKALIKFKSYLYFEEKDFVDKAEKSLKQTPHSEIIFYKNGVNQGVAYKDIFEGVYFPAISLYKSCTV
SINFGPCFKYPPKDLTYRPMSDMGWGAVVEHTLADVLYHVETEVDGRRSPPWEP
;
T
#
loop_
_chem_comp.id
_chem_comp.type
_chem_comp.name
_chem_comp.formula
DA DNA linking 2'-DEOXYADENOSINE-5'-MONOPHOSPHATE 'C10 H14 N5 O6 P'
DC DNA linking 2'-DEOXYCYTIDINE-5'-MONOPHOSPHATE 'C9 H14 N3 O7 P'
DG DNA linking 2'-DEOXYGUANOSINE-5'-MONOPHOSPHATE 'C10 H14 N5 O7 P'
DT DNA linking THYMIDINE-5'-MONOPHOSPHATE 'C10 H15 N2 O8 P'
ZN non-polymer 'ZINC ION' 'Zn 2'
#
# COMPACT_ATOMS: atom_id res chain seq x y z
N PRO A 38 -48.10 2.75 -12.49
CA PRO A 38 -47.09 2.26 -13.43
C PRO A 38 -46.57 3.37 -14.33
N HIS A 39 -46.99 4.60 -14.05
CA HIS A 39 -46.57 5.75 -14.84
C HIS A 39 -45.13 6.11 -14.51
N ARG A 40 -44.25 6.01 -15.49
CA ARG A 40 -42.86 6.42 -15.33
C ARG A 40 -42.42 7.24 -16.53
N TYR A 41 -41.68 8.29 -16.26
CA TYR A 41 -41.15 9.12 -17.34
C TYR A 41 -39.94 8.47 -17.97
N ARG A 42 -39.60 8.93 -19.16
CA ARG A 42 -38.36 8.54 -19.80
C ARG A 42 -37.21 9.28 -19.11
N PRO A 43 -35.99 8.73 -19.17
CA PRO A 43 -34.88 9.38 -18.46
C PRO A 43 -34.44 10.69 -19.10
N GLY A 44 -34.31 11.72 -18.27
CA GLY A 44 -33.80 13.01 -18.68
C GLY A 44 -34.79 14.15 -18.54
N THR A 45 -36.08 13.84 -18.60
CA THR A 45 -37.12 14.86 -18.59
C THR A 45 -37.19 15.57 -17.24
N VAL A 46 -37.13 14.79 -16.16
CA VAL A 46 -37.13 15.35 -14.83
C VAL A 46 -35.86 16.14 -14.59
N ALA A 47 -34.75 15.71 -15.19
CA ALA A 47 -33.51 16.46 -15.12
C ALA A 47 -33.64 17.82 -15.81
N LEU A 48 -34.35 17.86 -16.94
CA LEU A 48 -34.50 19.13 -17.64
C LEU A 48 -35.39 20.10 -16.86
N ARG A 49 -36.47 19.60 -16.26
CA ARG A 49 -37.29 20.52 -15.49
C ARG A 49 -36.62 20.93 -14.18
N GLU A 50 -35.75 20.07 -13.63
CA GLU A 50 -34.88 20.49 -12.55
C GLU A 50 -33.98 21.64 -12.96
N ILE A 51 -33.36 21.52 -14.14
CA ILE A 51 -32.47 22.58 -14.63
C ILE A 51 -33.23 23.88 -14.78
N ARG A 52 -34.46 23.81 -15.29
CA ARG A 52 -35.28 24.99 -15.45
C ARG A 52 -35.58 25.67 -14.12
N ARG A 53 -36.04 24.90 -13.13
CA ARG A 53 -36.46 25.58 -11.92
C ARG A 53 -35.27 25.98 -11.04
N TYR A 54 -34.14 25.25 -11.13
CA TYR A 54 -33.00 25.71 -10.35
C TYR A 54 -32.29 26.89 -10.98
N GLN A 55 -32.31 27.02 -12.31
CA GLN A 55 -31.84 28.28 -12.86
C GLN A 55 -32.83 29.41 -12.63
N LYS A 56 -34.10 29.08 -12.40
CA LYS A 56 -35.05 30.13 -12.07
C LYS A 56 -34.83 30.67 -10.67
N SER A 57 -34.68 29.78 -9.69
CA SER A 57 -34.64 30.24 -8.31
C SER A 57 -33.25 30.75 -7.92
N THR A 58 -33.21 31.54 -6.85
CA THR A 58 -31.96 32.04 -6.27
C THR A 58 -32.02 31.86 -4.76
N GLU A 59 -31.24 30.93 -4.24
CA GLU A 59 -31.10 30.73 -2.80
C GLU A 59 -29.83 29.94 -2.56
N LEU A 60 -29.59 29.57 -1.30
CA LEU A 60 -28.49 28.68 -0.98
C LEU A 60 -28.92 27.23 -1.19
N LEU A 61 -27.92 26.38 -1.39
CA LEU A 61 -28.17 24.99 -1.75
C LEU A 61 -27.49 24.00 -0.81
N ILE A 62 -26.77 24.46 0.19
CA ILE A 62 -26.06 23.61 1.13
C ILE A 62 -26.56 23.91 2.53
N ARG A 63 -26.82 22.87 3.31
CA ARG A 63 -27.24 23.04 4.69
C ARG A 63 -26.15 23.73 5.50
N LYS A 64 -26.57 24.62 6.38
CA LYS A 64 -25.63 25.60 6.92
C LYS A 64 -24.74 25.03 8.02
N LEU A 65 -25.30 24.17 8.86
CA LEU A 65 -24.50 23.57 9.93
C LEU A 65 -23.35 22.68 9.47
N PRO A 66 -23.47 21.79 8.47
CA PRO A 66 -22.27 21.05 8.05
C PRO A 66 -21.21 21.92 7.42
N PHE A 67 -21.63 22.94 6.69
CA PHE A 67 -20.66 23.88 6.12
C PHE A 67 -19.96 24.65 7.21
N GLN A 68 -20.70 25.03 8.26
CA GLN A 68 -20.13 25.76 9.38
C GLN A 68 -19.12 24.90 10.13
N ARG A 69 -19.45 23.63 10.34
CA ARG A 69 -18.52 22.75 11.02
C ARG A 69 -17.28 22.47 10.19
N LEU A 70 -17.44 22.43 8.86
CA LEU A 70 -16.28 22.28 7.98
C LEU A 70 -15.36 23.50 8.07
N VAL A 71 -15.95 24.69 8.11
CA VAL A 71 -15.16 25.92 8.22
C VAL A 71 -14.39 25.94 9.52
N ARG A 72 -15.06 25.60 10.63
CA ARG A 72 -14.37 25.57 11.92
C ARG A 72 -13.30 24.51 11.97
N GLU A 73 -13.54 23.37 11.30
CA GLU A 73 -12.57 22.29 11.23
C GLU A 73 -11.28 22.74 10.58
N ILE A 74 -11.36 23.28 9.37
CA ILE A 74 -10.11 23.66 8.72
C ILE A 74 -9.59 25.00 9.20
N ALA A 75 -10.37 25.73 9.98
CA ALA A 75 -9.85 26.91 10.65
C ALA A 75 -9.07 26.57 11.90
N GLN A 76 -9.31 25.37 12.46
CA GLN A 76 -8.67 24.99 13.72
C GLN A 76 -7.16 24.90 13.60
N ASP A 77 -6.63 24.61 12.42
CA ASP A 77 -5.24 24.22 12.32
C ASP A 77 -4.30 25.41 12.31
N PHE A 78 -4.71 26.52 11.70
CA PHE A 78 -3.82 27.66 11.61
C PHE A 78 -3.75 28.43 12.91
N LYS A 79 -4.77 28.32 13.75
CA LYS A 79 -4.84 28.99 15.03
C LYS A 79 -5.99 28.35 15.80
N THR A 80 -5.77 28.15 17.10
CA THR A 80 -6.83 27.61 17.93
C THR A 80 -7.65 28.73 18.54
N ASP A 81 -8.88 28.38 18.93
CA ASP A 81 -9.80 29.22 19.70
C ASP A 81 -10.13 30.52 18.96
N LEU A 82 -10.82 30.35 17.85
CA LEU A 82 -11.33 31.48 17.09
C LEU A 82 -12.83 31.56 17.20
N ARG A 83 -13.35 32.75 16.92
CA ARG A 83 -14.78 32.99 16.93
C ARG A 83 -15.18 33.58 15.59
N PHE A 84 -16.46 33.47 15.27
CA PHE A 84 -16.93 33.85 13.95
C PHE A 84 -18.22 34.63 14.05
N GLN A 85 -18.25 35.79 13.42
CA GLN A 85 -19.52 36.40 13.08
C GLN A 85 -20.17 35.55 11.99
N SER A 86 -21.50 35.43 12.06
CA SER A 86 -22.21 34.55 11.14
C SER A 86 -22.15 35.04 9.71
N SER A 87 -22.07 36.37 9.55
CA SER A 87 -21.99 36.97 8.23
C SER A 87 -20.75 36.52 7.46
N ALA A 88 -19.65 36.28 8.16
CA ALA A 88 -18.44 35.79 7.49
C ALA A 88 -18.65 34.40 6.93
N VAL A 89 -19.36 33.55 7.68
CA VAL A 89 -19.67 32.20 7.20
C VAL A 89 -20.58 32.27 5.99
N MET A 90 -21.55 33.19 6.01
CA MET A 90 -22.43 33.37 4.86
C MET A 90 -21.66 33.83 3.64
N ALA A 91 -20.70 34.74 3.83
CA ALA A 91 -19.88 35.24 2.73
C ALA A 91 -19.06 34.13 2.11
N LEU A 92 -18.47 33.28 2.95
CA LEU A 92 -17.70 32.15 2.45
C LEU A 92 -18.58 31.20 1.65
N GLN A 93 -19.80 30.97 2.12
CA GLN A 93 -20.71 30.07 1.41
C GLN A 93 -21.09 30.62 0.05
N GLU A 94 -21.33 31.94 -0.02
CA GLU A 94 -21.67 32.58 -1.29
C GLU A 94 -20.53 32.46 -2.29
N ALA A 95 -19.31 32.80 -1.86
CA ALA A 95 -18.18 32.81 -2.78
C ALA A 95 -17.85 31.41 -3.29
N SER A 96 -17.92 30.42 -2.39
CA SER A 96 -17.60 29.06 -2.79
C SER A 96 -18.64 28.50 -3.76
N GLU A 97 -19.92 28.82 -3.52
CA GLU A 97 -20.96 28.31 -4.40
C GLU A 97 -20.88 28.93 -5.79
N ALA A 98 -20.57 30.24 -5.86
CA ALA A 98 -20.42 30.88 -7.16
C ALA A 98 -19.24 30.32 -7.93
N TYR A 99 -18.14 30.05 -7.22
CA TYR A 99 -16.95 29.48 -7.85
C TYR A 99 -17.23 28.10 -8.43
N LEU A 100 -17.96 27.28 -7.68
CA LEU A 100 -18.28 25.94 -8.17
C LEU A 100 -19.19 25.97 -9.38
N VAL A 101 -20.15 26.90 -9.41
CA VAL A 101 -21.06 26.99 -10.54
C VAL A 101 -20.32 27.38 -11.81
N ALA A 102 -19.38 28.34 -11.71
CA ALA A 102 -18.58 28.71 -12.87
C ALA A 102 -17.72 27.55 -13.36
N LEU A 103 -17.19 26.77 -12.42
CA LEU A 103 -16.39 25.61 -12.79
C LEU A 103 -17.22 24.57 -13.54
N PHE A 104 -18.47 24.34 -13.09
CA PHE A 104 -19.31 23.37 -13.78
C PHE A 104 -19.68 23.83 -15.18
N GLU A 105 -19.89 25.13 -15.37
CA GLU A 105 -20.22 25.63 -16.71
C GLU A 105 -19.09 25.39 -17.69
N ASP A 106 -17.85 25.68 -17.28
CA ASP A 106 -16.73 25.47 -18.20
C ASP A 106 -16.48 23.98 -18.43
N THR A 107 -16.71 23.16 -17.40
CA THR A 107 -16.57 21.71 -17.56
C THR A 107 -17.59 21.17 -18.56
N ASN A 108 -18.80 21.69 -18.53
CA ASN A 108 -19.83 21.23 -19.45
C ASN A 108 -19.50 21.62 -20.88
N LEU A 109 -18.92 22.80 -21.06
CA LEU A 109 -18.45 23.17 -22.40
C LEU A 109 -17.39 22.21 -22.92
N CYS A 110 -16.46 21.81 -22.04
CA CYS A 110 -15.43 20.85 -22.43
C CYS A 110 -16.04 19.50 -22.83
N ALA A 111 -16.99 19.02 -22.04
CA ALA A 111 -17.59 17.72 -22.31
C ALA A 111 -18.44 17.73 -23.56
N ILE A 112 -19.06 18.86 -23.89
CA ILE A 112 -19.77 18.97 -25.16
C ILE A 112 -18.78 18.96 -26.31
N HIS A 113 -17.64 19.63 -26.16
CA HIS A 113 -16.64 19.62 -27.22
C HIS A 113 -16.07 18.23 -27.46
N ALA A 114 -15.99 17.40 -26.43
CA ALA A 114 -15.48 16.06 -26.65
C ALA A 114 -16.52 15.08 -27.18
N LYS A 115 -17.69 15.57 -27.62
CA LYS A 115 -18.78 14.79 -28.20
C LYS A 115 -19.29 13.71 -27.24
N ARG A 116 -19.59 14.13 -26.02
CA ARG A 116 -20.26 13.27 -25.07
C ARG A 116 -21.38 14.05 -24.41
N VAL A 117 -22.04 13.44 -23.44
CA VAL A 117 -23.07 14.10 -22.66
C VAL A 117 -22.62 14.07 -21.21
N THR A 118 -21.84 13.04 -20.87
CA THR A 118 -21.47 12.78 -19.50
C THR A 118 -20.15 13.48 -19.19
N ILE A 119 -19.99 13.89 -17.92
CA ILE A 119 -18.84 14.66 -17.46
C ILE A 119 -17.85 13.74 -16.76
N MET A 120 -16.56 13.93 -17.06
CA MET A 120 -15.48 13.13 -16.52
C MET A 120 -14.49 13.97 -15.73
N PRO A 121 -13.79 13.37 -14.75
CA PRO A 121 -12.79 14.14 -13.99
C PRO A 121 -11.62 14.60 -14.81
N LYS A 122 -11.31 13.94 -15.93
CA LYS A 122 -10.27 14.48 -16.80
C LYS A 122 -10.72 15.77 -17.46
N ASP A 123 -12.02 15.96 -17.66
CA ASP A 123 -12.52 17.22 -18.17
C ASP A 123 -12.35 18.33 -17.13
N ILE A 124 -12.58 17.99 -15.87
CA ILE A 124 -12.35 18.96 -14.79
C ILE A 124 -10.88 19.34 -14.72
N GLN A 125 -9.99 18.34 -14.85
CA GLN A 125 -8.56 18.60 -14.83
C GLN A 125 -8.14 19.47 -16.01
N LEU A 126 -8.76 19.25 -17.16
CA LEU A 126 -8.45 20.06 -18.33
C LEU A 126 -8.88 21.51 -18.13
N ALA A 127 -10.05 21.72 -17.53
CA ALA A 127 -10.53 23.08 -17.31
C ALA A 127 -9.63 23.82 -16.32
N ARG A 128 -9.24 23.15 -15.24
CA ARG A 128 -8.35 23.82 -14.29
C ARG A 128 -6.94 23.97 -14.84
N ARG A 129 -6.56 23.16 -15.82
CA ARG A 129 -5.29 23.36 -16.49
C ARG A 129 -5.31 24.61 -17.37
N ILE A 130 -6.35 24.74 -18.19
CA ILE A 130 -6.38 25.81 -19.19
C ILE A 130 -6.62 27.15 -18.53
N ARG A 131 -7.41 27.18 -17.46
CA ARG A 131 -7.73 28.44 -16.77
C ARG A 131 -6.49 29.09 -16.17
N GLY A 132 -5.47 28.30 -15.87
CA GLY A 132 -4.24 28.83 -15.35
C GLY A 132 -4.15 28.84 -13.85
N GLU A 133 -5.07 28.17 -13.17
CA GLU A 133 -4.97 28.01 -11.73
C GLU A 133 -3.90 27.01 -11.32
N ARG A 134 -3.41 26.21 -12.25
CA ARG A 134 -2.54 25.10 -11.91
C ARG A 134 -1.69 24.67 -13.10
N LYS B 20 -13.58 19.14 23.09
CA LYS B 20 -14.31 19.72 21.96
C LYS B 20 -13.40 19.86 20.75
N VAL B 21 -13.03 18.76 20.12
CA VAL B 21 -12.16 18.77 18.96
C VAL B 21 -12.91 18.16 17.78
N LEU B 22 -13.06 18.94 16.72
CA LEU B 22 -13.69 18.47 15.50
C LEU B 22 -12.64 17.88 14.57
N ARG B 23 -13.01 16.83 13.87
CA ARG B 23 -12.03 16.17 13.00
C ARG B 23 -12.62 15.72 11.66
N ASP B 24 -13.89 16.02 11.38
CA ASP B 24 -14.57 15.50 10.21
C ASP B 24 -15.60 16.53 9.75
N ASN B 25 -16.57 16.06 8.95
CA ASN B 25 -17.63 16.72 8.20
C ASN B 25 -17.16 17.28 6.86
N ILE B 26 -15.96 16.94 6.40
CA ILE B 26 -15.68 17.12 4.97
C ILE B 26 -16.60 16.23 4.15
N GLN B 27 -16.93 15.05 4.65
CA GLN B 27 -17.94 14.21 4.05
C GLN B 27 -19.34 14.75 4.27
N GLY B 28 -19.51 15.74 5.16
CA GLY B 28 -20.80 16.34 5.43
C GLY B 28 -21.43 17.04 4.25
N ILE B 29 -20.63 17.44 3.27
CA ILE B 29 -21.18 17.83 1.96
C ILE B 29 -21.77 16.58 1.33
N THR B 30 -23.09 16.57 1.17
CA THR B 30 -23.76 15.37 0.71
C THR B 30 -23.55 15.18 -0.78
N LYS B 31 -23.93 14.01 -1.25
CA LYS B 31 -23.97 13.78 -2.69
C LYS B 31 -25.05 14.58 -3.41
N PRO B 32 -26.34 14.61 -2.99
CA PRO B 32 -27.32 15.34 -3.80
C PRO B 32 -27.17 16.85 -3.80
N ALA B 33 -26.39 17.43 -2.88
CA ALA B 33 -26.14 18.85 -2.95
C ALA B 33 -25.27 19.21 -4.14
N ILE B 34 -24.25 18.40 -4.41
CA ILE B 34 -23.41 18.59 -5.58
C ILE B 34 -24.21 18.38 -6.85
N ARG B 35 -25.19 17.48 -6.80
CA ARG B 35 -26.10 17.31 -7.91
C ARG B 35 -26.89 18.57 -8.19
N ARG B 36 -27.38 19.25 -7.15
CA ARG B 36 -28.16 20.46 -7.36
C ARG B 36 -27.28 21.61 -7.83
N LEU B 37 -26.03 21.66 -7.39
CA LEU B 37 -25.10 22.66 -7.94
C LEU B 37 -24.83 22.41 -9.41
N ALA B 38 -24.73 21.14 -9.80
CA ALA B 38 -24.58 20.83 -11.22
C ALA B 38 -25.84 21.18 -12.01
N ARG B 39 -27.02 21.03 -11.40
CA ARG B 39 -28.24 21.38 -12.12
C ARG B 39 -28.36 22.87 -12.32
N ARG B 40 -27.99 23.67 -11.32
CA ARG B 40 -27.93 25.11 -11.53
C ARG B 40 -26.84 25.46 -12.55
N GLY B 41 -25.78 24.66 -12.61
CA GLY B 41 -24.76 24.89 -13.61
C GLY B 41 -25.17 24.54 -15.01
N GLY B 42 -26.24 23.76 -15.18
CA GLY B 42 -26.66 23.39 -16.51
C GLY B 42 -26.07 22.09 -17.01
N VAL B 43 -26.23 21.03 -16.23
CA VAL B 43 -25.60 19.74 -16.47
C VAL B 43 -26.68 18.69 -16.62
N LYS B 44 -26.59 17.89 -17.68
CA LYS B 44 -27.58 16.86 -17.93
C LYS B 44 -27.24 15.53 -17.27
N ARG B 45 -26.00 15.09 -17.33
CA ARG B 45 -25.68 13.70 -17.01
C ARG B 45 -24.32 13.62 -16.34
N ILE B 46 -24.30 13.04 -15.15
CA ILE B 46 -23.14 13.07 -14.28
C ILE B 46 -22.57 11.67 -14.16
N SER B 47 -21.25 11.55 -14.12
CA SER B 47 -20.61 10.28 -13.81
C SER B 47 -20.65 10.03 -12.30
N GLY B 48 -19.93 9.01 -11.86
CA GLY B 48 -19.92 8.70 -10.44
C GLY B 48 -18.64 9.14 -9.77
N LEU B 49 -17.59 9.29 -10.56
CA LEU B 49 -16.26 9.58 -10.04
C LEU B 49 -16.05 11.05 -9.73
N ILE B 50 -17.08 11.88 -9.85
CA ILE B 50 -16.89 13.31 -9.82
C ILE B 50 -16.75 13.82 -8.40
N TYR B 51 -17.29 13.08 -7.43
CA TYR B 51 -17.63 13.69 -6.15
C TYR B 51 -16.39 13.94 -5.29
N GLU B 52 -15.49 12.98 -5.22
CA GLU B 52 -14.31 13.21 -4.39
C GLU B 52 -13.35 14.17 -5.04
N GLU B 53 -13.33 14.19 -6.38
CA GLU B 53 -12.65 15.23 -7.12
C GLU B 53 -13.17 16.61 -6.74
N THR B 54 -14.49 16.75 -6.66
CA THR B 54 -15.10 18.03 -6.36
C THR B 54 -14.83 18.44 -4.92
N ARG B 55 -14.85 17.48 -4.00
CA ARG B 55 -14.54 17.79 -2.61
C ARG B 55 -13.09 18.23 -2.45
N GLY B 56 -12.18 17.60 -3.20
CA GLY B 56 -10.80 18.04 -3.17
C GLY B 56 -10.61 19.45 -3.70
N VAL B 57 -11.29 19.77 -4.81
CA VAL B 57 -11.24 21.11 -5.39
C VAL B 57 -11.78 22.16 -4.43
N LEU B 58 -12.87 21.82 -3.75
CA LEU B 58 -13.47 22.74 -2.79
C LEU B 58 -12.56 23.03 -1.61
N LYS B 59 -11.93 21.99 -1.06
CA LYS B 59 -11.08 22.20 0.10
C LYS B 59 -9.81 22.97 -0.26
N VAL B 60 -9.22 22.66 -1.41
CA VAL B 60 -8.08 23.41 -1.92
C VAL B 60 -8.44 24.87 -2.14
N PHE B 61 -9.69 25.14 -2.55
CA PHE B 61 -10.12 26.53 -2.66
C PHE B 61 -10.20 27.22 -1.31
N LEU B 62 -10.81 26.56 -0.32
CA LEU B 62 -11.09 27.24 0.94
C LEU B 62 -9.84 27.55 1.76
N GLU B 63 -8.80 26.71 1.61
CA GLU B 63 -7.63 26.84 2.47
C GLU B 63 -6.94 28.20 2.34
N ASN B 64 -6.88 28.74 1.12
CA ASN B 64 -6.16 29.98 0.88
C ASN B 64 -6.86 31.16 1.52
N VAL B 65 -8.18 31.23 1.34
CA VAL B 65 -8.97 32.32 1.89
C VAL B 65 -8.94 32.28 3.41
N ILE B 66 -8.96 31.07 3.99
CA ILE B 66 -8.90 30.98 5.44
C ILE B 66 -7.55 31.44 5.96
N ARG B 67 -6.46 31.09 5.26
CA ARG B 67 -5.14 31.59 5.64
C ARG B 67 -5.07 33.10 5.64
N ASP B 68 -5.65 33.72 4.61
CA ASP B 68 -5.51 35.16 4.50
C ASP B 68 -6.39 35.89 5.52
N ALA B 69 -7.58 35.37 5.80
CA ALA B 69 -8.43 36.00 6.79
C ALA B 69 -7.84 35.86 8.20
N VAL B 70 -7.25 34.71 8.49
CA VAL B 70 -6.56 34.52 9.75
C VAL B 70 -5.39 35.47 9.87
N THR B 71 -4.66 35.70 8.78
CA THR B 71 -3.53 36.62 8.81
C THR B 71 -3.96 38.05 9.11
N TYR B 72 -5.05 38.50 8.48
CA TYR B 72 -5.58 39.83 8.81
C TYR B 72 -6.00 39.93 10.26
N THR B 73 -6.69 38.92 10.77
CA THR B 73 -7.17 38.98 12.15
C THR B 73 -6.02 38.97 13.14
N GLU B 74 -5.01 38.15 12.89
CA GLU B 74 -3.85 38.10 13.76
C GLU B 74 -3.08 39.41 13.75
N HIS B 75 -3.01 40.08 12.59
CA HIS B 75 -2.37 41.38 12.58
C HIS B 75 -3.19 42.41 13.33
N ALA B 76 -4.51 42.30 13.28
CA ALA B 76 -5.34 43.29 13.95
C ALA B 76 -5.39 43.13 15.46
N LYS B 77 -4.81 42.05 16.00
CA LYS B 77 -4.82 41.71 17.43
C LYS B 77 -6.24 41.62 17.98
N ARG B 78 -7.01 40.71 17.40
CA ARG B 78 -8.30 40.33 17.94
C ARG B 78 -8.41 38.81 17.93
N LYS B 79 -9.58 38.31 18.32
CA LYS B 79 -9.82 36.88 18.40
C LYS B 79 -10.99 36.42 17.54
N THR B 80 -11.91 37.30 17.19
CA THR B 80 -13.05 36.97 16.35
C THR B 80 -12.73 37.32 14.91
N VAL B 81 -13.47 36.72 13.98
CA VAL B 81 -13.29 36.94 12.56
C VAL B 81 -14.51 37.69 12.05
N THR B 82 -14.28 38.86 11.48
CA THR B 82 -15.39 39.66 10.97
C THR B 82 -15.62 39.34 9.50
N ALA B 83 -16.55 40.05 8.89
CA ALA B 83 -16.82 39.85 7.47
C ALA B 83 -15.86 40.63 6.59
N MET B 84 -15.40 41.78 7.07
CA MET B 84 -14.51 42.63 6.28
C MET B 84 -13.20 41.93 5.97
N ASP B 85 -12.72 41.10 6.88
CA ASP B 85 -11.49 40.36 6.65
C ASP B 85 -11.67 39.36 5.52
N VAL B 86 -12.82 38.71 5.48
CA VAL B 86 -13.16 37.79 4.39
C VAL B 86 -13.24 38.55 3.08
N VAL B 87 -13.80 39.75 3.12
CA VAL B 87 -13.94 40.58 1.93
C VAL B 87 -12.57 40.98 1.38
N TYR B 88 -11.65 41.37 2.26
CA TYR B 88 -10.34 41.75 1.77
C TYR B 88 -9.56 40.55 1.25
N ALA B 89 -9.73 39.40 1.90
CA ALA B 89 -9.04 38.20 1.43
C ALA B 89 -9.55 37.77 0.07
N LEU B 90 -10.85 37.93 -0.18
CA LEU B 90 -11.37 37.66 -1.52
C LEU B 90 -10.87 38.70 -2.51
N LYS B 91 -10.76 39.95 -2.07
CA LYS B 91 -10.34 41.05 -2.93
C LYS B 91 -8.92 40.85 -3.44
N ARG B 92 -8.05 40.26 -2.63
CA ARG B 92 -6.72 39.95 -3.13
C ARG B 92 -6.73 38.86 -4.18
N GLN B 93 -7.70 37.97 -4.15
CA GLN B 93 -7.71 36.87 -5.10
C GLN B 93 -8.14 37.27 -6.49
N GLY B 94 -8.66 38.49 -6.66
CA GLY B 94 -9.26 38.88 -7.91
C GLY B 94 -10.76 38.65 -7.96
N ARG B 95 -11.30 37.89 -7.03
CA ARG B 95 -12.73 37.61 -6.97
C ARG B 95 -13.35 38.55 -5.95
N THR B 96 -13.99 39.60 -6.43
CA THR B 96 -14.51 40.66 -5.58
C THR B 96 -15.99 40.42 -5.31
N LEU B 97 -16.41 40.63 -4.08
CA LEU B 97 -17.77 40.37 -3.64
C LEU B 97 -18.43 41.67 -3.19
N TYR B 98 -19.66 41.90 -3.63
CA TYR B 98 -20.42 43.06 -3.20
C TYR B 98 -21.50 42.63 -2.23
N GLY B 99 -21.85 43.53 -1.32
CA GLY B 99 -23.01 43.39 -0.51
C GLY B 99 -22.80 43.09 0.94
N PHE B 100 -21.64 43.40 1.50
CA PHE B 100 -21.40 43.13 2.90
C PHE B 100 -20.69 44.25 3.64
N GLY B 101 -20.46 45.39 3.00
CA GLY B 101 -19.80 46.49 3.66
C GLY B 101 -18.36 46.65 3.20
N ARG C 11 29.57 64.10 14.57
CA ARG C 11 30.88 64.67 14.29
C ARG C 11 31.90 63.56 14.07
N ALA C 12 31.53 62.35 14.46
CA ALA C 12 32.40 61.20 14.33
C ALA C 12 32.33 60.67 12.89
N LYS C 13 33.00 59.56 12.63
CA LYS C 13 32.96 58.95 11.31
C LYS C 13 31.59 58.29 11.09
N ALA C 14 31.03 58.52 9.92
CA ALA C 14 29.68 58.07 9.61
C ALA C 14 29.69 56.58 9.33
N LYS C 15 29.04 55.80 10.19
CA LYS C 15 28.80 54.40 9.91
C LYS C 15 27.59 54.29 9.00
N THR C 16 27.80 53.77 7.78
CA THR C 16 26.68 53.51 6.89
C THR C 16 25.83 52.40 7.50
N ARG C 17 24.51 52.61 7.47
CA ARG C 17 23.62 51.72 8.19
C ARG C 17 23.51 50.36 7.52
N SER C 18 23.85 50.27 6.24
CA SER C 18 23.97 48.96 5.60
C SER C 18 25.10 48.17 6.24
N SER C 19 26.22 48.84 6.56
CA SER C 19 27.31 48.17 7.25
C SER C 19 26.99 47.92 8.70
N ARG C 20 26.13 48.75 9.30
CA ARG C 20 25.74 48.54 10.68
C ARG C 20 24.90 47.29 10.84
N ALA C 21 24.15 46.93 9.80
CA ALA C 21 23.50 45.63 9.76
C ALA C 21 24.27 44.63 8.92
N GLY C 22 25.34 45.05 8.25
CA GLY C 22 26.17 44.12 7.51
C GLY C 22 25.57 43.58 6.24
N LEU C 23 24.61 44.30 5.65
CA LEU C 23 23.96 43.85 4.44
C LEU C 23 24.69 44.39 3.21
N GLN C 24 24.06 44.26 2.05
CA GLN C 24 24.63 44.75 0.81
C GLN C 24 23.79 45.81 0.13
N PHE C 25 22.47 45.67 0.13
CA PHE C 25 21.63 46.67 -0.49
C PHE C 25 21.59 47.93 0.36
N PRO C 26 21.59 49.12 -0.26
CA PRO C 26 21.65 50.35 0.52
C PRO C 26 20.33 50.63 1.20
N VAL C 27 20.41 51.34 2.32
CA VAL C 27 19.22 51.60 3.12
C VAL C 27 18.75 53.04 3.00
N GLY C 28 19.67 54.00 2.87
CA GLY C 28 19.26 55.39 2.70
C GLY C 28 18.50 55.63 1.41
N ARG C 29 18.85 54.91 0.35
CA ARG C 29 18.12 55.00 -0.90
C ARG C 29 16.70 54.48 -0.75
N VAL C 30 16.54 53.37 -0.05
CA VAL C 30 15.21 52.79 0.16
C VAL C 30 14.38 53.69 1.06
N HIS C 31 15.00 54.26 2.09
CA HIS C 31 14.28 55.16 2.98
C HIS C 31 13.90 56.46 2.28
N ARG C 32 14.67 56.85 1.27
CA ARG C 32 14.27 57.97 0.44
C ARG C 32 13.06 57.59 -0.41
N LEU C 33 13.12 56.43 -1.06
CA LEU C 33 12.06 56.04 -1.98
C LEU C 33 10.76 55.73 -1.28
N LEU C 34 10.79 55.35 -0.01
CA LEU C 34 9.54 55.13 0.71
C LEU C 34 8.84 56.45 0.99
N ARG C 35 9.59 57.50 1.27
CA ARG C 35 8.94 58.78 1.52
C ARG C 35 8.55 59.48 0.24
N LYS C 36 9.29 59.27 -0.85
CA LYS C 36 8.90 59.89 -2.11
C LYS C 36 7.68 59.23 -2.71
N GLY C 37 7.49 57.94 -2.48
CA GLY C 37 6.46 57.22 -3.19
C GLY C 37 5.04 57.41 -2.71
N ASN C 38 4.85 58.20 -1.66
CA ASN C 38 3.53 58.58 -1.13
C ASN C 38 2.72 57.35 -0.73
N TYR C 39 3.33 56.50 0.10
CA TYR C 39 2.63 55.31 0.55
C TYR C 39 1.88 55.56 1.85
N ALA C 40 2.50 56.25 2.78
CA ALA C 40 1.84 56.70 3.99
C ALA C 40 2.46 58.01 4.40
N GLU C 41 2.18 58.44 5.64
CA GLU C 41 2.70 59.71 6.10
C GLU C 41 4.03 59.53 6.84
N ARG C 42 4.01 58.74 7.90
CA ARG C 42 5.17 58.60 8.76
C ARG C 42 5.79 57.22 8.55
N VAL C 43 7.12 57.16 8.62
CA VAL C 43 7.86 55.96 8.30
C VAL C 43 8.62 55.52 9.54
N GLY C 44 8.52 54.24 9.87
CA GLY C 44 9.25 53.69 11.00
C GLY C 44 10.75 53.59 10.72
N ALA C 45 11.43 53.00 11.69
CA ALA C 45 12.90 52.99 11.65
C ALA C 45 13.46 51.74 10.98
N GLY C 46 13.13 50.57 11.51
CA GLY C 46 13.74 49.35 11.01
C GLY C 46 13.12 48.75 9.78
N ALA C 47 12.03 49.34 9.31
CA ALA C 47 11.33 48.84 8.13
C ALA C 47 12.17 48.82 6.85
N PRO C 48 12.94 49.85 6.48
CA PRO C 48 13.79 49.67 5.30
C PRO C 48 14.90 48.66 5.48
N VAL C 49 15.37 48.46 6.71
CA VAL C 49 16.37 47.43 6.99
C VAL C 49 15.81 46.06 6.69
N TYR C 50 14.62 45.79 7.23
CA TYR C 50 13.90 44.55 7.01
C TYR C 50 13.67 44.30 5.53
N LEU C 51 13.25 45.34 4.82
CA LEU C 51 12.92 45.20 3.40
C LEU C 51 14.17 44.94 2.55
N ALA C 52 15.27 45.64 2.84
CA ALA C 52 16.50 45.45 2.09
C ALA C 52 17.05 44.06 2.31
N ALA C 53 16.89 43.53 3.52
CA ALA C 53 17.29 42.15 3.79
C ALA C 53 16.49 41.16 2.94
N VAL C 54 15.17 41.40 2.83
CA VAL C 54 14.31 40.52 2.04
C VAL C 54 14.74 40.52 0.57
N LEU C 55 15.01 41.70 0.03
CA LEU C 55 15.39 41.80 -1.38
C LEU C 55 16.74 41.15 -1.65
N GLU C 56 17.67 41.30 -0.72
CA GLU C 56 18.98 40.66 -0.85
C GLU C 56 18.88 39.15 -0.87
N TYR C 57 17.99 38.61 -0.02
CA TYR C 57 17.78 37.17 0.02
C TYR C 57 17.22 36.65 -1.30
N LEU C 58 16.23 37.35 -1.86
CA LEU C 58 15.62 36.87 -3.11
C LEU C 58 16.60 36.94 -4.28
N THR C 59 17.43 37.98 -4.30
CA THR C 59 18.42 38.11 -5.37
C THR C 59 19.44 36.99 -5.31
N ALA C 60 19.94 36.67 -4.12
CA ALA C 60 20.89 35.57 -3.98
C ALA C 60 20.24 34.24 -4.36
N GLU C 61 18.96 34.08 -4.00
CA GLU C 61 18.21 32.87 -4.29
C GLU C 61 18.13 32.61 -5.79
N ILE C 62 17.87 33.64 -6.58
CA ILE C 62 17.76 33.35 -8.01
C ILE C 62 19.14 33.24 -8.68
N LEU C 63 20.14 33.97 -8.19
CA LEU C 63 21.45 33.91 -8.82
C LEU C 63 22.16 32.58 -8.59
N GLU C 64 21.80 31.86 -7.53
CA GLU C 64 22.37 30.53 -7.33
C GLU C 64 22.02 29.57 -8.47
N LEU C 65 20.72 29.46 -8.79
CA LEU C 65 20.29 28.58 -9.86
C LEU C 65 20.75 29.07 -11.22
N ALA C 66 20.88 30.40 -11.38
CA ALA C 66 21.48 30.94 -12.60
C ALA C 66 22.90 30.46 -12.78
N GLY C 67 23.68 30.48 -11.70
CA GLY C 67 25.07 30.02 -11.77
C GLY C 67 25.17 28.53 -12.07
N ASN C 68 24.24 27.73 -11.52
CA ASN C 68 24.27 26.30 -11.81
C ASN C 68 23.94 26.01 -13.27
N ALA C 69 22.94 26.70 -13.81
CA ALA C 69 22.58 26.50 -15.21
C ALA C 69 23.69 26.96 -16.15
N ALA C 70 24.42 28.03 -15.79
CA ALA C 70 25.56 28.42 -16.60
C ALA C 70 26.70 27.42 -16.47
N ARG C 71 26.83 26.79 -15.30
CA ARG C 71 27.86 25.77 -15.12
C ARG C 71 27.57 24.54 -15.96
N ASP C 72 26.29 24.27 -16.22
CA ASP C 72 25.89 23.06 -16.95
C ASP C 72 26.47 23.04 -18.36
N ASN C 73 26.32 24.13 -19.10
CA ASN C 73 26.77 24.17 -20.48
C ASN C 73 28.14 24.79 -20.64
N LYS C 74 28.87 24.94 -19.53
CA LYS C 74 30.28 25.35 -19.50
C LYS C 74 30.47 26.73 -20.13
N LYS C 75 29.82 27.72 -19.53
CA LYS C 75 29.90 29.08 -20.00
C LYS C 75 30.38 29.99 -18.89
N THR C 76 31.12 31.02 -19.28
CA THR C 76 31.64 31.95 -18.29
C THR C 76 30.59 32.98 -17.91
N ARG C 77 29.95 33.58 -18.90
CA ARG C 77 28.94 34.58 -18.65
C ARG C 77 27.57 33.94 -18.52
N ILE C 78 26.55 34.75 -18.28
CA ILE C 78 25.18 34.28 -18.14
C ILE C 78 24.32 35.05 -19.14
N ILE C 79 23.60 34.33 -19.98
CA ILE C 79 22.71 34.93 -20.97
C ILE C 79 21.29 34.60 -20.52
N PRO C 80 20.25 35.33 -20.96
CA PRO C 80 18.92 35.17 -20.34
C PRO C 80 18.25 33.83 -20.55
N ARG C 81 18.75 32.99 -21.46
CA ARG C 81 18.25 31.63 -21.56
C ARG C 81 18.43 30.88 -20.25
N HIS C 82 19.55 31.14 -19.57
CA HIS C 82 19.79 30.51 -18.28
C HIS C 82 18.80 30.99 -17.24
N LEU C 83 18.44 32.27 -17.27
CA LEU C 83 17.46 32.77 -16.31
C LEU C 83 16.08 32.20 -16.60
N GLN C 84 15.76 32.03 -17.88
CA GLN C 84 14.50 31.39 -18.27
C GLN C 84 14.41 29.98 -17.74
N LEU C 85 15.47 29.20 -17.93
CA LEU C 85 15.50 27.83 -17.43
C LEU C 85 15.47 27.79 -15.91
N ALA C 86 16.20 28.71 -15.26
CA ALA C 86 16.30 28.70 -13.81
C ALA C 86 14.98 29.05 -13.15
N VAL C 87 14.21 29.96 -13.75
CA VAL C 87 12.93 30.30 -13.16
C VAL C 87 11.90 29.22 -13.46
N ARG C 88 11.83 28.76 -14.71
CA ARG C 88 10.78 27.84 -15.07
C ARG C 88 10.99 26.43 -14.56
N ASN C 89 12.23 26.05 -14.23
CA ASN C 89 12.44 24.72 -13.66
C ASN C 89 12.11 24.66 -12.19
N ASP C 90 12.10 25.79 -11.49
CA ASP C 90 11.71 25.81 -10.08
C ASP C 90 10.19 25.65 -9.97
N GLU C 91 9.72 25.47 -8.73
CA GLU C 91 8.30 25.44 -8.45
C GLU C 91 7.80 26.73 -7.81
N GLU C 92 8.45 27.18 -6.72
CA GLU C 92 7.96 28.35 -5.99
C GLU C 92 8.14 29.63 -6.78
N LEU C 93 9.33 29.81 -7.37
CA LEU C 93 9.55 30.99 -8.20
C LEU C 93 8.71 30.97 -9.46
N ASN C 94 8.40 29.76 -9.96
CA ASN C 94 7.48 29.64 -11.06
C ASN C 94 6.08 30.11 -10.66
N LYS C 95 5.72 29.91 -9.41
CA LYS C 95 4.44 30.43 -8.95
C LYS C 95 4.49 31.93 -8.73
N LEU C 96 5.62 32.46 -8.27
CA LEU C 96 5.72 33.89 -8.03
C LEU C 96 5.74 34.67 -9.34
N LEU C 97 6.44 34.16 -10.34
CA LEU C 97 6.61 34.85 -11.61
C LEU C 97 5.71 34.26 -12.69
N GLY C 98 4.46 33.97 -12.32
CA GLY C 98 3.58 33.23 -13.20
C GLY C 98 3.21 33.98 -14.46
N ARG C 99 2.96 35.28 -14.35
CA ARG C 99 2.64 36.07 -15.54
C ARG C 99 3.73 37.12 -15.73
N VAL C 100 4.85 36.70 -16.30
CA VAL C 100 5.97 37.56 -16.65
C VAL C 100 6.62 36.94 -17.88
N THR C 101 6.74 37.71 -18.94
CA THR C 101 7.49 37.28 -20.11
C THR C 101 8.91 37.82 -20.00
N ILE C 102 9.88 36.95 -20.13
CA ILE C 102 11.28 37.35 -20.16
C ILE C 102 11.67 37.51 -21.62
N ALA C 103 12.34 38.62 -21.93
CA ALA C 103 12.86 38.81 -23.28
C ALA C 103 13.95 37.78 -23.57
N GLN C 104 14.00 37.36 -24.84
CA GLN C 104 14.97 36.37 -25.34
C GLN C 104 14.87 35.03 -24.61
N GLY C 105 13.70 34.71 -24.08
CA GLY C 105 13.56 33.62 -23.15
C GLY C 105 13.52 32.25 -23.78
N GLY C 106 12.60 32.03 -24.70
CA GLY C 106 12.37 30.71 -25.21
C GLY C 106 11.54 29.88 -24.25
N VAL C 107 11.53 28.57 -24.50
CA VAL C 107 10.69 27.67 -23.75
C VAL C 107 11.51 26.54 -23.16
N LEU C 108 10.91 25.86 -22.19
CA LEU C 108 11.45 24.58 -21.75
C LEU C 108 11.22 23.55 -22.85
N PRO C 109 12.15 22.61 -23.05
CA PRO C 109 11.90 21.53 -24.00
C PRO C 109 10.83 20.59 -23.48
N ASN C 110 9.77 20.41 -24.25
CA ASN C 110 8.67 19.56 -23.83
C ASN C 110 7.94 19.04 -25.06
N ILE C 111 7.91 17.72 -25.21
CA ILE C 111 7.20 17.06 -26.29
C ILE C 111 6.21 16.08 -25.67
N GLN C 112 4.99 16.04 -26.19
CA GLN C 112 3.96 15.17 -25.63
C GLN C 112 4.25 13.71 -25.96
N SER C 113 3.45 12.83 -25.36
CA SER C 113 3.72 11.39 -25.43
C SER C 113 3.26 10.80 -26.76
N VAL C 114 2.02 11.08 -27.16
CA VAL C 114 1.41 10.35 -28.28
C VAL C 114 1.93 10.77 -29.64
N LEU C 115 2.84 11.74 -29.70
CA LEU C 115 3.34 12.18 -30.99
C LEU C 115 4.43 11.25 -31.51
N LEU C 116 5.45 11.04 -30.72
CA LEU C 116 6.58 10.23 -31.15
C LEU C 116 6.21 8.75 -31.10
N PRO C 117 6.68 7.94 -32.07
CA PRO C 117 6.28 6.53 -32.13
C PRO C 117 7.03 5.67 -31.11
N ARG D 27 28.45 65.85 -19.71
CA ARG D 27 27.30 66.05 -18.86
C ARG D 27 26.15 65.17 -19.32
N LYS D 28 25.65 64.35 -18.40
CA LYS D 28 24.46 63.54 -18.61
C LYS D 28 23.64 63.53 -17.34
N THR D 29 22.33 63.41 -17.49
CA THR D 29 21.46 63.27 -16.33
C THR D 29 21.67 61.90 -15.71
N ARG D 30 21.98 61.88 -14.42
CA ARG D 30 22.42 60.65 -13.76
C ARG D 30 21.26 59.67 -13.60
N LYS D 31 21.56 58.40 -13.85
CA LYS D 31 20.62 57.32 -13.67
C LYS D 31 20.91 56.59 -12.37
N GLU D 32 19.87 56.15 -11.69
CA GLU D 32 20.01 55.33 -10.49
C GLU D 32 19.63 53.90 -10.82
N SER D 33 20.49 52.97 -10.42
CA SER D 33 20.37 51.58 -10.83
C SER D 33 20.62 50.65 -9.66
N TYR D 34 20.82 49.37 -9.97
CA TYR D 34 21.16 48.38 -8.96
C TYR D 34 22.24 47.44 -9.45
N ALA D 35 23.10 47.91 -10.36
CA ALA D 35 24.02 47.02 -11.02
C ALA D 35 25.14 46.57 -10.09
N ILE D 36 25.69 47.50 -9.33
CA ILE D 36 26.85 47.20 -8.50
C ILE D 36 26.51 46.23 -7.38
N TYR D 37 25.28 46.28 -6.88
CA TYR D 37 24.92 45.45 -5.74
C TYR D 37 24.70 44.01 -6.16
N VAL D 38 24.01 43.82 -7.29
CA VAL D 38 23.85 42.51 -7.88
C VAL D 38 25.21 41.93 -8.26
N TYR D 39 26.11 42.79 -8.74
CA TYR D 39 27.46 42.32 -9.06
C TYR D 39 28.22 41.87 -7.82
N LYS D 40 28.03 42.57 -6.70
CA LYS D 40 28.64 42.17 -5.43
C LYS D 40 28.13 40.81 -4.99
N VAL D 41 26.81 40.63 -5.01
CA VAL D 41 26.21 39.38 -4.55
C VAL D 41 26.62 38.22 -5.46
N LEU D 42 26.77 38.50 -6.75
CA LEU D 42 27.25 37.50 -7.69
C LEU D 42 28.68 37.08 -7.37
N LYS D 43 29.56 38.06 -7.14
CA LYS D 43 30.94 37.71 -6.83
C LYS D 43 31.10 37.08 -5.47
N GLN D 44 30.13 37.26 -4.58
CA GLN D 44 30.11 36.43 -3.37
C GLN D 44 29.75 34.99 -3.71
N VAL D 45 28.57 34.78 -4.27
CA VAL D 45 28.02 33.42 -4.27
C VAL D 45 28.60 32.55 -5.38
N HIS D 46 29.19 33.14 -6.42
CA HIS D 46 29.92 32.39 -7.43
C HIS D 46 31.13 33.22 -7.80
N PRO D 47 32.31 32.90 -7.27
CA PRO D 47 33.44 33.81 -7.40
C PRO D 47 34.01 33.90 -8.80
N ASP D 48 33.74 32.93 -9.67
CA ASP D 48 34.26 32.95 -11.03
C ASP D 48 33.09 32.78 -11.99
N THR D 49 32.41 33.87 -12.29
CA THR D 49 31.26 33.84 -13.20
C THR D 49 31.06 35.23 -13.77
N GLY D 50 31.01 35.32 -15.10
CA GLY D 50 30.72 36.59 -15.76
C GLY D 50 29.24 36.79 -15.95
N ILE D 51 28.91 37.95 -16.52
CA ILE D 51 27.52 38.32 -16.74
C ILE D 51 27.44 39.22 -17.97
N SER D 52 26.30 39.18 -18.66
CA SER D 52 26.03 40.06 -19.77
C SER D 52 25.39 41.34 -19.27
N SER D 53 24.85 42.14 -20.17
CA SER D 53 24.14 43.37 -19.81
C SER D 53 22.64 43.17 -19.70
N LYS D 54 22.11 42.33 -20.59
CA LYS D 54 20.68 42.06 -20.64
C LYS D 54 20.19 41.43 -19.34
N ALA D 55 21.00 40.54 -18.78
CA ALA D 55 20.67 39.93 -17.51
C ALA D 55 20.59 40.97 -16.40
N MET D 56 21.49 41.95 -16.44
CA MET D 56 21.47 43.00 -15.42
C MET D 56 20.23 43.87 -15.56
N SER D 57 19.81 44.13 -16.80
CA SER D 57 18.56 44.87 -17.02
C SER D 57 17.35 44.12 -16.48
N ILE D 58 17.33 42.80 -16.72
CA ILE D 58 16.23 41.97 -16.23
C ILE D 58 16.19 41.98 -14.71
N MET D 59 17.35 41.89 -14.07
CA MET D 59 17.39 41.89 -12.61
C MET D 59 16.95 43.23 -12.04
N ASN D 60 17.28 44.32 -12.75
CA ASN D 60 16.86 45.64 -12.31
C ASN D 60 15.34 45.77 -12.32
N SER D 61 14.72 45.30 -13.41
CA SER D 61 13.26 45.34 -13.50
C SER D 61 12.62 44.45 -12.45
N PHE D 62 13.26 43.32 -12.16
CA PHE D 62 12.75 42.38 -11.16
C PHE D 62 12.72 42.99 -9.76
N VAL D 63 13.81 43.64 -9.38
CA VAL D 63 13.90 44.27 -8.07
C VAL D 63 12.87 45.38 -7.93
N ASN D 64 12.71 46.19 -8.99
CA ASN D 64 11.71 47.26 -8.96
C ASN D 64 10.31 46.70 -8.81
N ASP D 65 10.03 45.58 -9.48
CA ASP D 65 8.73 44.92 -9.41
C ASP D 65 8.40 44.49 -7.99
N VAL D 66 9.33 43.77 -7.35
CA VAL D 66 9.05 43.22 -6.03
C VAL D 66 8.91 44.33 -4.99
N PHE D 67 9.73 45.38 -5.13
CA PHE D 67 9.64 46.51 -4.22
C PHE D 67 8.30 47.20 -4.31
N GLU D 68 7.80 47.38 -5.54
CA GLU D 68 6.50 48.02 -5.72
C GLU D 68 5.36 47.20 -5.14
N ARG D 69 5.42 45.87 -5.33
CA ARG D 69 4.37 45.00 -4.79
C ARG D 69 4.30 45.08 -3.27
N ILE D 70 5.46 44.97 -2.61
CA ILE D 70 5.46 44.92 -1.15
C ILE D 70 5.04 46.27 -0.56
N ALA D 71 5.53 47.36 -1.13
CA ALA D 71 5.17 48.67 -0.60
C ALA D 71 3.69 48.97 -0.80
N GLY D 72 3.16 48.62 -1.97
CA GLY D 72 1.75 48.85 -2.23
C GLY D 72 0.83 48.00 -1.37
N GLU D 73 1.30 46.82 -0.97
CA GLU D 73 0.50 46.02 -0.04
C GLU D 73 0.51 46.62 1.36
N ALA D 74 1.70 46.96 1.86
CA ALA D 74 1.80 47.40 3.25
C ALA D 74 1.13 48.73 3.48
N SER D 75 1.07 49.59 2.45
CA SER D 75 0.37 50.86 2.62
C SER D 75 -1.12 50.65 2.84
N ARG D 76 -1.71 49.70 2.13
CA ARG D 76 -3.13 49.42 2.30
C ARG D 76 -3.40 48.75 3.64
N LEU D 77 -2.47 47.91 4.09
CA LEU D 77 -2.59 47.32 5.42
C LEU D 77 -2.60 48.38 6.51
N ALA D 78 -1.68 49.34 6.41
CA ALA D 78 -1.66 50.42 7.40
C ALA D 78 -2.89 51.29 7.29
N HIS D 79 -3.46 51.39 6.09
CA HIS D 79 -4.64 52.23 5.93
C HIS D 79 -5.89 51.60 6.51
N TYR D 80 -5.99 50.27 6.50
CA TYR D 80 -7.22 49.62 6.99
C TYR D 80 -7.46 49.82 8.48
N ASN D 81 -6.42 50.07 9.27
CA ASN D 81 -6.57 50.05 10.71
C ASN D 81 -6.41 51.42 11.33
N LYS D 82 -6.54 52.47 10.52
CA LYS D 82 -6.51 53.87 10.96
C LYS D 82 -5.19 54.24 11.61
N ARG D 83 -4.09 53.65 11.14
CA ARG D 83 -2.78 54.05 11.59
C ARG D 83 -2.26 55.18 10.72
N SER D 84 -1.02 55.58 10.96
CA SER D 84 -0.37 56.54 10.10
C SER D 84 1.10 56.25 9.89
N THR D 85 1.60 55.14 10.39
CA THR D 85 3.04 54.89 10.39
C THR D 85 3.31 53.45 10.02
N ILE D 86 4.17 53.26 9.03
CA ILE D 86 4.57 51.93 8.59
C ILE D 86 5.80 51.51 9.39
N THR D 87 5.65 50.46 10.19
CA THR D 87 6.77 49.88 10.91
C THR D 87 7.16 48.57 10.23
N SER D 88 8.11 47.86 10.85
CA SER D 88 8.54 46.58 10.30
C SER D 88 7.49 45.49 10.45
N ARG D 89 6.59 45.64 11.42
CA ARG D 89 5.58 44.62 11.67
C ARG D 89 4.61 44.49 10.50
N GLU D 90 4.25 45.62 9.91
CA GLU D 90 3.40 45.61 8.74
C GLU D 90 4.12 45.02 7.54
N ILE D 91 5.43 45.27 7.44
CA ILE D 91 6.20 44.70 6.35
C ILE D 91 6.28 43.19 6.49
N GLN D 92 6.44 42.70 7.72
CA GLN D 92 6.41 41.28 8.00
C GLN D 92 5.09 40.65 7.60
N THR D 93 3.98 41.30 7.96
CA THR D 93 2.66 40.80 7.58
C THR D 93 2.48 40.80 6.07
N ALA D 94 3.03 41.81 5.40
CA ALA D 94 2.89 41.89 3.94
C ALA D 94 3.71 40.81 3.25
N VAL D 95 4.89 40.50 3.78
CA VAL D 95 5.69 39.41 3.22
C VAL D 95 5.00 38.08 3.43
N ARG D 96 4.37 37.90 4.59
CA ARG D 96 3.67 36.66 4.86
C ARG D 96 2.45 36.49 3.96
N LEU D 97 1.76 37.60 3.65
CA LEU D 97 0.64 37.50 2.71
C LEU D 97 1.12 37.24 1.30
N LEU D 98 2.19 37.91 0.88
CA LEU D 98 2.52 37.91 -0.53
C LEU D 98 3.34 36.70 -0.95
N LEU D 99 4.11 36.12 -0.04
CA LEU D 99 4.97 35.09 -0.61
C LEU D 99 4.46 33.69 -0.31
N PRO D 100 4.75 32.73 -1.18
CA PRO D 100 4.35 31.35 -0.93
C PRO D 100 5.43 30.52 -0.25
N GLY D 101 4.99 29.43 0.36
CA GLY D 101 5.77 28.32 0.87
C GLY D 101 6.84 28.67 1.88
N GLU D 102 7.86 27.80 1.91
CA GLU D 102 8.98 27.90 2.84
C GLU D 102 9.83 29.12 2.58
N LEU D 103 9.73 29.68 1.37
CA LEU D 103 10.41 30.92 1.02
C LEU D 103 10.00 32.05 1.96
N ALA D 104 8.73 32.06 2.38
CA ALA D 104 8.27 32.99 3.39
C ALA D 104 8.99 32.81 4.71
N LYS D 105 9.19 31.56 5.13
CA LYS D 105 9.84 31.28 6.40
C LYS D 105 11.29 31.74 6.40
N HIS D 106 11.99 31.47 5.30
CA HIS D 106 13.38 31.89 5.20
C HIS D 106 13.50 33.41 5.15
N ALA D 107 12.57 34.08 4.46
CA ALA D 107 12.61 35.52 4.39
C ALA D 107 12.34 36.18 5.73
N VAL D 108 11.36 35.64 6.48
CA VAL D 108 11.06 36.18 7.80
C VAL D 108 12.24 35.96 8.76
N SER D 109 12.90 34.81 8.64
CA SER D 109 14.08 34.53 9.44
C SER D 109 15.20 35.52 9.17
N GLU D 110 15.47 35.79 7.89
CA GLU D 110 16.52 36.73 7.52
C GLU D 110 16.19 38.15 7.98
N GLY D 111 14.94 38.56 7.84
CA GLY D 111 14.57 39.89 8.26
C GLY D 111 14.67 40.10 9.76
N THR D 112 14.25 39.10 10.53
CA THR D 112 14.31 39.21 11.98
C THR D 112 15.77 39.22 12.46
N LYS D 113 16.61 38.39 11.83
CA LYS D 113 18.03 38.40 12.13
C LYS D 113 18.67 39.74 11.85
N ALA D 114 18.29 40.38 10.73
CA ALA D 114 18.90 41.65 10.37
C ALA D 114 18.45 42.77 11.30
N VAL D 115 17.18 42.76 11.70
CA VAL D 115 16.68 43.76 12.64
C VAL D 115 17.36 43.62 13.99
N THR D 116 17.54 42.39 14.45
CA THR D 116 18.18 42.16 15.74
C THR D 116 19.64 42.57 15.73
N CYS D 117 20.38 42.21 14.67
CA CYS D 117 21.78 42.62 14.60
C CYS D 117 21.93 44.12 14.38
N TYR D 118 20.93 44.77 13.80
CA TYR D 118 20.96 46.22 13.71
C TYR D 118 20.61 46.90 15.03
N THR D 119 19.84 46.22 15.88
CA THR D 119 19.28 46.85 17.07
C THR D 119 20.37 47.20 18.07
N SER D 120 21.37 46.33 18.20
CA SER D 120 22.49 46.58 19.10
C SER D 120 23.40 47.64 18.53
N PRO E 38 16.48 9.04 -54.72
CA PRO E 38 15.16 8.49 -54.43
C PRO E 38 14.92 8.34 -52.94
N HIS E 39 15.87 8.83 -52.14
CA HIS E 39 15.75 8.75 -50.69
C HIS E 39 14.73 9.76 -50.18
N ARG E 40 13.65 9.25 -49.58
CA ARG E 40 12.64 10.10 -48.97
C ARG E 40 12.29 9.58 -47.60
N TYR E 41 12.13 10.48 -46.64
CA TYR E 41 11.73 10.08 -45.31
C TYR E 41 10.24 9.83 -45.26
N ARG E 42 9.82 9.13 -44.21
CA ARG E 42 8.41 8.97 -43.93
C ARG E 42 7.88 10.28 -43.34
N PRO E 43 6.58 10.55 -43.47
CA PRO E 43 6.05 11.84 -42.99
C PRO E 43 6.03 11.94 -41.47
N GLY E 44 6.55 13.05 -40.96
CA GLY E 44 6.52 13.38 -39.55
C GLY E 44 7.89 13.48 -38.91
N THR E 45 8.88 12.78 -39.46
CA THR E 45 10.20 12.73 -38.86
C THR E 45 10.90 14.07 -38.92
N VAL E 46 10.81 14.73 -40.08
CA VAL E 46 11.40 16.05 -40.24
C VAL E 46 10.67 17.05 -39.37
N ALA E 47 9.36 16.86 -39.18
CA ALA E 47 8.60 17.69 -38.25
C ALA E 47 9.09 17.54 -36.82
N LEU E 48 9.43 16.31 -36.42
CA LEU E 48 9.91 16.10 -35.06
C LEU E 48 11.27 16.73 -34.84
N ARG E 49 12.17 16.62 -35.81
CA ARG E 49 13.47 17.24 -35.61
C ARG E 49 13.38 18.76 -35.72
N GLU E 50 12.42 19.28 -36.49
CA GLU E 50 12.11 20.71 -36.43
C GLU E 50 11.68 21.13 -35.05
N ILE E 51 10.78 20.36 -34.42
CA ILE E 51 10.31 20.68 -33.08
C ILE E 51 11.46 20.70 -32.10
N ARG E 52 12.37 19.75 -32.23
CA ARG E 52 13.53 19.68 -31.36
C ARG E 52 14.42 20.92 -31.50
N ARG E 53 14.78 21.28 -32.73
CA ARG E 53 15.72 22.38 -32.84
C ARG E 53 15.07 23.74 -32.63
N TYR E 54 13.78 23.88 -32.90
CA TYR E 54 13.15 25.17 -32.61
C TYR E 54 12.86 25.34 -31.14
N GLN E 55 12.58 24.26 -30.40
CA GLN E 55 12.53 24.43 -28.96
C GLN E 55 13.91 24.62 -28.37
N LYS E 56 14.96 24.17 -29.07
CA LYS E 56 16.30 24.42 -28.58
C LYS E 56 16.70 25.88 -28.74
N SER E 57 16.46 26.46 -29.91
CA SER E 57 16.97 27.79 -30.17
C SER E 57 16.06 28.86 -29.58
N THR E 58 16.63 30.06 -29.41
CA THR E 58 15.90 31.24 -28.95
C THR E 58 16.27 32.42 -29.85
N GLU E 59 15.34 32.85 -30.68
CA GLU E 59 15.52 34.04 -31.51
C GLU E 59 14.13 34.50 -31.97
N LEU E 60 14.11 35.53 -32.80
CA LEU E 60 12.87 35.93 -33.45
C LEU E 60 12.60 35.07 -34.67
N LEU E 61 11.32 35.01 -35.04
CA LEU E 61 10.88 34.13 -36.11
C LEU E 61 10.13 34.84 -37.22
N ILE E 62 9.95 36.15 -37.12
CA ILE E 62 9.22 36.93 -38.12
C ILE E 62 10.16 38.00 -38.66
N ARG E 63 10.16 38.18 -39.98
CA ARG E 63 10.97 39.23 -40.59
C ARG E 63 10.50 40.61 -40.12
N LYS E 64 11.46 41.49 -39.89
CA LYS E 64 11.17 42.67 -39.09
C LYS E 64 10.45 43.76 -39.88
N LEU E 65 10.81 43.94 -41.14
CA LEU E 65 10.14 44.95 -41.96
C LEU E 65 8.65 44.74 -42.19
N PRO E 66 8.14 43.53 -42.50
CA PRO E 66 6.68 43.41 -42.64
C PRO E 66 5.95 43.63 -41.34
N PHE E 67 6.53 43.20 -40.22
CA PHE E 67 5.91 43.45 -38.93
C PHE E 67 5.90 44.94 -38.61
N GLN E 68 6.98 45.63 -38.98
CA GLN E 68 7.06 47.06 -38.75
C GLN E 68 6.03 47.82 -39.58
N ARG E 69 5.86 47.41 -40.83
CA ARG E 69 4.87 48.05 -41.68
C ARG E 69 3.46 47.76 -41.20
N LEU E 70 3.21 46.57 -40.65
CA LEU E 70 1.92 46.26 -40.06
C LEU E 70 1.63 47.15 -38.85
N VAL E 71 2.63 47.36 -38.00
CA VAL E 71 2.47 48.21 -36.83
C VAL E 71 2.16 49.63 -37.23
N ARG E 72 2.89 50.17 -38.22
CA ARG E 72 2.62 51.52 -38.68
C ARG E 72 1.25 51.63 -39.35
N GLU E 73 0.83 50.57 -40.04
CA GLU E 73 -0.48 50.53 -40.68
C GLU E 73 -1.60 50.69 -39.66
N ILE E 74 -1.63 49.82 -38.65
CA ILE E 74 -2.74 49.93 -37.71
C ILE E 74 -2.52 51.01 -36.69
N ALA E 75 -1.33 51.60 -36.63
CA ALA E 75 -1.13 52.79 -35.83
C ALA E 75 -1.63 54.04 -36.51
N GLN E 76 -1.76 54.00 -37.84
CA GLN E 76 -2.14 55.18 -38.62
C GLN E 76 -3.53 55.69 -38.26
N ASP E 77 -4.42 54.80 -37.80
CA ASP E 77 -5.83 55.16 -37.74
C ASP E 77 -6.17 55.96 -36.49
N PHE E 78 -5.52 55.67 -35.38
CA PHE E 78 -5.85 56.36 -34.14
C PHE E 78 -5.27 57.75 -34.10
N LYS E 79 -4.20 57.99 -34.84
CA LYS E 79 -3.52 59.28 -34.91
C LYS E 79 -2.58 59.23 -36.10
N THR E 80 -2.52 60.33 -36.84
CA THR E 80 -1.59 60.40 -37.95
C THR E 80 -0.26 60.97 -37.50
N ASP E 81 0.78 60.67 -38.30
CA ASP E 81 2.13 61.23 -38.18
C ASP E 81 2.75 60.93 -36.81
N LEU E 82 3.00 59.65 -36.58
CA LEU E 82 3.69 59.20 -35.40
C LEU E 82 5.09 58.69 -35.77
N ARG E 83 5.95 58.67 -34.77
CA ARG E 83 7.29 58.16 -34.92
C ARG E 83 7.53 57.08 -33.89
N PHE E 84 8.54 56.25 -34.14
CA PHE E 84 8.74 55.08 -33.31
C PHE E 84 10.22 54.90 -33.03
N GLN E 85 10.56 54.77 -31.75
CA GLN E 85 11.82 54.17 -31.40
C GLN E 85 11.77 52.70 -31.75
N SER E 86 12.90 52.15 -32.22
CA SER E 86 12.92 50.79 -32.70
C SER E 86 12.70 49.78 -31.59
N SER E 87 13.11 50.14 -30.37
CA SER E 87 12.95 49.28 -29.21
C SER E 87 11.49 48.98 -28.92
N ALA E 88 10.60 49.95 -29.19
CA ALA E 88 9.18 49.72 -28.98
C ALA E 88 8.64 48.67 -29.94
N VAL E 89 9.11 48.70 -31.18
CA VAL E 89 8.71 47.70 -32.17
C VAL E 89 9.22 46.32 -31.77
N MET E 90 10.45 46.27 -31.24
CA MET E 90 11.00 45.00 -30.77
C MET E 90 10.18 44.46 -29.59
N ALA E 91 9.76 45.34 -28.69
CA ALA E 91 8.97 44.92 -27.53
C ALA E 91 7.63 44.36 -27.96
N LEU E 92 6.99 45.00 -28.94
CA LEU E 92 5.73 44.50 -29.46
C LEU E 92 5.91 43.14 -30.10
N GLN E 93 7.01 42.95 -30.82
CA GLN E 93 7.25 41.67 -31.47
C GLN E 93 7.45 40.55 -30.44
N GLU E 94 8.18 40.85 -29.37
CA GLU E 94 8.40 39.88 -28.30
C GLU E 94 7.09 39.47 -27.64
N ALA E 95 6.28 40.44 -27.26
CA ALA E 95 5.05 40.14 -26.53
C ALA E 95 4.07 39.37 -27.39
N SER E 96 3.95 39.74 -28.67
CA SER E 96 3.01 39.05 -29.55
C SER E 96 3.45 37.62 -29.82
N GLU E 97 4.75 37.40 -29.97
CA GLU E 97 5.24 36.05 -30.25
C GLU E 97 5.04 35.14 -29.04
N ALA E 98 5.30 35.67 -27.83
CA ALA E 98 5.08 34.87 -26.63
C ALA E 98 3.61 34.51 -26.44
N TYR E 99 2.73 35.47 -26.73
CA TYR E 99 1.29 35.22 -26.61
C TYR E 99 0.83 34.15 -27.57
N LEU E 100 1.33 34.17 -28.81
CA LEU E 100 0.93 33.16 -29.78
C LEU E 100 1.43 31.79 -29.41
N VAL E 101 2.65 31.69 -28.85
CA VAL E 101 3.18 30.40 -28.46
C VAL E 101 2.36 29.77 -27.34
N ALA E 102 1.95 30.58 -26.35
CA ALA E 102 1.10 30.07 -25.28
C ALA E 102 -0.25 29.60 -25.81
N LEU E 103 -0.80 30.34 -26.79
CA LEU E 103 -2.06 29.95 -27.38
C LEU E 103 -1.95 28.61 -28.12
N PHE E 104 -0.84 28.39 -28.83
CA PHE E 104 -0.67 27.12 -29.53
C PHE E 104 -0.52 25.96 -28.58
N GLU E 105 0.13 26.17 -27.43
CA GLU E 105 0.28 25.08 -26.46
C GLU E 105 -1.07 24.64 -25.92
N ASP E 106 -1.91 25.60 -25.55
CA ASP E 106 -3.23 25.22 -25.03
C ASP E 106 -4.12 24.60 -26.10
N THR E 107 -3.98 25.08 -27.34
CA THR E 107 -4.73 24.50 -28.45
C THR E 107 -4.32 23.05 -28.68
N ASN E 108 -3.03 22.76 -28.56
CA ASN E 108 -2.56 21.40 -28.78
C ASN E 108 -3.06 20.47 -27.68
N LEU E 109 -3.15 20.97 -26.45
CA LEU E 109 -3.76 20.17 -25.38
C LEU E 109 -5.21 19.84 -25.69
N CYS E 110 -5.95 20.82 -26.20
CA CYS E 110 -7.36 20.57 -26.57
C CYS E 110 -7.48 19.52 -27.66
N ALA E 111 -6.62 19.61 -28.69
CA ALA E 111 -6.71 18.69 -29.81
C ALA E 111 -6.28 17.28 -29.42
N ILE E 112 -5.37 17.15 -28.46
CA ILE E 112 -5.03 15.83 -27.94
C ILE E 112 -6.20 15.26 -27.16
N HIS E 113 -6.89 16.11 -26.38
CA HIS E 113 -8.05 15.63 -25.63
C HIS E 113 -9.17 15.16 -26.55
N ALA E 114 -9.31 15.78 -27.72
CA ALA E 114 -10.37 15.33 -28.62
C ALA E 114 -9.98 14.11 -29.45
N LYS E 115 -8.87 13.44 -29.11
CA LYS E 115 -8.39 12.22 -29.77
C LYS E 115 -8.13 12.43 -31.26
N ARG E 116 -7.38 13.47 -31.57
CA ARG E 116 -6.89 13.70 -32.91
C ARG E 116 -5.42 14.07 -32.84
N VAL E 117 -4.85 14.39 -33.99
CA VAL E 117 -3.47 14.85 -34.05
C VAL E 117 -3.50 16.24 -34.67
N THR E 118 -4.50 16.48 -35.50
CA THR E 118 -4.59 17.70 -36.28
C THR E 118 -5.37 18.76 -35.51
N ILE E 119 -5.01 20.01 -35.73
CA ILE E 119 -5.58 21.16 -35.01
C ILE E 119 -6.64 21.84 -35.87
N MET E 120 -7.77 22.19 -35.25
CA MET E 120 -8.90 22.80 -35.91
C MET E 120 -9.22 24.18 -35.33
N PRO E 121 -9.82 25.08 -36.12
CA PRO E 121 -10.18 26.40 -35.60
C PRO E 121 -11.24 26.36 -34.52
N LYS E 122 -12.07 25.31 -34.46
CA LYS E 122 -12.99 25.20 -33.34
C LYS E 122 -12.25 24.91 -32.04
N ASP E 123 -11.08 24.26 -32.11
CA ASP E 123 -10.26 24.08 -30.93
C ASP E 123 -9.69 25.41 -30.46
N ILE E 124 -9.29 26.27 -31.40
CA ILE E 124 -8.82 27.61 -31.03
C ILE E 124 -9.94 28.41 -30.39
N GLN E 125 -11.15 28.31 -30.94
CA GLN E 125 -12.29 29.01 -30.37
C GLN E 125 -12.62 28.50 -28.99
N LEU E 126 -12.47 27.20 -28.77
CA LEU E 126 -12.72 26.63 -27.45
C LEU E 126 -11.70 27.14 -26.43
N ALA E 127 -10.43 27.23 -26.82
CA ALA E 127 -9.40 27.70 -25.91
C ALA E 127 -9.62 29.15 -25.53
N ARG E 128 -9.95 30.00 -26.50
CA ARG E 128 -10.23 31.38 -26.18
C ARG E 128 -11.53 31.56 -25.43
N ARG E 129 -12.45 30.61 -25.56
CA ARG E 129 -13.66 30.65 -24.75
C ARG E 129 -13.36 30.34 -23.29
N ILE E 130 -12.62 29.26 -23.05
CA ILE E 130 -12.41 28.79 -21.68
C ILE E 130 -11.49 29.72 -20.91
N ARG E 131 -10.50 30.30 -21.61
CA ARG E 131 -9.53 31.18 -20.94
C ARG E 131 -10.20 32.43 -20.38
N GLY E 132 -11.33 32.83 -20.94
CA GLY E 132 -12.06 33.96 -20.42
C GLY E 132 -11.74 35.26 -21.10
N GLU E 133 -11.03 35.22 -22.22
CA GLU E 133 -10.81 36.41 -23.02
C GLU E 133 -12.04 36.85 -23.79
N ARG E 134 -13.04 35.99 -23.90
CA ARG E 134 -14.15 36.24 -24.79
C ARG E 134 -15.39 35.44 -24.37
N ASP F 24 -4.42 44.14 -46.85
CA ASP F 24 -3.33 45.01 -47.28
C ASP F 24 -2.01 44.40 -46.85
N ASN F 25 -1.43 44.92 -45.77
CA ASN F 25 -0.15 44.44 -45.26
C ASN F 25 -0.32 43.31 -44.28
N ILE F 26 -1.56 42.88 -44.02
CA ILE F 26 -1.80 41.73 -43.16
C ILE F 26 -1.33 40.44 -43.82
N GLN F 27 -1.16 40.44 -45.13
CA GLN F 27 -0.62 39.29 -45.83
C GLN F 27 0.89 39.20 -45.74
N GLY F 28 1.54 40.12 -45.03
CA GLY F 28 2.96 39.99 -44.79
C GLY F 28 3.28 38.85 -43.84
N ILE F 29 2.34 38.50 -42.96
CA ILE F 29 2.51 37.34 -42.11
C ILE F 29 2.31 36.10 -42.96
N THR F 30 3.38 35.35 -43.20
CA THR F 30 3.36 34.33 -44.21
C THR F 30 2.79 33.02 -43.65
N LYS F 31 2.80 32.04 -44.49
CA LYS F 31 2.51 30.66 -44.13
C LYS F 31 3.70 29.92 -43.48
N PRO F 32 4.96 30.06 -43.93
CA PRO F 32 6.04 29.41 -43.16
C PRO F 32 6.28 30.03 -41.80
N ALA F 33 5.97 31.31 -41.60
CA ALA F 33 6.24 31.92 -40.31
C ALA F 33 5.32 31.37 -39.22
N ILE F 34 4.02 31.28 -39.53
CA ILE F 34 3.06 30.65 -38.63
C ILE F 34 3.40 29.19 -38.42
N ARG F 35 3.91 28.54 -39.47
CA ARG F 35 4.39 27.17 -39.36
C ARG F 35 5.52 27.05 -38.35
N ARG F 36 6.48 27.97 -38.40
CA ARG F 36 7.60 27.91 -37.47
C ARG F 36 7.17 28.26 -36.05
N LEU F 37 6.19 29.15 -35.90
CA LEU F 37 5.68 29.43 -34.56
C LEU F 37 4.93 28.24 -33.99
N ALA F 38 4.24 27.49 -34.82
CA ALA F 38 3.59 26.28 -34.35
C ALA F 38 4.62 25.22 -33.98
N ARG F 39 5.71 25.13 -34.75
CA ARG F 39 6.77 24.18 -34.42
C ARG F 39 7.43 24.55 -33.11
N ARG F 40 7.59 25.84 -32.84
CA ARG F 40 8.02 26.28 -31.51
C ARG F 40 7.01 25.87 -30.46
N GLY F 41 5.73 25.97 -30.79
CA GLY F 41 4.70 25.66 -29.80
C GLY F 41 4.54 24.18 -29.50
N GLY F 42 5.14 23.31 -30.31
CA GLY F 42 5.02 21.89 -30.08
C GLY F 42 3.85 21.27 -30.80
N VAL F 43 3.77 21.47 -32.11
CA VAL F 43 2.61 21.13 -32.90
C VAL F 43 3.03 20.18 -34.01
N LYS F 44 2.29 19.08 -34.16
CA LYS F 44 2.62 18.07 -35.15
C LYS F 44 2.04 18.37 -36.53
N ARG F 45 0.72 18.52 -36.62
CA ARG F 45 0.03 18.47 -37.90
C ARG F 45 -1.04 19.55 -37.95
N ILE F 46 -0.99 20.40 -38.96
CA ILE F 46 -1.75 21.63 -39.01
C ILE F 46 -2.73 21.56 -40.17
N SER F 47 -4.00 21.88 -39.90
CA SER F 47 -4.98 21.98 -40.96
C SER F 47 -4.78 23.26 -41.78
N GLY F 48 -5.45 23.32 -42.91
CA GLY F 48 -5.30 24.47 -43.79
C GLY F 48 -6.08 25.69 -43.38
N LEU F 49 -7.04 25.55 -42.48
CA LEU F 49 -7.96 26.63 -42.14
C LEU F 49 -7.55 27.39 -40.90
N ILE F 50 -6.24 27.53 -40.68
CA ILE F 50 -5.74 28.11 -39.45
C ILE F 50 -5.20 29.51 -39.65
N TYR F 51 -4.68 29.81 -40.85
CA TYR F 51 -3.87 31.01 -41.05
C TYR F 51 -4.71 32.27 -40.95
N GLU F 52 -5.91 32.25 -41.53
CA GLU F 52 -6.79 33.39 -41.47
C GLU F 52 -7.27 33.66 -40.05
N GLU F 53 -7.60 32.59 -39.33
CA GLU F 53 -7.98 32.68 -37.93
C GLU F 53 -6.85 33.28 -37.09
N THR F 54 -5.62 32.90 -37.39
CA THR F 54 -4.47 33.38 -36.64
C THR F 54 -4.25 34.88 -36.88
N ARG F 55 -4.38 35.31 -38.14
CA ARG F 55 -4.31 36.73 -38.44
C ARG F 55 -5.40 37.49 -37.72
N GLY F 56 -6.61 36.92 -37.67
CA GLY F 56 -7.71 37.56 -36.98
C GLY F 56 -7.49 37.72 -35.50
N VAL F 57 -6.79 36.78 -34.87
CA VAL F 57 -6.50 36.94 -33.45
C VAL F 57 -5.42 37.98 -33.22
N LEU F 58 -4.36 37.92 -34.02
CA LEU F 58 -3.21 38.82 -33.86
C LEU F 58 -3.60 40.27 -34.04
N LYS F 59 -4.51 40.54 -34.99
CA LYS F 59 -4.95 41.90 -35.25
C LYS F 59 -5.64 42.51 -34.03
N VAL F 60 -6.53 41.74 -33.39
CA VAL F 60 -7.27 42.22 -32.24
C VAL F 60 -6.34 42.50 -31.06
N PHE F 61 -5.38 41.60 -30.84
CA PHE F 61 -4.42 41.80 -29.75
C PHE F 61 -3.60 43.07 -29.94
N LEU F 62 -3.11 43.29 -31.16
CA LEU F 62 -2.29 44.45 -31.41
C LEU F 62 -3.09 45.75 -31.31
N GLU F 63 -4.36 45.73 -31.72
CA GLU F 63 -5.18 46.93 -31.58
C GLU F 63 -5.40 47.29 -30.11
N ASN F 64 -5.71 46.28 -29.29
CA ASN F 64 -5.93 46.54 -27.87
C ASN F 64 -4.68 46.99 -27.15
N VAL F 65 -3.49 46.70 -27.67
CA VAL F 65 -2.30 47.28 -27.04
C VAL F 65 -2.05 48.70 -27.52
N ILE F 66 -2.09 48.89 -28.85
CA ILE F 66 -1.63 50.14 -29.43
C ILE F 66 -2.57 51.30 -29.10
N ARG F 67 -3.86 51.01 -28.86
CA ARG F 67 -4.77 52.07 -28.42
C ARG F 67 -4.32 52.70 -27.10
N ASP F 68 -3.92 51.87 -26.14
CA ASP F 68 -3.49 52.41 -24.87
C ASP F 68 -2.12 53.07 -24.97
N ALA F 69 -1.25 52.53 -25.83
CA ALA F 69 0.05 53.18 -26.04
C ALA F 69 -0.10 54.59 -26.59
N VAL F 70 -0.98 54.75 -27.58
CA VAL F 70 -1.26 56.06 -28.15
C VAL F 70 -1.91 56.98 -27.13
N THR F 71 -2.74 56.42 -26.24
CA THR F 71 -3.35 57.24 -25.19
C THR F 71 -2.31 57.83 -24.25
N TYR F 72 -1.35 57.01 -23.82
CA TYR F 72 -0.26 57.52 -22.99
C TYR F 72 0.55 58.58 -23.71
N THR F 73 0.84 58.36 -24.99
CA THR F 73 1.67 59.31 -25.72
C THR F 73 0.96 60.64 -25.91
N GLU F 74 -0.35 60.60 -26.17
CA GLU F 74 -1.09 61.84 -26.31
C GLU F 74 -1.25 62.56 -24.98
N HIS F 75 -1.24 61.83 -23.87
CA HIS F 75 -1.21 62.55 -22.61
C HIS F 75 0.14 63.21 -22.38
N ALA F 76 1.22 62.58 -22.84
CA ALA F 76 2.53 63.13 -22.58
C ALA F 76 2.93 64.22 -23.57
N LYS F 77 2.06 64.56 -24.54
CA LYS F 77 2.26 65.65 -25.50
C LYS F 77 3.53 65.47 -26.34
N ARG F 78 3.64 64.33 -27.00
CA ARG F 78 4.76 64.10 -27.90
C ARG F 78 4.24 63.47 -29.18
N LYS F 79 5.14 63.30 -30.13
CA LYS F 79 4.79 62.70 -31.41
C LYS F 79 5.54 61.40 -31.65
N THR F 80 6.09 60.81 -30.61
CA THR F 80 6.88 59.60 -30.75
C THR F 80 6.49 58.64 -29.64
N VAL F 81 6.33 57.38 -29.99
CA VAL F 81 6.00 56.35 -29.03
C VAL F 81 7.29 55.69 -28.56
N THR F 82 7.54 55.76 -27.27
CA THR F 82 8.77 55.20 -26.71
C THR F 82 8.54 53.71 -26.42
N ALA F 83 9.49 53.09 -25.75
CA ALA F 83 9.29 51.72 -25.29
C ALA F 83 8.60 51.67 -23.95
N MET F 84 8.76 52.71 -23.15
CA MET F 84 8.20 52.74 -21.81
C MET F 84 6.69 52.69 -21.84
N ASP F 85 6.07 53.36 -22.81
CA ASP F 85 4.62 53.36 -22.87
C ASP F 85 4.09 52.01 -23.30
N VAL F 86 4.82 51.31 -24.15
CA VAL F 86 4.50 49.92 -24.47
C VAL F 86 4.55 49.07 -23.22
N VAL F 87 5.57 49.30 -22.39
CA VAL F 87 5.72 48.54 -21.15
C VAL F 87 4.57 48.83 -20.19
N TYR F 88 4.16 50.10 -20.08
CA TYR F 88 3.05 50.43 -19.17
C TYR F 88 1.74 49.86 -19.67
N ALA F 89 1.53 49.86 -20.98
CA ALA F 89 0.32 49.26 -21.52
C ALA F 89 0.28 47.76 -21.27
N LEU F 90 1.42 47.09 -21.41
CA LEU F 90 1.46 45.66 -21.14
C LEU F 90 1.30 45.37 -19.65
N LYS F 91 1.79 46.26 -18.79
CA LYS F 91 1.59 46.09 -17.36
C LYS F 91 0.12 46.24 -17.01
N ARG F 92 -0.57 47.16 -17.65
CA ARG F 92 -2.00 47.31 -17.40
C ARG F 92 -2.79 46.13 -17.93
N GLN F 93 -2.38 45.57 -19.06
CA GLN F 93 -3.05 44.37 -19.54
C GLN F 93 -2.74 43.15 -18.69
N GLY F 94 -1.63 43.15 -17.98
CA GLY F 94 -1.28 42.01 -17.16
C GLY F 94 -0.34 41.06 -17.85
N ARG F 95 0.75 41.57 -18.39
CA ARG F 95 1.77 40.72 -18.99
C ARG F 95 3.15 40.95 -18.42
N THR F 96 3.53 42.21 -18.16
CA THR F 96 4.71 42.61 -17.40
C THR F 96 6.00 42.07 -18.04
N LEU F 97 6.27 42.61 -19.22
CA LEU F 97 7.50 42.26 -19.93
C LEU F 97 8.72 42.75 -19.18
N TYR F 98 9.73 41.91 -19.07
CA TYR F 98 11.02 42.31 -18.51
C TYR F 98 12.04 42.52 -19.63
N GLY F 99 13.00 43.39 -19.37
CA GLY F 99 14.12 43.58 -20.26
C GLY F 99 14.18 44.91 -20.97
N PHE F 100 13.34 45.87 -20.60
CA PHE F 100 13.35 47.18 -21.25
C PHE F 100 13.07 48.25 -20.20
N GLY F 101 13.74 49.39 -20.35
CA GLY F 101 13.51 50.53 -19.49
C GLY F 101 13.91 50.31 -18.04
N LYS G 13 -26.42 83.30 1.76
CA LYS G 13 -25.08 83.26 1.20
C LYS G 13 -24.57 81.83 1.07
N ALA G 14 -25.19 80.93 1.82
CA ALA G 14 -24.76 79.54 1.88
C ALA G 14 -25.15 78.83 0.58
N LYS G 15 -24.16 78.49 -0.23
CA LYS G 15 -24.39 77.77 -1.48
C LYS G 15 -23.39 76.63 -1.57
N THR G 16 -23.89 75.40 -1.62
CA THR G 16 -23.04 74.26 -1.83
C THR G 16 -22.54 74.24 -3.26
N ARG G 17 -21.46 73.51 -3.48
CA ARG G 17 -20.95 73.37 -4.83
C ARG G 17 -21.85 72.49 -5.68
N SER G 18 -22.57 71.57 -5.04
CA SER G 18 -23.55 70.75 -5.75
C SER G 18 -24.67 71.61 -6.32
N SER G 19 -25.07 72.65 -5.57
CA SER G 19 -25.99 73.64 -6.10
C SER G 19 -25.34 74.42 -7.23
N ARG G 20 -24.11 74.87 -7.03
CA ARG G 20 -23.45 75.76 -7.97
C ARG G 20 -22.92 75.04 -9.20
N ALA G 21 -23.10 73.74 -9.30
CA ALA G 21 -22.87 73.02 -10.54
C ALA G 21 -24.08 72.23 -10.99
N GLY G 22 -25.13 72.16 -10.18
CA GLY G 22 -26.34 71.46 -10.55
C GLY G 22 -26.17 69.96 -10.63
N LEU G 23 -25.87 69.33 -9.49
CA LEU G 23 -25.67 67.89 -9.44
C LEU G 23 -26.41 67.34 -8.24
N GLN G 24 -26.13 66.11 -7.90
CA GLN G 24 -26.73 65.47 -6.74
C GLN G 24 -25.72 64.94 -5.74
N PHE G 25 -24.61 64.38 -6.22
CA PHE G 25 -23.60 63.87 -5.32
C PHE G 25 -22.84 65.01 -4.66
N PRO G 26 -22.47 64.88 -3.39
CA PRO G 26 -21.75 65.96 -2.73
C PRO G 26 -20.32 66.03 -3.23
N VAL G 27 -19.75 67.23 -3.22
CA VAL G 27 -18.44 67.44 -3.81
C VAL G 27 -17.43 67.62 -2.69
N GLY G 28 -17.87 68.19 -1.57
CA GLY G 28 -16.98 68.42 -0.46
C GLY G 28 -16.48 67.14 0.17
N ARG G 29 -17.35 66.15 0.30
CA ARG G 29 -16.96 64.86 0.83
C ARG G 29 -15.99 64.16 -0.10
N VAL G 30 -16.21 64.28 -1.41
CA VAL G 30 -15.31 63.67 -2.39
C VAL G 30 -13.94 64.34 -2.34
N HIS G 31 -13.93 65.66 -2.17
CA HIS G 31 -12.66 66.37 -2.08
C HIS G 31 -11.93 66.01 -0.80
N ARG G 32 -12.67 65.80 0.30
CA ARG G 32 -12.07 65.37 1.54
C ARG G 32 -11.48 63.97 1.41
N LEU G 33 -12.17 63.07 0.71
CA LEU G 33 -11.66 61.73 0.56
C LEU G 33 -10.48 61.69 -0.40
N LEU G 34 -10.43 62.59 -1.37
CA LEU G 34 -9.26 62.67 -2.22
C LEU G 34 -8.04 63.16 -1.46
N ARG G 35 -8.23 64.14 -0.57
CA ARG G 35 -7.10 64.63 0.19
C ARG G 35 -6.63 63.60 1.22
N LYS G 36 -7.58 62.98 1.92
CA LYS G 36 -7.23 62.09 3.01
C LYS G 36 -6.64 60.78 2.53
N GLY G 37 -7.03 60.35 1.32
CA GLY G 37 -6.65 59.03 0.85
C GLY G 37 -5.20 58.90 0.42
N ASN G 38 -4.44 60.00 0.41
CA ASN G 38 -3.01 60.02 0.05
C ASN G 38 -2.77 59.48 -1.36
N TYR G 39 -3.62 59.86 -2.29
CA TYR G 39 -3.41 59.44 -3.67
C TYR G 39 -2.29 60.23 -4.31
N ALA G 40 -2.24 61.53 -4.05
CA ALA G 40 -1.13 62.35 -4.47
C ALA G 40 -1.01 63.53 -3.52
N GLU G 41 -0.05 64.40 -3.82
CA GLU G 41 0.28 65.50 -2.92
C GLU G 41 -0.75 66.61 -2.99
N ARG G 42 -0.90 67.22 -4.16
CA ARG G 42 -1.71 68.41 -4.32
C ARG G 42 -2.94 68.09 -5.15
N VAL G 43 -4.07 68.65 -4.76
CA VAL G 43 -5.35 68.39 -5.40
C VAL G 43 -5.78 69.63 -6.15
N GLY G 44 -6.19 69.46 -7.41
CA GLY G 44 -6.76 70.54 -8.17
C GLY G 44 -8.16 70.93 -7.73
N ALA G 45 -8.87 71.70 -8.55
CA ALA G 45 -10.19 72.18 -8.15
C ALA G 45 -11.33 71.57 -8.95
N GLY G 46 -11.18 71.39 -10.26
CA GLY G 46 -12.26 70.81 -11.04
C GLY G 46 -12.35 69.31 -10.98
N ALA G 47 -11.32 68.67 -10.42
CA ALA G 47 -11.28 67.22 -10.35
C ALA G 47 -12.43 66.57 -9.58
N PRO G 48 -12.80 67.00 -8.36
CA PRO G 48 -13.94 66.33 -7.71
C PRO G 48 -15.26 66.60 -8.40
N VAL G 49 -15.39 67.75 -9.06
CA VAL G 49 -16.60 68.05 -9.83
C VAL G 49 -16.74 67.08 -10.99
N TYR G 50 -15.65 66.90 -11.74
CA TYR G 50 -15.63 66.01 -12.87
C TYR G 50 -15.91 64.56 -12.45
N LEU G 51 -15.34 64.17 -11.32
CA LEU G 51 -15.50 62.80 -10.85
C LEU G 51 -16.92 62.54 -10.34
N ALA G 52 -17.51 63.52 -9.65
CA ALA G 52 -18.87 63.36 -9.16
C ALA G 52 -19.86 63.29 -10.30
N ALA G 53 -19.59 64.03 -11.38
CA ALA G 53 -20.39 63.92 -12.60
C ALA G 53 -20.35 62.50 -13.17
N VAL G 54 -19.14 61.92 -13.25
CA VAL G 54 -18.99 60.58 -13.82
C VAL G 54 -19.72 59.54 -12.98
N LEU G 55 -19.62 59.66 -11.66
CA LEU G 55 -20.27 58.70 -10.78
C LEU G 55 -21.79 58.79 -10.88
N GLU G 56 -22.32 60.02 -10.94
CA GLU G 56 -23.76 60.19 -11.04
C GLU G 56 -24.31 59.64 -12.34
N TYR G 57 -23.53 59.80 -13.43
CA TYR G 57 -23.91 59.23 -14.72
C TYR G 57 -24.01 57.71 -14.66
N LEU G 58 -22.99 57.06 -14.09
CA LEU G 58 -22.98 55.59 -14.08
C LEU G 58 -24.09 55.03 -13.19
N THR G 59 -24.33 55.68 -12.06
CA THR G 59 -25.40 55.24 -11.16
C THR G 59 -26.76 55.36 -11.85
N ALA G 60 -26.99 56.47 -12.56
CA ALA G 60 -28.24 56.63 -13.29
C ALA G 60 -28.41 55.57 -14.37
N GLU G 61 -27.31 55.21 -15.02
CA GLU G 61 -27.35 54.16 -16.05
C GLU G 61 -27.80 52.82 -15.47
N ILE G 62 -27.21 52.43 -14.34
CA ILE G 62 -27.53 51.13 -13.75
C ILE G 62 -28.97 51.10 -13.25
N LEU G 63 -29.42 52.17 -12.60
CA LEU G 63 -30.78 52.17 -12.07
C LEU G 63 -31.83 52.18 -13.19
N GLU G 64 -31.53 52.86 -14.30
CA GLU G 64 -32.48 52.87 -15.39
C GLU G 64 -32.56 51.51 -16.06
N LEU G 65 -31.43 50.81 -16.17
CA LEU G 65 -31.50 49.47 -16.73
C LEU G 65 -32.18 48.49 -15.78
N ALA G 66 -32.15 48.75 -14.49
CA ALA G 66 -32.84 47.85 -13.56
C ALA G 66 -34.34 48.05 -13.54
N GLY G 67 -34.79 49.30 -13.66
CA GLY G 67 -36.20 49.61 -13.46
C GLY G 67 -37.12 48.97 -14.48
N ASN G 68 -36.64 48.74 -15.70
CA ASN G 68 -37.48 48.15 -16.72
C ASN G 68 -37.73 46.67 -16.44
N ALA G 69 -36.71 45.96 -15.98
CA ALA G 69 -36.92 44.58 -15.57
C ALA G 69 -37.80 44.49 -14.33
N ALA G 70 -37.71 45.48 -13.45
CA ALA G 70 -38.63 45.54 -12.31
C ALA G 70 -40.06 45.74 -12.76
N ARG G 71 -40.27 46.51 -13.83
CA ARG G 71 -41.60 46.61 -14.43
C ARG G 71 -42.02 45.28 -15.04
N ASP G 72 -41.07 44.58 -15.66
CA ASP G 72 -41.39 43.35 -16.37
C ASP G 72 -41.84 42.25 -15.42
N ASN G 73 -41.24 42.18 -14.24
CA ASN G 73 -41.71 41.20 -13.26
C ASN G 73 -42.76 41.77 -12.33
N LYS G 74 -43.27 42.96 -12.64
CA LYS G 74 -44.44 43.55 -12.02
C LYS G 74 -44.23 43.79 -10.52
N LYS G 75 -43.15 44.48 -10.21
CA LYS G 75 -42.81 44.78 -8.82
C LYS G 75 -42.64 46.27 -8.64
N THR G 76 -43.02 46.75 -7.46
CA THR G 76 -42.92 48.15 -7.11
C THR G 76 -41.62 48.48 -6.41
N ARG G 77 -40.65 47.57 -6.43
CA ARG G 77 -39.50 47.66 -5.55
C ARG G 77 -38.44 46.72 -6.10
N ILE G 78 -37.19 46.96 -5.72
CA ILE G 78 -36.04 46.35 -6.38
C ILE G 78 -35.34 45.38 -5.44
N ILE G 79 -35.10 44.17 -5.92
CA ILE G 79 -34.34 43.15 -5.21
C ILE G 79 -33.19 42.75 -6.11
N PRO G 80 -32.07 42.24 -5.56
CA PRO G 80 -30.83 42.12 -6.33
C PRO G 80 -30.86 41.15 -7.52
N ARG G 81 -31.88 40.31 -7.66
CA ARG G 81 -32.00 39.52 -8.87
C ARG G 81 -32.13 40.40 -10.10
N HIS G 82 -32.85 41.51 -9.96
CA HIS G 82 -32.98 42.46 -11.05
C HIS G 82 -31.65 43.10 -11.40
N LEU G 83 -30.82 43.37 -10.39
CA LEU G 83 -29.52 43.95 -10.66
C LEU G 83 -28.62 42.97 -11.40
N GLN G 84 -28.66 41.70 -10.99
CA GLN G 84 -27.89 40.67 -11.67
C GLN G 84 -28.31 40.53 -13.13
N LEU G 85 -29.62 40.56 -13.38
CA LEU G 85 -30.11 40.49 -14.76
C LEU G 85 -29.70 41.70 -15.56
N ALA G 86 -29.84 42.89 -14.99
CA ALA G 86 -29.57 44.13 -15.70
C ALA G 86 -28.09 44.26 -16.04
N VAL G 87 -27.21 43.80 -15.16
CA VAL G 87 -25.79 43.87 -15.47
C VAL G 87 -25.41 42.79 -16.49
N ARG G 88 -25.84 41.55 -16.28
CA ARG G 88 -25.38 40.49 -17.16
C ARG G 88 -26.04 40.50 -18.53
N ASN G 89 -27.14 41.22 -18.71
CA ASN G 89 -27.74 41.28 -20.04
C ASN G 89 -26.98 42.19 -20.98
N ASP G 90 -26.39 43.27 -20.46
CA ASP G 90 -25.66 44.19 -21.30
C ASP G 90 -24.34 43.57 -21.77
N GLU G 91 -23.72 44.22 -22.75
CA GLU G 91 -22.37 43.83 -23.17
C GLU G 91 -21.30 44.62 -22.44
N GLU G 92 -21.36 45.96 -22.50
CA GLU G 92 -20.25 46.77 -22.03
C GLU G 92 -20.17 46.83 -20.52
N LEU G 93 -21.31 46.88 -19.84
CA LEU G 93 -21.30 46.77 -18.39
C LEU G 93 -20.84 45.41 -17.94
N ASN G 94 -21.15 44.37 -18.71
CA ASN G 94 -20.61 43.05 -18.44
C ASN G 94 -19.11 43.02 -18.61
N LYS G 95 -18.60 43.77 -19.60
CA LYS G 95 -17.17 43.86 -19.80
C LYS G 95 -16.49 44.61 -18.67
N LEU G 96 -17.17 45.62 -18.12
CA LEU G 96 -16.62 46.34 -16.97
C LEU G 96 -16.62 45.46 -15.73
N LEU G 97 -17.77 44.91 -15.38
CA LEU G 97 -17.88 44.03 -14.22
C LEU G 97 -17.58 42.60 -14.65
N GLY G 98 -16.31 42.39 -15.01
CA GLY G 98 -15.90 41.07 -15.47
C GLY G 98 -15.85 40.06 -14.34
N ARG G 99 -15.17 40.40 -13.26
CA ARG G 99 -15.00 39.49 -12.13
C ARG G 99 -15.52 40.18 -10.89
N VAL G 100 -16.84 40.12 -10.71
CA VAL G 100 -17.51 40.66 -9.55
C VAL G 100 -18.64 39.71 -9.21
N THR G 101 -18.68 39.23 -7.97
CA THR G 101 -19.73 38.36 -7.51
C THR G 101 -20.76 39.19 -6.77
N ILE G 102 -22.04 38.95 -7.07
CA ILE G 102 -23.14 39.66 -6.46
C ILE G 102 -23.90 38.68 -5.59
N ALA G 103 -24.14 39.07 -4.34
CA ALA G 103 -24.94 38.24 -3.44
C ALA G 103 -26.37 38.15 -3.96
N GLN G 104 -27.01 37.01 -3.67
CA GLN G 104 -28.37 36.68 -4.08
C GLN G 104 -28.56 36.75 -5.60
N GLY G 105 -27.51 36.45 -6.35
CA GLY G 105 -27.51 36.72 -7.77
C GLY G 105 -28.25 35.73 -8.63
N GLY G 106 -27.79 34.49 -8.67
CA GLY G 106 -28.28 33.54 -9.64
C GLY G 106 -27.63 33.74 -10.99
N VAL G 107 -28.08 32.93 -11.95
CA VAL G 107 -27.47 32.93 -13.27
C VAL G 107 -28.50 33.35 -14.30
N LEU G 108 -28.02 33.58 -15.50
CA LEU G 108 -28.92 33.80 -16.62
C LEU G 108 -29.48 32.45 -17.07
N PRO G 109 -30.75 32.42 -17.50
CA PRO G 109 -31.32 31.17 -18.04
C PRO G 109 -30.63 30.81 -19.35
N ASN G 110 -30.02 29.63 -19.38
CA ASN G 110 -29.21 29.22 -20.52
C ASN G 110 -29.16 27.71 -20.56
N ILE G 111 -29.50 27.14 -21.70
CA ILE G 111 -29.43 25.71 -21.95
C ILE G 111 -28.78 25.52 -23.31
N GLN G 112 -27.81 24.61 -23.39
CA GLN G 112 -27.15 24.30 -24.64
C GLN G 112 -28.11 23.64 -25.63
N SER G 113 -27.71 23.63 -26.89
CA SER G 113 -28.62 23.22 -27.96
C SER G 113 -28.76 21.71 -28.03
N VAL G 114 -27.65 20.99 -28.02
CA VAL G 114 -27.66 19.57 -28.33
C VAL G 114 -28.28 18.71 -27.24
N LEU G 115 -28.54 19.27 -26.07
CA LEU G 115 -29.23 18.52 -25.04
C LEU G 115 -30.73 18.52 -25.26
N LEU G 116 -31.24 19.41 -26.10
CA LEU G 116 -32.66 19.48 -26.35
C LEU G 116 -33.09 18.32 -27.23
N PRO G 117 -34.18 17.62 -26.91
CA PRO G 117 -34.59 16.41 -27.62
C PRO G 117 -35.08 16.66 -29.03
N LYS H 28 -24.49 54.51 18.83
CA LYS H 28 -24.15 55.80 19.41
C LYS H 28 -22.89 56.37 18.79
N THR H 29 -22.75 56.21 17.48
CA THR H 29 -21.66 56.78 16.74
C THR H 29 -22.16 57.10 15.33
N ARG H 30 -21.32 57.79 14.57
CA ARG H 30 -21.72 58.18 13.23
C ARG H 30 -21.23 57.19 12.21
N LYS H 31 -21.70 57.36 10.98
CA LYS H 31 -21.38 56.46 9.87
C LYS H 31 -21.69 57.18 8.57
N GLU H 32 -20.84 56.99 7.58
CA GLU H 32 -21.02 57.61 6.28
C GLU H 32 -21.42 56.58 5.24
N SER H 33 -22.32 56.98 4.35
CA SER H 33 -22.83 56.10 3.30
C SER H 33 -23.40 56.98 2.20
N TYR H 34 -23.88 56.34 1.15
CA TYR H 34 -24.39 57.03 -0.02
C TYR H 34 -25.85 56.66 -0.27
N ALA H 35 -26.66 56.62 0.78
CA ALA H 35 -28.03 56.15 0.62
C ALA H 35 -28.91 57.19 -0.06
N ILE H 36 -28.95 58.39 0.51
CA ILE H 36 -29.89 59.42 0.09
C ILE H 36 -29.65 59.87 -1.34
N TYR H 37 -28.41 59.80 -1.80
CA TYR H 37 -28.09 60.32 -3.12
C TYR H 37 -28.55 59.38 -4.20
N VAL H 38 -28.30 58.08 -4.00
CA VAL H 38 -28.86 57.05 -4.87
C VAL H 38 -30.37 57.11 -4.86
N TYR H 39 -30.94 57.38 -3.69
CA TYR H 39 -32.40 57.48 -3.58
C TYR H 39 -32.94 58.65 -4.38
N LYS H 40 -32.25 59.78 -4.37
CA LYS H 40 -32.70 60.94 -5.14
C LYS H 40 -32.57 60.70 -6.64
N VAL H 41 -31.48 60.07 -7.07
CA VAL H 41 -31.32 59.79 -8.50
C VAL H 41 -32.36 58.76 -8.95
N LEU H 42 -32.72 57.84 -8.06
CA LEU H 42 -33.80 56.92 -8.36
C LEU H 42 -35.13 57.63 -8.49
N LYS H 43 -35.41 58.59 -7.61
CA LYS H 43 -36.67 59.32 -7.71
C LYS H 43 -36.70 60.22 -8.93
N GLN H 44 -35.54 60.63 -9.44
CA GLN H 44 -35.51 61.31 -10.72
C GLN H 44 -35.90 60.36 -11.86
N VAL H 45 -35.16 59.27 -12.02
CA VAL H 45 -35.32 58.49 -13.24
C VAL H 45 -36.54 57.58 -13.21
N HIS H 46 -37.07 57.29 -12.03
CA HIS H 46 -38.31 56.51 -11.90
C HIS H 46 -39.05 57.10 -10.72
N PRO H 47 -40.07 57.88 -10.97
CA PRO H 47 -40.70 58.62 -9.88
C PRO H 47 -41.72 57.82 -9.09
N ASP H 48 -41.69 56.50 -9.20
CA ASP H 48 -42.80 55.69 -8.74
C ASP H 48 -42.43 54.46 -7.93
N THR H 49 -41.17 54.05 -7.90
CA THR H 49 -40.80 52.75 -7.36
C THR H 49 -39.89 52.90 -6.15
N GLY H 50 -39.72 51.78 -5.44
CA GLY H 50 -38.92 51.74 -4.23
C GLY H 50 -37.75 50.79 -4.33
N ILE H 51 -37.09 50.53 -3.20
CA ILE H 51 -35.85 49.76 -3.21
C ILE H 51 -35.67 49.11 -1.84
N SER H 52 -35.15 47.89 -1.86
CA SER H 52 -34.78 47.20 -0.64
C SER H 52 -33.39 47.64 -0.19
N SER H 53 -33.17 47.57 1.13
CA SER H 53 -31.93 48.08 1.71
C SER H 53 -30.72 47.23 1.31
N LYS H 54 -30.95 45.96 0.98
CA LYS H 54 -29.89 45.10 0.46
C LYS H 54 -29.32 45.66 -0.84
N ALA H 55 -30.20 46.10 -1.74
CA ALA H 55 -29.75 46.73 -2.97
C ALA H 55 -29.04 48.05 -2.69
N MET H 56 -29.44 48.75 -1.65
CA MET H 56 -28.75 49.98 -1.27
C MET H 56 -27.32 49.69 -0.84
N SER H 57 -27.13 48.61 -0.09
CA SER H 57 -25.78 48.20 0.31
C SER H 57 -24.94 47.82 -0.90
N ILE H 58 -25.55 47.14 -1.87
CA ILE H 58 -24.83 46.75 -3.07
C ILE H 58 -24.40 47.97 -3.87
N MET H 59 -25.28 48.96 -4.00
CA MET H 59 -24.92 50.16 -4.73
C MET H 59 -23.83 50.95 -4.01
N ASN H 60 -23.87 50.95 -2.69
CA ASN H 60 -22.84 51.62 -1.91
C ASN H 60 -21.47 51.01 -2.16
N SER H 61 -21.39 49.68 -2.15
CA SER H 61 -20.14 48.99 -2.42
C SER H 61 -19.66 49.24 -3.84
N PHE H 62 -20.61 49.31 -4.77
CA PHE H 62 -20.29 49.56 -6.18
C PHE H 62 -19.62 50.91 -6.37
N VAL H 63 -20.21 51.94 -5.77
CA VAL H 63 -19.69 53.29 -5.93
C VAL H 63 -18.31 53.40 -5.31
N ASN H 64 -18.12 52.79 -4.13
CA ASN H 64 -16.80 52.85 -3.50
C ASN H 64 -15.74 52.13 -4.34
N ASP H 65 -16.13 51.03 -4.98
CA ASP H 65 -15.24 50.31 -5.88
C ASP H 65 -14.76 51.19 -7.02
N VAL H 66 -15.70 51.80 -7.75
CA VAL H 66 -15.34 52.57 -8.93
C VAL H 66 -14.54 53.80 -8.56
N PHE H 67 -14.88 54.40 -7.42
CA PHE H 67 -14.15 55.56 -6.92
C PHE H 67 -12.69 55.24 -6.66
N GLU H 68 -12.43 54.14 -5.94
CA GLU H 68 -11.05 53.82 -5.61
C GLU H 68 -10.25 53.41 -6.83
N ARG H 69 -10.90 52.73 -7.78
CA ARG H 69 -10.19 52.32 -8.99
C ARG H 69 -9.76 53.52 -9.82
N ILE H 70 -10.65 54.49 -10.01
CA ILE H 70 -10.31 55.67 -10.80
C ILE H 70 -9.24 56.49 -10.10
N ALA H 71 -9.34 56.65 -8.78
CA ALA H 71 -8.37 57.47 -8.07
C ALA H 71 -6.97 56.86 -8.11
N GLY H 72 -6.87 55.54 -7.96
CA GLY H 72 -5.57 54.91 -8.02
C GLY H 72 -4.95 54.99 -9.40
N GLU H 73 -5.78 54.85 -10.44
CA GLU H 73 -5.26 54.98 -11.80
C GLU H 73 -4.75 56.38 -12.09
N ALA H 74 -5.47 57.40 -11.63
CA ALA H 74 -5.03 58.77 -11.86
C ALA H 74 -3.76 59.07 -11.11
N SER H 75 -3.59 58.48 -9.92
CA SER H 75 -2.37 58.71 -9.16
C SER H 75 -1.16 58.09 -9.85
N ARG H 76 -1.32 56.88 -10.38
CA ARG H 76 -0.21 56.27 -11.10
C ARG H 76 0.08 56.98 -12.41
N LEU H 77 -0.92 57.63 -13.00
CA LEU H 77 -0.65 58.49 -14.14
C LEU H 77 0.22 59.67 -13.75
N ALA H 78 -0.20 60.40 -12.71
CA ALA H 78 0.48 61.63 -12.36
C ALA H 78 1.88 61.39 -11.82
N HIS H 79 2.15 60.19 -11.30
CA HIS H 79 3.52 59.94 -10.85
C HIS H 79 4.48 59.78 -12.01
N TYR H 80 4.04 59.23 -13.13
CA TYR H 80 4.94 58.88 -14.21
C TYR H 80 5.49 60.09 -14.93
N ASN H 81 4.85 61.24 -14.79
CA ASN H 81 5.32 62.44 -15.45
C ASN H 81 5.94 63.42 -14.48
N LYS H 82 6.11 62.99 -13.22
CA LYS H 82 6.86 63.71 -12.19
C LYS H 82 6.26 65.08 -11.89
N ARG H 83 4.94 65.18 -11.99
CA ARG H 83 4.21 66.38 -11.65
C ARG H 83 3.27 66.06 -10.50
N SER H 84 3.20 66.93 -9.52
CA SER H 84 2.68 66.57 -8.19
C SER H 84 1.27 67.06 -7.94
N THR H 85 0.40 67.10 -8.95
CA THR H 85 -0.94 67.59 -8.74
C THR H 85 -1.91 66.85 -9.65
N ILE H 86 -3.04 66.42 -9.10
CA ILE H 86 -4.10 65.77 -9.87
C ILE H 86 -5.02 66.84 -10.43
N THR H 87 -5.28 66.78 -11.72
CA THR H 87 -6.21 67.69 -12.37
C THR H 87 -7.33 66.94 -13.05
N SER H 88 -8.28 67.74 -13.54
CA SER H 88 -9.40 67.21 -14.30
C SER H 88 -8.94 66.53 -15.58
N ARG H 89 -7.86 67.02 -16.18
CA ARG H 89 -7.29 66.38 -17.35
C ARG H 89 -6.78 64.99 -17.03
N GLU H 90 -6.17 64.83 -15.86
CA GLU H 90 -5.72 63.52 -15.41
C GLU H 90 -6.89 62.60 -15.19
N ILE H 91 -7.97 63.11 -14.60
CA ILE H 91 -9.15 62.29 -14.40
C ILE H 91 -9.75 61.87 -15.73
N GLN H 92 -9.74 62.78 -16.71
CA GLN H 92 -10.24 62.47 -18.05
C GLN H 92 -9.45 61.37 -18.72
N THR H 93 -8.12 61.43 -18.63
CA THR H 93 -7.29 60.41 -19.24
C THR H 93 -7.45 59.07 -18.53
N ALA H 94 -7.67 59.11 -17.21
CA ALA H 94 -7.94 57.89 -16.47
C ALA H 94 -9.24 57.25 -16.90
N VAL H 95 -10.27 58.07 -17.13
CA VAL H 95 -11.55 57.55 -17.59
C VAL H 95 -11.42 56.94 -18.98
N ARG H 96 -10.67 57.60 -19.86
CA ARG H 96 -10.48 57.07 -21.21
C ARG H 96 -9.70 55.78 -21.22
N LEU H 97 -8.76 55.59 -20.30
CA LEU H 97 -8.11 54.29 -20.21
C LEU H 97 -9.04 53.24 -19.63
N LEU H 98 -9.81 53.60 -18.62
CA LEU H 98 -10.51 52.57 -17.86
C LEU H 98 -11.77 52.08 -18.56
N LEU H 99 -12.48 52.94 -19.23
CA LEU H 99 -13.78 52.43 -19.64
C LEU H 99 -13.76 51.99 -21.09
N PRO H 100 -14.66 51.08 -21.50
CA PRO H 100 -14.88 50.86 -22.93
C PRO H 100 -15.53 52.08 -23.55
N GLY H 101 -15.40 52.16 -24.88
CA GLY H 101 -15.45 53.45 -25.56
C GLY H 101 -16.81 54.11 -25.60
N GLU H 102 -17.86 53.34 -25.89
CA GLU H 102 -19.16 53.94 -26.13
C GLU H 102 -19.77 54.49 -24.85
N LEU H 103 -19.42 53.91 -23.72
CA LEU H 103 -19.79 54.51 -22.46
C LEU H 103 -18.88 55.68 -22.12
N ALA H 104 -17.63 55.59 -22.57
CA ALA H 104 -16.62 56.57 -22.22
C ALA H 104 -16.91 57.92 -22.86
N LYS H 105 -17.44 57.91 -24.08
CA LYS H 105 -17.72 59.17 -24.78
C LYS H 105 -18.82 59.95 -24.09
N HIS H 106 -19.89 59.27 -23.69
CA HIS H 106 -20.97 59.90 -22.97
C HIS H 106 -20.52 60.39 -21.61
N ALA H 107 -19.65 59.62 -20.94
CA ALA H 107 -19.16 60.04 -19.63
C ALA H 107 -18.27 61.26 -19.72
N VAL H 108 -17.39 61.30 -20.73
CA VAL H 108 -16.50 62.45 -20.93
C VAL H 108 -17.31 63.70 -21.25
N SER H 109 -18.32 63.55 -22.11
CA SER H 109 -19.17 64.69 -22.47
C SER H 109 -19.91 65.22 -21.25
N GLU H 110 -20.43 64.31 -20.42
CA GLU H 110 -21.14 64.68 -19.20
C GLU H 110 -20.24 65.45 -18.25
N GLY H 111 -19.03 64.94 -18.02
CA GLY H 111 -18.13 65.60 -17.09
C GLY H 111 -17.66 66.95 -17.59
N THR H 112 -17.41 67.06 -18.89
CA THR H 112 -16.94 68.32 -19.45
C THR H 112 -18.02 69.39 -19.38
N LYS H 113 -19.26 69.00 -19.67
CA LYS H 113 -20.38 69.92 -19.56
C LYS H 113 -20.60 70.37 -18.12
N ALA H 114 -20.39 69.46 -17.16
CA ALA H 114 -20.56 69.82 -15.76
C ALA H 114 -19.48 70.79 -15.30
N VAL H 115 -18.25 70.58 -15.76
CA VAL H 115 -17.16 71.49 -15.44
C VAL H 115 -17.41 72.87 -16.02
N THR H 116 -17.92 72.91 -17.25
CA THR H 116 -18.23 74.18 -17.89
C THR H 116 -19.32 74.94 -17.15
N CYS H 117 -20.38 74.24 -16.76
CA CYS H 117 -21.46 74.87 -16.01
C CYS H 117 -21.02 75.32 -14.63
N TYR H 118 -20.05 74.63 -14.03
CA TYR H 118 -19.55 75.12 -12.76
C TYR H 118 -18.62 76.31 -12.93
N THR H 119 -17.87 76.36 -14.02
CA THR H 119 -17.04 77.53 -14.27
C THR H 119 -17.85 78.73 -14.72
N SER H 120 -19.07 78.53 -15.19
CA SER H 120 -19.92 79.65 -15.56
C SER H 120 -20.28 80.48 -14.33
N ALA H 121 -20.86 79.84 -13.32
CA ALA H 121 -21.22 80.51 -12.06
C ALA H 121 -20.14 80.31 -11.01
N LYS H 122 -18.88 80.32 -11.46
CA LYS H 122 -17.72 80.18 -10.59
C LYS H 122 -17.63 81.30 -9.57
N ASN K 12 -4.49 -19.85 11.52
CA ASN K 12 -4.42 -18.59 12.24
C ASN K 12 -5.61 -17.70 11.87
N TYR K 13 -5.51 -16.95 10.78
CA TYR K 13 -6.70 -16.24 10.33
C TYR K 13 -7.44 -17.10 9.30
N PRO K 14 -8.67 -17.49 9.63
CA PRO K 14 -9.37 -18.50 8.81
C PRO K 14 -9.86 -17.92 7.50
N GLU K 15 -9.68 -18.68 6.42
CA GLU K 15 -9.87 -18.12 5.08
C GLU K 15 -11.03 -18.74 4.32
N GLU K 16 -11.02 -20.05 4.06
CA GLU K 16 -11.88 -20.60 3.03
C GLU K 16 -13.04 -21.38 3.64
N ALA K 17 -13.72 -22.13 2.76
CA ALA K 17 -15.13 -22.49 2.94
C ALA K 17 -15.37 -23.40 4.14
N ASP K 18 -14.68 -24.55 4.18
CA ASP K 18 -14.60 -25.49 5.31
C ASP K 18 -15.92 -26.22 5.59
N GLY K 19 -16.99 -25.87 4.90
CA GLY K 19 -18.24 -26.57 5.10
C GLY K 19 -18.97 -26.05 6.32
N THR K 20 -19.66 -26.95 7.01
CA THR K 20 -20.60 -26.58 8.06
C THR K 20 -20.95 -27.82 8.87
N LEU K 21 -21.69 -27.58 9.97
CA LEU K 21 -22.40 -28.62 10.71
C LEU K 21 -23.82 -28.09 10.91
N ASP K 22 -24.67 -28.26 9.91
CA ASP K 22 -26.06 -27.80 10.03
C ASP K 22 -26.97 -28.94 10.47
N CYS K 23 -26.60 -29.60 11.56
CA CYS K 23 -27.34 -30.75 12.03
C CYS K 23 -28.62 -30.37 12.75
N ILE K 24 -28.67 -29.18 13.35
CA ILE K 24 -29.82 -28.74 14.14
C ILE K 24 -30.27 -27.39 13.61
N SER K 25 -31.56 -27.29 13.29
CA SER K 25 -32.15 -26.08 12.75
C SER K 25 -32.57 -25.12 13.86
N MET K 26 -33.09 -23.96 13.45
CA MET K 26 -33.69 -22.94 14.34
C MET K 26 -32.73 -22.41 15.39
N ALA K 27 -31.44 -22.42 15.08
CA ALA K 27 -30.41 -22.04 16.05
C ALA K 27 -30.49 -20.55 16.37
N LEU K 28 -30.44 -20.24 17.66
CA LEU K 28 -30.53 -18.86 18.13
C LEU K 28 -29.19 -18.32 18.60
N THR K 29 -28.56 -18.99 19.56
CA THR K 29 -27.32 -18.53 20.17
C THR K 29 -26.35 -19.70 20.26
N CYS K 30 -25.09 -19.38 20.53
CA CYS K 30 -24.07 -20.41 20.63
C CYS K 30 -22.97 -19.92 21.56
N THR K 31 -22.44 -20.83 22.38
CA THR K 31 -21.44 -20.48 23.37
C THR K 31 -20.43 -21.61 23.56
N PHE K 32 -19.15 -21.27 23.50
CA PHE K 32 -18.07 -22.20 23.82
C PHE K 32 -17.81 -22.16 25.33
N ASN K 33 -17.22 -23.25 25.84
CA ASN K 33 -16.98 -23.33 27.27
C ASN K 33 -15.76 -22.51 27.70
N ARG K 34 -15.25 -22.77 28.90
CA ARG K 34 -14.05 -22.09 29.38
C ARG K 34 -12.86 -22.35 28.48
N TRP K 35 -12.71 -23.59 28.01
CA TRP K 35 -11.60 -23.94 27.15
C TRP K 35 -11.94 -23.76 25.69
N GLY K 36 -13.13 -23.25 25.38
CA GLY K 36 -13.59 -23.14 24.02
C GLY K 36 -14.08 -24.42 23.40
N THR K 37 -13.98 -25.54 24.12
CA THR K 37 -14.04 -26.87 23.52
C THR K 37 -15.45 -27.47 23.47
N LEU K 38 -16.39 -26.94 24.23
CA LEU K 38 -17.77 -27.41 24.13
C LEU K 38 -18.61 -26.39 23.37
N LEU K 39 -19.88 -26.73 23.16
CA LEU K 39 -20.79 -25.82 22.48
C LEU K 39 -22.22 -26.12 22.90
N ALA K 40 -22.93 -25.09 23.35
CA ALA K 40 -24.35 -25.18 23.64
C ALA K 40 -25.10 -24.24 22.72
N VAL K 41 -26.16 -24.73 22.10
CA VAL K 41 -27.02 -23.92 21.24
C VAL K 41 -28.45 -24.05 21.74
N GLY K 42 -28.96 -22.98 22.34
CA GLY K 42 -30.39 -22.85 22.52
C GLY K 42 -31.02 -22.44 21.20
N CYS K 43 -32.17 -23.04 20.91
CA CYS K 43 -32.83 -22.87 19.63
C CYS K 43 -34.16 -22.19 19.86
N ASN K 44 -35.00 -22.18 18.80
CA ASN K 44 -36.36 -21.66 18.91
C ASN K 44 -37.15 -22.41 19.99
N ASP K 45 -36.99 -23.72 20.06
CA ASP K 45 -37.52 -24.46 21.19
C ASP K 45 -36.64 -24.35 22.42
N GLY K 46 -35.36 -24.04 22.26
CA GLY K 46 -34.46 -23.93 23.39
C GLY K 46 -34.09 -25.25 24.01
N ARG K 47 -33.34 -26.06 23.28
CA ARG K 47 -32.83 -27.33 23.77
C ARG K 47 -31.37 -27.19 24.18
N ILE K 48 -30.90 -28.16 24.95
CA ILE K 48 -29.52 -28.20 25.42
C ILE K 48 -28.79 -29.15 24.48
N VAL K 49 -28.21 -28.60 23.41
CA VAL K 49 -27.60 -29.40 22.37
C VAL K 49 -26.10 -29.19 22.44
N ILE K 50 -25.34 -30.30 22.49
CA ILE K 50 -23.92 -30.28 22.79
C ILE K 50 -23.19 -30.98 21.65
N TRP K 51 -21.98 -30.51 21.33
CA TRP K 51 -21.20 -31.09 20.26
C TRP K 51 -19.80 -31.49 20.72
N ASP K 52 -19.16 -32.26 19.86
CA ASP K 52 -17.72 -32.47 19.86
C ASP K 52 -17.16 -31.82 18.60
N PHE K 53 -15.92 -31.39 18.67
CA PHE K 53 -15.34 -30.52 17.64
C PHE K 53 -14.35 -31.21 16.73
N LEU K 54 -13.49 -32.07 17.27
CA LEU K 54 -12.55 -32.77 16.40
C LEU K 54 -13.26 -33.82 15.56
N THR K 55 -14.27 -34.46 16.13
CA THR K 55 -15.13 -35.35 15.35
C THR K 55 -16.10 -34.56 14.48
N ARG K 56 -16.33 -33.29 14.80
CA ARG K 56 -17.39 -32.46 14.25
C ARG K 56 -18.75 -33.15 14.40
N GLY K 57 -18.96 -33.75 15.57
CA GLY K 57 -20.15 -34.53 15.83
C GLY K 57 -20.91 -34.00 17.03
N ILE K 58 -22.13 -34.48 17.16
CA ILE K 58 -23.04 -34.08 18.23
C ILE K 58 -22.70 -34.87 19.48
N ALA K 59 -22.54 -34.17 20.60
CA ALA K 59 -22.25 -34.85 21.85
C ALA K 59 -23.54 -35.24 22.59
N LYS K 60 -24.44 -34.30 22.81
CA LYS K 60 -25.61 -34.55 23.65
C LYS K 60 -26.70 -33.57 23.28
N ILE K 61 -27.94 -34.06 23.26
CA ILE K 61 -29.12 -33.23 23.04
C ILE K 61 -30.05 -33.43 24.23
N ILE K 62 -30.43 -32.33 24.87
CA ILE K 62 -31.39 -32.36 25.97
C ILE K 62 -32.46 -31.31 25.70
N SER K 63 -33.71 -31.74 25.63
CA SER K 63 -34.82 -30.80 25.51
C SER K 63 -35.07 -30.12 26.85
N ALA K 64 -35.25 -28.80 26.81
CA ALA K 64 -35.42 -28.02 28.03
C ALA K 64 -36.78 -27.34 28.11
N HIS K 65 -37.15 -26.57 27.10
CA HIS K 65 -38.33 -25.71 27.19
C HIS K 65 -38.97 -25.62 25.81
N ILE K 66 -39.81 -24.61 25.61
CA ILE K 66 -40.39 -24.31 24.32
C ILE K 66 -39.95 -22.96 23.77
N HIS K 67 -39.41 -22.10 24.59
CA HIS K 67 -39.13 -20.73 24.22
C HIS K 67 -37.72 -20.59 23.66
N PRO K 68 -37.48 -19.56 22.85
CA PRO K 68 -36.10 -19.24 22.44
C PRO K 68 -35.28 -18.80 23.65
N VAL K 69 -34.32 -19.64 24.04
CA VAL K 69 -33.48 -19.36 25.19
C VAL K 69 -32.35 -18.44 24.72
N CYS K 70 -32.36 -17.19 25.20
CA CYS K 70 -31.46 -16.18 24.66
C CYS K 70 -30.07 -16.30 25.28
N SER K 71 -29.97 -16.13 26.60
CA SER K 71 -28.68 -15.97 27.27
C SER K 71 -28.20 -17.30 27.82
N LEU K 72 -26.93 -17.61 27.56
CA LEU K 72 -26.28 -18.83 28.04
C LEU K 72 -24.88 -18.49 28.50
N CYS K 73 -24.42 -19.18 29.54
CA CYS K 73 -23.05 -19.00 30.01
C CYS K 73 -22.61 -20.23 30.77
N TRP K 74 -21.34 -20.57 30.61
CA TRP K 74 -20.72 -21.72 31.27
C TRP K 74 -20.31 -21.31 32.69
N SER K 75 -19.50 -22.13 33.34
CA SER K 75 -19.07 -21.85 34.70
C SER K 75 -17.56 -21.67 34.77
N ARG K 76 -17.08 -21.43 35.98
CA ARG K 76 -15.64 -21.21 36.21
C ARG K 76 -14.84 -22.49 36.02
N ASP K 77 -15.45 -23.65 36.24
CA ASP K 77 -14.83 -24.92 35.87
C ASP K 77 -15.25 -25.39 34.48
N GLY K 78 -16.22 -24.72 33.86
CA GLY K 78 -16.79 -25.22 32.63
C GLY K 78 -17.71 -26.40 32.83
N HIS K 79 -18.45 -26.43 33.94
CA HIS K 79 -19.31 -27.56 34.26
C HIS K 79 -20.70 -27.17 34.75
N LYS K 80 -20.99 -25.89 34.92
CA LYS K 80 -22.34 -25.46 35.28
C LYS K 80 -22.79 -24.43 34.27
N LEU K 81 -24.10 -24.22 34.19
CA LEU K 81 -24.69 -23.43 33.12
C LEU K 81 -25.76 -22.51 33.68
N VAL K 82 -26.37 -21.75 32.77
CA VAL K 82 -27.41 -20.77 33.10
C VAL K 82 -28.25 -20.60 31.84
N SER K 83 -29.52 -20.25 32.01
CA SER K 83 -30.42 -20.09 30.88
C SER K 83 -31.29 -18.86 31.07
N ALA K 84 -31.86 -18.39 29.96
CA ALA K 84 -32.79 -17.26 29.98
C ALA K 84 -33.71 -17.40 28.77
N SER K 85 -34.94 -17.87 29.01
CA SER K 85 -35.94 -17.96 27.97
C SER K 85 -36.77 -16.68 27.96
N THR K 86 -37.89 -16.70 27.24
CA THR K 86 -38.77 -15.54 27.21
C THR K 86 -39.58 -15.40 28.49
N ASP K 87 -39.75 -16.47 29.25
CA ASP K 87 -40.59 -16.45 30.45
C ASP K 87 -39.78 -16.32 31.74
N ASN K 88 -38.68 -15.56 31.70
CA ASN K 88 -37.95 -15.10 32.89
C ASN K 88 -37.31 -16.25 33.67
N ILE K 89 -37.08 -17.38 33.00
CA ILE K 89 -36.59 -18.58 33.66
C ILE K 89 -35.08 -18.43 33.79
N VAL K 90 -34.64 -18.05 34.98
CA VAL K 90 -33.22 -17.77 35.24
C VAL K 90 -32.81 -18.68 36.39
N SER K 91 -32.30 -19.86 36.05
CA SER K 91 -31.77 -20.82 37.01
C SER K 91 -30.30 -21.03 36.76
N GLN K 92 -29.62 -21.62 37.74
CA GLN K 92 -28.30 -22.18 37.46
C GLN K 92 -28.51 -23.59 36.91
N TRP K 93 -27.82 -23.90 35.83
CA TRP K 93 -27.97 -25.18 35.16
C TRP K 93 -26.64 -25.92 35.23
N ASP K 94 -26.69 -27.18 34.84
CA ASP K 94 -25.58 -28.10 35.03
C ASP K 94 -25.25 -28.75 33.70
N VAL K 95 -24.07 -29.37 33.61
CA VAL K 95 -23.73 -30.18 32.45
C VAL K 95 -23.86 -31.67 32.73
N LEU K 96 -24.10 -32.06 33.97
CA LEU K 96 -24.29 -33.46 34.33
C LEU K 96 -25.74 -33.86 34.16
N SER K 97 -26.64 -33.17 34.85
CA SER K 97 -28.08 -33.37 34.71
C SER K 97 -28.79 -32.17 34.10
N GLY K 98 -28.34 -30.96 34.43
CA GLY K 98 -28.95 -29.75 33.87
C GLY K 98 -30.34 -29.51 34.39
N ASP K 99 -30.47 -29.15 35.66
CA ASP K 99 -31.77 -29.04 36.31
C ASP K 99 -31.96 -27.63 36.85
N CYS K 100 -33.24 -27.25 36.95
CA CYS K 100 -33.61 -25.90 37.36
C CYS K 100 -33.40 -25.71 38.86
N ASP K 101 -33.00 -24.49 39.23
CA ASP K 101 -32.81 -24.12 40.63
C ASP K 101 -33.65 -22.92 41.03
N GLN K 102 -33.72 -21.88 40.21
CA GLN K 102 -34.39 -20.64 40.56
C GLN K 102 -35.25 -20.19 39.39
N ARG K 103 -36.42 -19.63 39.70
CA ARG K 103 -37.31 -19.08 38.67
C ARG K 103 -38.29 -18.12 39.34
N PHE K 104 -38.21 -16.84 38.99
CA PHE K 104 -39.21 -15.88 39.45
C PHE K 104 -39.34 -14.78 38.41
N ARG K 105 -40.03 -13.70 38.78
CA ARG K 105 -40.48 -12.70 37.84
C ARG K 105 -39.35 -11.76 37.41
N PHE K 106 -39.32 -11.47 36.12
CA PHE K 106 -38.52 -10.42 35.52
C PHE K 106 -39.42 -9.79 34.46
N PRO K 107 -39.07 -8.66 33.86
CA PRO K 107 -39.75 -8.27 32.62
C PRO K 107 -39.42 -9.25 31.51
N SER K 108 -40.45 -9.66 30.77
CA SER K 108 -40.33 -10.81 29.87
C SER K 108 -39.31 -10.68 28.72
N PRO K 109 -38.91 -9.48 28.22
CA PRO K 109 -37.67 -9.45 27.43
C PRO K 109 -36.44 -9.36 28.32
N ILE K 110 -35.57 -10.37 28.23
CA ILE K 110 -34.36 -10.48 29.03
C ILE K 110 -33.17 -10.47 28.09
N LEU K 111 -32.18 -9.63 28.39
CA LEU K 111 -30.99 -9.52 27.56
C LEU K 111 -29.85 -10.41 28.06
N LYS K 112 -29.40 -10.22 29.29
CA LYS K 112 -28.14 -10.83 29.70
C LYS K 112 -28.20 -11.31 31.14
N VAL K 113 -27.69 -12.52 31.37
CA VAL K 113 -27.23 -12.94 32.68
C VAL K 113 -25.73 -13.17 32.56
N GLN K 114 -25.03 -13.06 33.69
CA GLN K 114 -23.56 -13.08 33.65
C GLN K 114 -23.02 -13.49 35.01
N TYR K 115 -22.37 -14.66 35.07
CA TYR K 115 -21.63 -15.07 36.25
C TYR K 115 -20.50 -14.10 36.55
N HIS K 116 -20.17 -13.98 37.83
CA HIS K 116 -18.91 -13.35 38.18
C HIS K 116 -17.76 -14.27 37.77
N PRO K 117 -16.72 -13.75 37.13
CA PRO K 117 -15.66 -14.61 36.58
C PRO K 117 -14.72 -15.20 37.63
N ARG K 118 -14.98 -14.99 38.92
CA ARG K 118 -14.29 -15.71 39.98
C ARG K 118 -15.25 -16.32 40.99
N ASP K 119 -16.55 -16.29 40.71
CA ASP K 119 -17.54 -16.83 41.63
C ASP K 119 -18.80 -17.15 40.84
N GLN K 120 -19.23 -18.40 40.87
CA GLN K 120 -20.53 -18.75 40.34
C GLN K 120 -21.64 -18.63 41.38
N ASN K 121 -21.43 -17.82 42.42
CA ASN K 121 -22.50 -17.34 43.27
C ASN K 121 -23.04 -16.01 42.77
N LYS K 122 -22.16 -15.06 42.47
CA LYS K 122 -22.58 -13.74 42.01
C LYS K 122 -22.93 -13.81 40.53
N VAL K 123 -24.15 -13.44 40.19
CA VAL K 123 -24.60 -13.38 38.80
C VAL K 123 -25.31 -12.05 38.58
N LEU K 124 -25.14 -11.47 37.39
CA LEU K 124 -25.69 -10.16 37.05
C LEU K 124 -26.73 -10.29 35.95
N VAL K 125 -27.98 -10.01 36.27
CA VAL K 125 -29.09 -10.13 35.34
C VAL K 125 -29.38 -8.77 34.73
N CYS K 126 -29.34 -8.71 33.40
CA CYS K 126 -29.60 -7.47 32.65
C CYS K 126 -30.88 -7.65 31.83
N PRO K 127 -32.00 -7.08 32.26
CA PRO K 127 -33.23 -7.14 31.46
C PRO K 127 -33.17 -6.15 30.29
N MET K 128 -34.30 -6.05 29.59
CA MET K 128 -34.34 -5.20 28.39
C MET K 128 -34.38 -3.73 28.76
N LYS K 129 -35.45 -3.30 29.43
CA LYS K 129 -35.65 -1.90 29.77
C LYS K 129 -35.66 -1.71 31.29
N SER K 130 -34.79 -2.42 31.98
CA SER K 130 -34.67 -2.33 33.41
C SER K 130 -33.20 -2.15 33.78
N ALA K 131 -32.98 -1.79 35.04
CA ALA K 131 -31.63 -1.69 35.56
C ALA K 131 -31.00 -3.08 35.63
N PRO K 132 -29.69 -3.18 35.43
CA PRO K 132 -29.00 -4.46 35.64
C PRO K 132 -29.03 -4.83 37.11
N VAL K 133 -29.46 -6.06 37.39
CA VAL K 133 -29.66 -6.52 38.76
C VAL K 133 -28.70 -7.67 39.03
N MET K 134 -27.93 -7.54 40.11
CA MET K 134 -26.94 -8.55 40.47
C MET K 134 -27.53 -9.51 41.50
N LEU K 135 -27.53 -10.79 41.17
CA LEU K 135 -28.11 -11.81 42.03
C LEU K 135 -27.03 -12.70 42.62
N THR K 136 -27.25 -13.12 43.86
CA THR K 136 -26.50 -14.25 44.38
C THR K 136 -27.12 -15.54 43.87
N LEU K 137 -26.32 -16.60 43.82
CA LEU K 137 -26.84 -17.92 43.51
C LEU K 137 -26.82 -18.86 44.71
N SER K 138 -26.42 -18.37 45.88
CA SER K 138 -26.69 -19.10 47.11
C SER K 138 -28.19 -19.16 47.38
N ASP K 139 -28.90 -18.09 47.06
CA ASP K 139 -30.34 -17.99 47.29
C ASP K 139 -30.93 -17.06 46.23
N SER K 140 -32.14 -16.56 46.48
CA SER K 140 -32.83 -15.67 45.54
C SER K 140 -32.59 -14.20 45.84
N LYS K 141 -31.45 -13.85 46.43
CA LYS K 141 -31.13 -12.45 46.66
C LYS K 141 -30.83 -11.76 45.34
N HIS K 142 -31.11 -10.45 45.29
CA HIS K 142 -30.88 -9.66 44.10
C HIS K 142 -30.48 -8.25 44.51
N VAL K 143 -29.49 -7.70 43.83
CA VAL K 143 -28.95 -6.37 44.11
C VAL K 143 -29.04 -5.54 42.85
N VAL K 144 -29.76 -4.43 42.93
CA VAL K 144 -29.98 -3.56 41.78
C VAL K 144 -28.90 -2.48 41.77
N LEU K 145 -28.22 -2.33 40.63
CA LEU K 145 -27.18 -1.32 40.50
C LEU K 145 -27.81 0.04 40.16
N PRO K 146 -27.20 1.13 40.62
CA PRO K 146 -27.84 2.45 40.44
C PRO K 146 -27.73 2.96 39.03
N VAL K 147 -28.78 3.66 38.59
CA VAL K 147 -28.86 4.28 37.28
C VAL K 147 -29.01 5.78 37.46
N ASP K 148 -28.15 6.56 36.80
CA ASP K 148 -28.21 8.01 36.92
C ASP K 148 -29.34 8.59 36.09
N ASP K 149 -29.49 8.11 34.85
CA ASP K 149 -30.42 8.73 33.91
C ASP K 149 -31.87 8.42 34.25
N ASP K 150 -32.23 7.13 34.28
CA ASP K 150 -33.60 6.63 34.40
C ASP K 150 -34.52 7.18 33.31
N SER K 151 -33.95 7.47 32.15
CA SER K 151 -34.72 7.87 30.98
C SER K 151 -34.29 7.01 29.80
N ASP K 152 -33.02 6.59 29.81
CA ASP K 152 -32.56 5.60 28.85
C ASP K 152 -33.19 4.25 29.12
N LEU K 153 -33.05 3.76 30.37
CA LEU K 153 -33.37 2.41 30.82
C LEU K 153 -32.62 1.33 30.03
N ASN K 154 -31.54 1.71 29.33
CA ASN K 154 -30.75 0.81 28.50
C ASN K 154 -29.29 1.08 28.88
N VAL K 155 -28.84 0.41 29.93
CA VAL K 155 -27.49 0.59 30.44
C VAL K 155 -26.84 -0.79 30.39
N VAL K 156 -26.06 -1.04 29.34
CA VAL K 156 -25.36 -2.31 29.21
C VAL K 156 -24.25 -2.39 30.24
N ALA K 157 -24.20 -3.51 30.96
CA ALA K 157 -23.26 -3.69 32.05
C ALA K 157 -22.56 -5.03 31.89
N SER K 158 -21.32 -5.11 32.41
CA SER K 158 -20.57 -6.35 32.34
C SER K 158 -19.47 -6.34 33.40
N PHE K 159 -19.25 -7.49 34.02
CA PHE K 159 -18.02 -7.72 34.78
C PHE K 159 -16.82 -7.63 33.85
N ASP K 160 -15.67 -7.28 34.40
CA ASP K 160 -14.44 -7.38 33.64
C ASP K 160 -13.99 -8.83 33.56
N ARG K 161 -12.83 -9.05 32.94
CA ARG K 161 -12.30 -10.41 32.80
C ARG K 161 -11.88 -10.99 34.14
N ARG K 162 -11.37 -10.16 35.03
CA ARG K 162 -10.90 -10.65 36.32
C ARG K 162 -12.05 -10.85 37.30
N GLY K 163 -12.84 -9.80 37.53
CA GLY K 163 -13.87 -9.87 38.54
C GLY K 163 -13.92 -8.65 39.42
N GLU K 164 -13.20 -7.60 39.02
CA GLU K 164 -13.07 -6.41 39.86
C GLU K 164 -14.28 -5.49 39.74
N TYR K 165 -14.54 -4.98 38.54
CA TYR K 165 -15.48 -3.89 38.36
C TYR K 165 -16.55 -4.26 37.35
N ILE K 166 -17.63 -3.48 37.39
CA ILE K 166 -18.73 -3.58 36.45
C ILE K 166 -18.77 -2.29 35.65
N TYR K 167 -18.80 -2.41 34.33
CA TYR K 167 -18.76 -1.26 33.43
C TYR K 167 -20.17 -1.02 32.91
N THR K 168 -20.85 -0.03 33.48
CA THR K 168 -22.25 0.24 33.15
C THR K 168 -22.32 1.47 32.25
N GLY K 169 -22.68 1.26 30.99
CA GLY K 169 -22.77 2.35 30.03
C GLY K 169 -24.16 2.50 29.43
N ASN K 170 -24.69 3.72 29.42
CA ASN K 170 -26.06 3.96 29.01
C ASN K 170 -26.17 4.00 27.49
N ALA K 171 -27.33 4.44 27.00
CA ALA K 171 -27.52 4.70 25.58
C ALA K 171 -27.07 6.10 25.17
N LYS K 172 -26.49 6.87 26.09
CA LYS K 172 -26.05 8.22 25.81
C LYS K 172 -24.53 8.34 25.84
N GLY K 173 -23.81 7.24 25.71
CA GLY K 173 -22.36 7.28 25.67
C GLY K 173 -21.69 7.53 27.00
N LYS K 174 -22.44 7.58 28.10
CA LYS K 174 -21.86 7.86 29.40
C LYS K 174 -21.37 6.57 30.05
N ILE K 175 -20.12 6.57 30.46
CA ILE K 175 -19.52 5.42 31.13
C ILE K 175 -19.70 5.62 32.63
N LEU K 176 -20.07 4.55 33.32
CA LEU K 176 -20.15 4.54 34.78
C LEU K 176 -19.61 3.20 35.27
N VAL K 177 -18.51 3.23 36.00
CA VAL K 177 -17.86 2.02 36.50
C VAL K 177 -18.33 1.78 37.91
N LEU K 178 -18.74 0.56 38.22
CA LEU K 178 -19.14 0.17 39.56
C LEU K 178 -18.30 -1.00 40.04
N LYS K 179 -18.00 -1.02 41.34
CA LYS K 179 -17.33 -2.17 41.92
C LYS K 179 -18.35 -3.27 42.20
N THR K 180 -17.91 -4.52 42.02
CA THR K 180 -18.75 -5.72 42.07
C THR K 180 -19.49 -5.93 43.39
N ASP K 181 -19.11 -5.23 44.46
CA ASP K 181 -19.82 -5.33 45.73
C ASP K 181 -20.17 -4.00 46.38
N SER K 182 -19.44 -2.92 46.06
CA SER K 182 -19.64 -1.66 46.76
C SER K 182 -19.96 -0.49 45.83
N GLN K 183 -20.10 -0.73 44.52
CA GLN K 183 -20.60 0.25 43.54
C GLN K 183 -19.71 1.49 43.46
N ASP K 184 -18.40 1.27 43.46
CA ASP K 184 -17.46 2.38 43.54
C ASP K 184 -17.27 3.00 42.17
N LEU K 185 -17.56 4.30 42.06
CA LEU K 185 -17.39 5.03 40.81
C LEU K 185 -15.94 5.48 40.72
N VAL K 186 -15.08 4.52 40.36
CA VAL K 186 -13.66 4.82 40.20
C VAL K 186 -13.34 5.45 38.86
N ALA K 187 -14.31 5.45 37.95
CA ALA K 187 -14.12 5.98 36.60
C ALA K 187 -15.47 6.25 35.98
N SER K 188 -15.57 7.38 35.27
CA SER K 188 -16.78 7.74 34.54
C SER K 188 -16.43 8.77 33.49
N PHE K 189 -16.88 8.56 32.26
CA PHE K 189 -16.63 9.51 31.19
C PHE K 189 -17.69 9.35 30.11
N ARG K 190 -17.52 10.11 29.03
CA ARG K 190 -18.46 10.14 27.93
C ARG K 190 -17.67 10.41 26.66
N VAL K 191 -18.15 9.91 25.52
CA VAL K 191 -17.40 10.00 24.27
C VAL K 191 -18.28 10.59 23.17
N THR K 192 -17.68 11.48 22.38
CA THR K 192 -18.24 11.99 21.14
C THR K 192 -17.12 12.06 20.12
N THR K 193 -17.44 11.81 18.86
CA THR K 193 -16.47 11.88 17.77
C THR K 193 -17.09 12.54 16.56
N GLY K 194 -16.29 13.36 15.86
CA GLY K 194 -16.76 14.22 14.78
C GLY K 194 -17.90 15.06 15.27
N THR K 195 -17.63 15.87 16.30
CA THR K 195 -18.54 16.07 17.42
C THR K 195 -19.82 16.76 16.98
N SER K 196 -20.88 15.96 16.87
CA SER K 196 -22.24 16.43 16.76
C SER K 196 -23.01 16.22 18.04
N ASN K 197 -22.94 15.01 18.57
CA ASN K 197 -23.62 14.60 19.79
C ASN K 197 -22.94 13.31 20.26
N THR K 198 -23.51 12.66 21.27
CA THR K 198 -23.00 11.39 21.74
C THR K 198 -23.51 10.27 20.83
N THR K 199 -23.32 9.02 21.24
CA THR K 199 -23.68 7.89 20.42
C THR K 199 -24.33 6.82 21.30
N ALA K 200 -25.32 6.13 20.75
CA ALA K 200 -25.90 4.97 21.42
C ALA K 200 -24.85 3.86 21.49
N ILE K 201 -24.54 3.43 22.70
CA ILE K 201 -23.54 2.38 22.88
C ILE K 201 -24.14 1.05 22.46
N LYS K 202 -23.52 0.39 21.49
CA LYS K 202 -24.05 -0.88 21.04
C LYS K 202 -23.68 -2.00 22.00
N SER K 203 -22.40 -2.12 22.35
CA SER K 203 -21.98 -3.20 23.24
C SER K 203 -20.68 -2.82 23.93
N ILE K 204 -20.36 -3.60 24.96
CA ILE K 204 -19.11 -3.50 25.70
C ILE K 204 -18.43 -4.86 25.61
N GLU K 205 -17.14 -4.87 25.29
CA GLU K 205 -16.43 -6.12 25.05
C GLU K 205 -15.24 -6.26 26.00
N PHE K 206 -14.70 -7.48 26.03
CA PHE K 206 -13.56 -7.83 26.86
C PHE K 206 -12.77 -8.94 26.17
N ALA K 207 -11.44 -8.87 26.28
CA ALA K 207 -10.57 -9.85 25.65
C ALA K 207 -10.29 -11.01 26.62
N ARG K 208 -9.32 -11.85 26.27
CA ARG K 208 -8.93 -12.99 27.10
C ARG K 208 -7.56 -12.83 27.75
N LYS K 209 -6.67 -12.03 27.18
CA LYS K 209 -5.34 -11.83 27.72
C LYS K 209 -5.19 -10.35 28.04
N GLY K 210 -5.35 -9.99 29.32
CA GLY K 210 -5.13 -8.62 29.74
C GLY K 210 -6.40 -7.79 29.82
N SER K 211 -6.30 -6.52 29.44
CA SER K 211 -7.41 -5.59 29.58
C SER K 211 -7.59 -4.67 28.37
N CYS K 212 -6.98 -4.99 27.24
CA CYS K 212 -7.30 -4.27 26.02
C CYS K 212 -8.68 -4.68 25.53
N PHE K 213 -9.59 -3.73 25.43
CA PHE K 213 -10.97 -4.02 25.09
C PHE K 213 -11.48 -2.93 24.15
N LEU K 214 -12.76 -3.01 23.81
CA LEU K 214 -13.31 -2.06 22.85
C LEU K 214 -14.79 -1.85 23.13
N ILE K 215 -15.34 -0.84 22.45
CA ILE K 215 -16.74 -0.46 22.56
C ILE K 215 -17.32 -0.36 21.16
N ASN K 216 -18.45 -1.04 20.93
CA ASN K 216 -19.21 -0.83 19.71
C ASN K 216 -20.19 0.30 19.93
N THR K 217 -20.22 1.24 18.98
CA THR K 217 -21.10 2.39 19.04
C THR K 217 -21.93 2.46 17.77
N ALA K 218 -23.09 3.12 17.89
CA ALA K 218 -24.07 3.20 16.81
C ALA K 218 -23.65 4.08 15.64
N ASP K 219 -22.46 4.69 15.67
CA ASP K 219 -21.94 5.39 14.52
C ASP K 219 -21.20 4.48 13.55
N ARG K 220 -21.33 3.16 13.74
CA ARG K 220 -20.63 2.12 12.97
C ARG K 220 -19.12 2.25 13.08
N ILE K 221 -18.65 2.74 14.23
CA ILE K 221 -17.23 2.94 14.50
C ILE K 221 -16.90 2.24 15.81
N ILE K 222 -15.82 1.48 15.82
CA ILE K 222 -15.43 0.64 16.94
C ILE K 222 -14.13 1.16 17.50
N ARG K 223 -14.11 1.48 18.79
CA ARG K 223 -12.99 2.19 19.40
C ARG K 223 -12.37 1.30 20.47
N VAL K 224 -11.06 1.09 20.37
CA VAL K 224 -10.35 0.16 21.22
C VAL K 224 -9.86 0.89 22.47
N TYR K 225 -10.03 0.26 23.63
CA TYR K 225 -9.59 0.87 24.88
C TYR K 225 -8.77 -0.06 25.76
N ASP K 226 -8.47 0.41 26.97
CA ASP K 226 -7.65 -0.31 27.94
C ASP K 226 -8.00 0.23 29.31
N GLY K 227 -8.42 -0.67 30.22
CA GLY K 227 -8.84 -0.26 31.55
C GLY K 227 -7.73 0.29 32.44
N ARG K 228 -6.47 0.03 32.09
CA ARG K 228 -5.35 0.50 32.89
C ARG K 228 -5.23 2.02 32.82
N GLU K 229 -5.29 2.58 31.62
CA GLU K 229 -5.25 4.04 31.50
C GLU K 229 -6.55 4.67 31.99
N ILE K 230 -7.66 3.93 31.94
CA ILE K 230 -8.91 4.39 32.51
C ILE K 230 -8.78 4.56 34.02
N LEU K 231 -8.18 3.57 34.69
CA LEU K 231 -7.91 3.70 36.10
C LEU K 231 -6.80 4.71 36.39
N THR K 232 -5.90 4.93 35.44
CA THR K 232 -4.88 5.96 35.59
C THR K 232 -5.52 7.35 35.63
N CYS K 233 -6.38 7.66 34.66
CA CYS K 233 -7.14 8.89 34.72
C CYS K 233 -8.18 8.85 35.84
N GLY K 234 -8.64 7.65 36.19
CA GLY K 234 -9.63 7.53 37.24
C GLY K 234 -10.96 8.05 36.74
N ARG K 235 -11.57 8.91 37.55
CA ARG K 235 -12.87 9.47 37.23
C ARG K 235 -12.70 10.79 36.46
N ASP K 236 -13.50 10.94 35.40
CA ASP K 236 -13.65 12.17 34.62
C ASP K 236 -12.33 12.58 33.94
N GLY K 237 -11.71 11.63 33.24
CA GLY K 237 -10.64 11.92 32.33
C GLY K 237 -11.13 11.97 30.90
N GLU K 238 -10.17 12.06 29.97
CA GLU K 238 -10.46 12.02 28.54
C GLU K 238 -9.70 10.85 27.93
N PRO K 239 -10.22 9.62 28.05
CA PRO K 239 -9.50 8.47 27.48
C PRO K 239 -9.67 8.41 25.97
N GLU K 240 -8.58 8.57 25.26
CA GLU K 240 -8.62 8.46 23.82
C GLU K 240 -8.66 6.98 23.41
N PRO K 241 -9.25 6.67 22.26
CA PRO K 241 -9.24 5.28 21.80
C PRO K 241 -7.85 4.84 21.36
N MET K 242 -7.55 3.57 21.65
CA MET K 242 -6.32 2.97 21.11
C MET K 242 -6.40 2.88 19.59
N GLN K 243 -7.56 2.55 19.07
CA GLN K 243 -7.71 2.28 17.65
C GLN K 243 -9.18 2.42 17.29
N LYS K 244 -9.47 3.16 16.22
CA LYS K 244 -10.82 3.31 15.71
C LYS K 244 -11.00 2.37 14.53
N LEU K 245 -11.99 1.48 14.63
CA LEU K 245 -12.31 0.54 13.57
C LEU K 245 -13.68 0.83 13.00
N GLN K 246 -13.77 0.77 11.67
CA GLN K 246 -14.99 1.14 10.95
C GLN K 246 -14.89 0.54 9.55
N ASP K 247 -15.93 0.80 8.75
CA ASP K 247 -15.95 0.42 7.35
C ASP K 247 -15.64 1.63 6.50
N LEU K 248 -14.92 1.41 5.40
CA LEU K 248 -14.40 2.51 4.61
C LEU K 248 -15.31 2.87 3.44
N VAL K 249 -15.63 1.89 2.60
CA VAL K 249 -16.40 2.17 1.40
C VAL K 249 -17.85 2.48 1.73
N ASN K 250 -18.43 1.74 2.67
CA ASN K 250 -19.87 1.83 2.89
C ASN K 250 -20.15 2.08 4.36
N ARG K 251 -21.42 1.95 4.74
CA ARG K 251 -21.79 2.04 6.14
C ARG K 251 -21.42 0.78 6.90
N THR K 252 -22.01 -0.35 6.49
CA THR K 252 -21.87 -1.68 7.07
C THR K 252 -22.25 -1.64 8.55
N PRO K 253 -23.54 -1.57 8.89
CA PRO K 253 -23.93 -1.63 10.29
C PRO K 253 -23.64 -3.00 10.88
N TRP K 254 -23.37 -3.00 12.17
CA TRP K 254 -22.79 -4.16 12.83
C TRP K 254 -23.81 -4.84 13.73
N LYS K 255 -23.77 -6.17 13.75
CA LYS K 255 -24.58 -6.94 14.68
C LYS K 255 -23.78 -7.52 15.82
N LYS K 256 -22.58 -8.02 15.54
CA LYS K 256 -21.78 -8.66 16.58
C LYS K 256 -20.30 -8.52 16.26
N CYS K 257 -19.51 -8.28 17.30
CA CYS K 257 -18.07 -8.18 17.20
C CYS K 257 -17.46 -9.12 18.23
N CYS K 258 -16.23 -9.54 17.97
CA CYS K 258 -15.53 -10.40 18.93
C CYS K 258 -14.04 -10.30 18.71
N PHE K 259 -13.30 -10.64 19.76
CA PHE K 259 -11.85 -10.71 19.72
C PHE K 259 -11.42 -12.02 19.09
N SER K 260 -10.12 -12.28 19.13
CA SER K 260 -9.62 -13.62 18.94
C SER K 260 -9.64 -14.34 20.27
N GLY K 261 -9.00 -15.51 20.34
CA GLY K 261 -8.99 -16.27 21.57
C GLY K 261 -8.08 -15.75 22.65
N ASP K 262 -7.25 -14.77 22.34
CA ASP K 262 -6.49 -14.04 23.32
C ASP K 262 -6.73 -12.54 23.25
N GLY K 263 -7.55 -12.07 22.30
CA GLY K 263 -7.66 -10.66 22.03
C GLY K 263 -6.57 -10.13 21.13
N GLU K 264 -6.23 -10.86 20.07
CA GLU K 264 -5.22 -10.41 19.10
C GLU K 264 -5.84 -10.05 17.76
N TYR K 265 -6.59 -10.96 17.17
CA TYR K 265 -7.44 -10.61 16.05
C TYR K 265 -8.77 -10.11 16.58
N ILE K 266 -9.44 -9.28 15.79
CA ILE K 266 -10.77 -8.79 16.11
C ILE K 266 -11.60 -8.94 14.85
N VAL K 267 -12.57 -9.84 14.87
CA VAL K 267 -13.41 -10.09 13.71
C VAL K 267 -14.84 -9.72 14.06
N ALA K 268 -15.48 -8.97 13.18
CA ALA K 268 -16.79 -8.40 13.45
C ALA K 268 -17.77 -8.87 12.40
N GLY K 269 -19.02 -9.09 12.84
CA GLY K 269 -20.07 -9.56 11.97
C GLY K 269 -21.03 -8.44 11.60
N SER K 270 -21.17 -8.20 10.30
CA SER K 270 -22.12 -7.23 9.79
C SER K 270 -23.55 -7.72 10.01
N ALA K 271 -24.49 -6.78 9.87
CA ALA K 271 -25.91 -7.09 10.00
C ALA K 271 -26.64 -6.99 8.67
N ARG K 272 -25.91 -6.90 7.55
CA ARG K 272 -26.53 -6.63 6.27
C ARG K 272 -26.29 -7.70 5.22
N GLN K 273 -25.04 -8.12 5.02
CA GLN K 273 -24.63 -8.68 3.74
C GLN K 273 -24.23 -10.15 3.76
N HIS K 274 -23.97 -10.73 4.94
CA HIS K 274 -23.31 -12.03 5.10
C HIS K 274 -22.00 -12.07 4.31
N ALA K 275 -21.15 -11.10 4.64
CA ALA K 275 -19.81 -11.00 4.07
C ALA K 275 -18.97 -10.28 5.11
N LEU K 276 -18.08 -11.00 5.78
CA LEU K 276 -17.61 -10.60 7.10
C LEU K 276 -16.15 -10.17 7.08
N TYR K 277 -15.81 -9.31 8.04
CA TYR K 277 -14.60 -8.50 8.00
C TYR K 277 -13.70 -8.85 9.18
N ILE K 278 -12.39 -8.87 8.94
CA ILE K 278 -11.42 -9.37 9.91
C ILE K 278 -10.42 -8.27 10.19
N TRP K 279 -10.17 -8.00 11.47
CA TRP K 279 -9.12 -7.08 11.88
C TRP K 279 -8.26 -7.72 12.96
N GLU K 280 -7.18 -7.02 13.29
CA GLU K 280 -6.30 -7.34 14.40
C GLU K 280 -6.60 -6.40 15.57
N LYS K 281 -5.77 -6.48 16.61
CA LYS K 281 -5.79 -5.50 17.69
C LYS K 281 -4.71 -4.44 17.53
N SER K 282 -3.45 -4.87 17.40
CA SER K 282 -2.33 -3.93 17.36
C SER K 282 -2.36 -3.11 16.08
N ILE K 283 -2.27 -3.77 14.93
CA ILE K 283 -2.47 -3.05 13.67
C ILE K 283 -3.95 -2.81 13.44
N GLY K 284 -4.75 -3.88 13.50
CA GLY K 284 -6.16 -3.75 13.21
C GLY K 284 -6.44 -3.48 11.75
N ASN K 285 -5.73 -4.16 10.86
CA ASN K 285 -5.94 -4.00 9.44
C ASN K 285 -7.05 -4.92 8.94
N LEU K 286 -7.78 -4.44 7.93
CA LEU K 286 -8.74 -5.32 7.28
C LEU K 286 -7.97 -6.32 6.46
N VAL K 287 -7.69 -7.48 7.06
CA VAL K 287 -6.80 -8.44 6.42
C VAL K 287 -7.56 -9.30 5.41
N LYS K 288 -8.82 -9.63 5.68
CA LYS K 288 -9.59 -10.43 4.74
C LYS K 288 -11.07 -10.16 4.92
N ILE K 289 -11.78 -10.04 3.80
CA ILE K 289 -13.23 -10.08 3.79
C ILE K 289 -13.66 -11.52 3.57
N LEU K 290 -14.21 -12.15 4.60
CA LEU K 290 -14.82 -13.46 4.42
C LEU K 290 -16.19 -13.24 3.81
N HIS K 291 -16.37 -13.68 2.58
CA HIS K 291 -17.61 -13.48 1.85
C HIS K 291 -18.65 -14.51 2.25
N GLY K 292 -19.74 -14.57 1.49
CA GLY K 292 -20.76 -15.56 1.72
C GLY K 292 -21.90 -15.34 0.75
N THR K 293 -22.97 -16.09 0.95
CA THR K 293 -24.16 -15.93 0.13
C THR K 293 -24.87 -14.64 0.52
N ARG K 294 -25.24 -13.84 -0.49
CA ARG K 294 -25.88 -12.55 -0.22
C ARG K 294 -27.29 -12.74 0.33
N GLY K 295 -27.98 -13.80 -0.07
CA GLY K 295 -29.32 -14.05 0.43
C GLY K 295 -29.38 -14.74 1.77
N GLU K 296 -28.42 -14.46 2.65
CA GLU K 296 -28.37 -15.07 3.98
C GLU K 296 -28.27 -13.97 5.03
N LEU K 297 -29.00 -14.14 6.12
CA LEU K 297 -29.03 -13.19 7.22
C LEU K 297 -28.13 -13.70 8.34
N LEU K 298 -27.01 -13.01 8.55
CA LEU K 298 -26.15 -13.34 9.68
C LEU K 298 -26.84 -13.02 10.99
N LEU K 299 -26.82 -13.96 11.92
CA LEU K 299 -27.48 -13.78 13.21
C LEU K 299 -26.56 -13.91 14.41
N ASP K 300 -25.50 -14.72 14.32
CA ASP K 300 -24.62 -14.92 15.48
C ASP K 300 -23.22 -15.29 15.00
N VAL K 301 -22.23 -14.92 15.81
CA VAL K 301 -20.81 -15.18 15.54
C VAL K 301 -20.17 -15.70 16.82
N ALA K 302 -19.40 -16.79 16.72
CA ALA K 302 -18.57 -17.25 17.83
C ALA K 302 -17.17 -17.60 17.33
N TRP K 303 -16.21 -17.48 18.24
CA TRP K 303 -14.80 -17.69 17.95
C TRP K 303 -14.20 -18.67 18.95
N HIS K 304 -13.21 -19.46 18.50
CA HIS K 304 -12.56 -20.48 19.30
C HIS K 304 -11.15 -20.03 19.70
N PRO K 305 -10.72 -20.32 20.95
CA PRO K 305 -9.40 -19.88 21.41
C PRO K 305 -8.20 -20.38 20.63
N VAL K 306 -8.01 -21.69 20.54
CA VAL K 306 -6.78 -22.22 19.97
C VAL K 306 -7.02 -22.75 18.54
N ARG K 307 -8.11 -22.32 17.90
CA ARG K 307 -8.43 -22.82 16.59
C ARG K 307 -9.21 -21.73 15.89
N PRO K 308 -8.99 -21.51 14.61
CA PRO K 308 -9.71 -20.41 13.91
C PRO K 308 -11.13 -20.78 13.49
N ILE K 309 -11.96 -21.14 14.45
CA ILE K 309 -13.35 -21.52 14.18
C ILE K 309 -14.19 -20.25 14.11
N ILE K 310 -15.03 -20.15 13.08
CA ILE K 310 -16.02 -19.11 12.98
C ILE K 310 -17.39 -19.78 13.03
N ALA K 311 -18.02 -19.79 14.19
CA ALA K 311 -19.36 -20.37 14.32
C ALA K 311 -20.38 -19.32 13.91
N SER K 312 -20.94 -19.46 12.71
CA SER K 312 -21.81 -18.44 12.12
C SER K 312 -23.23 -18.98 12.01
N ILE K 313 -24.06 -18.68 13.01
CA ILE K 313 -25.48 -19.02 12.93
C ILE K 313 -26.16 -18.06 11.97
N SER K 314 -26.75 -18.61 10.91
CA SER K 314 -27.58 -17.84 9.99
C SER K 314 -28.90 -18.59 9.83
N SER K 315 -29.82 -18.34 10.76
CA SER K 315 -31.17 -18.93 10.80
C SER K 315 -31.13 -20.46 10.81
N GLY K 316 -30.49 -21.01 11.84
CA GLY K 316 -30.27 -22.43 11.97
C GLY K 316 -29.02 -22.93 11.27
N VAL K 317 -28.68 -22.34 10.12
CA VAL K 317 -27.49 -22.71 9.39
C VAL K 317 -26.27 -22.23 10.17
N VAL K 318 -25.50 -23.18 10.69
CA VAL K 318 -24.30 -22.84 11.44
C VAL K 318 -23.10 -23.21 10.59
N SER K 319 -22.55 -22.24 9.87
CA SER K 319 -21.47 -22.52 8.93
C SER K 319 -20.14 -22.05 9.50
N ILE K 320 -19.08 -22.76 9.12
CA ILE K 320 -17.78 -22.66 9.77
C ILE K 320 -16.72 -22.46 8.69
N TRP K 321 -15.90 -21.43 8.85
CA TRP K 321 -14.74 -21.17 7.99
C TRP K 321 -13.51 -21.25 8.88
N ALA K 322 -12.62 -22.20 8.60
CA ALA K 322 -11.47 -22.46 9.45
C ALA K 322 -10.25 -22.85 8.63
N GLN K 323 -9.35 -21.89 8.38
CA GLN K 323 -8.10 -22.10 7.64
C GLN K 323 -6.97 -21.19 8.10
N ASN K 324 -6.04 -20.92 7.15
CA ASN K 324 -4.65 -20.42 7.18
C ASN K 324 -3.65 -21.55 7.41
N GLN K 325 -4.05 -22.81 7.30
CA GLN K 325 -3.07 -23.89 7.29
C GLN K 325 -2.94 -24.40 5.85
N VAL K 326 -1.83 -24.04 5.21
CA VAL K 326 -1.54 -24.43 3.83
C VAL K 326 -0.39 -25.41 3.85
N GLU K 327 -0.63 -26.60 3.30
CA GLU K 327 0.38 -27.66 3.35
C GLU K 327 1.47 -27.41 2.32
N ASN K 328 2.69 -27.76 2.69
CA ASN K 328 3.85 -27.67 1.82
C ASN K 328 4.68 -28.93 2.05
N TRP K 329 5.87 -28.95 1.49
CA TRP K 329 6.79 -30.05 1.65
C TRP K 329 7.79 -29.69 2.75
N SER K 330 8.86 -30.49 2.85
CA SER K 330 9.94 -30.50 3.85
C SER K 330 9.48 -30.98 5.22
N ALA K 331 8.20 -31.27 5.40
CA ALA K 331 7.70 -32.07 6.51
C ALA K 331 7.40 -33.50 6.10
N PHE K 332 6.81 -33.67 4.91
CA PHE K 332 6.72 -34.99 4.29
C PHE K 332 8.10 -35.49 3.89
N ALA K 333 8.81 -34.72 3.07
CA ALA K 333 10.14 -35.06 2.58
C ALA K 333 11.11 -33.96 2.97
N PRO K 334 11.74 -34.04 4.16
CA PRO K 334 12.67 -32.98 4.60
C PRO K 334 13.94 -32.86 3.78
N ASP K 335 14.25 -33.82 2.91
CA ASP K 335 15.36 -33.65 1.97
C ASP K 335 15.05 -32.55 0.95
N PHE K 336 13.78 -32.38 0.60
CA PHE K 336 13.40 -31.40 -0.42
C PHE K 336 13.52 -29.99 0.16
N LYS K 337 14.38 -29.18 -0.43
CA LYS K 337 14.58 -27.80 -0.02
C LYS K 337 13.91 -26.91 -1.08
N GLU K 338 12.72 -26.43 -0.76
CA GLU K 338 11.91 -25.67 -1.70
C GLU K 338 12.51 -24.28 -1.86
N LEU K 339 13.21 -24.05 -2.97
CA LEU K 339 13.62 -22.70 -3.30
C LEU K 339 12.43 -21.89 -3.79
N ASP K 340 12.53 -20.57 -3.61
CA ASP K 340 11.53 -19.65 -4.14
C ASP K 340 11.84 -19.32 -5.60
N GLU K 341 13.01 -18.77 -5.87
CA GLU K 341 13.49 -18.56 -7.23
C GLU K 341 14.79 -19.34 -7.42
N ASN K 342 15.43 -19.12 -8.57
CA ASN K 342 16.59 -19.91 -8.97
C ASN K 342 17.79 -19.62 -8.07
N VAL K 343 18.16 -20.62 -7.26
CA VAL K 343 19.26 -20.51 -6.32
C VAL K 343 20.45 -21.22 -6.94
N GLU K 344 21.37 -20.45 -7.52
CA GLU K 344 22.64 -20.99 -7.99
C GLU K 344 23.71 -20.76 -6.93
N TYR K 345 24.58 -21.76 -6.77
CA TYR K 345 25.49 -21.83 -5.63
C TYR K 345 26.47 -22.97 -5.88
N GLU K 346 27.41 -23.11 -4.96
CA GLU K 346 28.11 -24.36 -4.74
C GLU K 346 28.18 -24.56 -3.23
N GLU K 347 27.73 -25.73 -2.76
CA GLU K 347 27.56 -25.94 -1.33
C GLU K 347 28.91 -26.12 -0.64
N ARG K 348 29.88 -26.71 -1.33
CA ARG K 348 31.21 -26.90 -0.80
C ARG K 348 32.17 -25.91 -1.46
N GLU K 349 33.18 -25.46 -0.70
CA GLU K 349 34.35 -24.85 -1.30
C GLU K 349 35.37 -25.90 -1.71
N SER K 350 35.09 -27.17 -1.45
CA SER K 350 35.88 -28.29 -1.95
C SER K 350 34.89 -29.44 -2.14
N GLU K 351 34.38 -29.57 -3.37
CA GLU K 351 33.42 -30.63 -3.69
C GLU K 351 34.19 -31.93 -3.82
N PHE K 352 34.46 -32.54 -2.66
CA PHE K 352 35.44 -33.61 -2.45
C PHE K 352 36.78 -33.25 -3.08
N GLU K 371 28.37 -39.70 25.48
CA GLU K 371 28.27 -40.66 24.37
C GLU K 371 27.40 -41.84 24.79
N ASP K 372 27.52 -42.25 26.05
CA ASP K 372 26.72 -43.31 26.64
C ASP K 372 25.84 -42.76 27.76
N GLU K 373 25.20 -41.62 27.51
CA GLU K 373 24.36 -40.99 28.51
C GLU K 373 23.09 -41.80 28.69
N GLU K 374 22.88 -42.29 29.92
CA GLU K 374 21.67 -43.02 30.26
C GLU K 374 20.51 -42.04 30.32
N VAL K 375 19.81 -41.88 29.20
CA VAL K 375 18.76 -40.88 29.06
C VAL K 375 17.44 -41.53 29.44
N ASP K 376 16.70 -40.87 30.33
CA ASP K 376 15.39 -41.36 30.75
C ASP K 376 14.42 -41.29 29.58
N VAL K 377 13.73 -42.41 29.32
CA VAL K 377 12.73 -42.45 28.28
C VAL K 377 11.35 -42.06 28.83
N THR K 378 11.12 -42.24 30.13
CA THR K 378 9.85 -41.90 30.77
C THR K 378 9.96 -40.63 31.61
N SER K 379 10.77 -39.68 31.16
CA SER K 379 10.94 -38.41 31.88
C SER K 379 9.70 -37.56 31.64
N VAL K 380 8.74 -37.64 32.55
CA VAL K 380 7.47 -36.94 32.41
C VAL K 380 7.64 -35.45 32.68
N ALA L 11 -1.75 -61.57 7.67
CA ALA L 11 -2.36 -61.81 8.97
C ALA L 11 -1.39 -62.52 9.91
N ARG L 12 -0.29 -61.84 10.21
CA ARG L 12 0.66 -62.12 11.30
C ARG L 12 1.55 -63.34 11.06
N ALA L 13 1.24 -64.13 10.04
CA ALA L 13 2.02 -65.32 9.73
C ALA L 13 2.70 -65.26 8.38
N GLU L 14 2.01 -64.74 7.36
CA GLU L 14 2.58 -64.63 6.03
C GLU L 14 3.41 -63.35 5.95
N VAL L 15 4.72 -63.49 6.15
CA VAL L 15 5.64 -62.35 6.04
C VAL L 15 5.77 -62.02 4.56
N HIS L 16 5.15 -60.92 4.13
CA HIS L 16 4.99 -60.61 2.73
C HIS L 16 6.07 -59.65 2.24
N LEU L 17 6.23 -59.62 0.92
CA LEU L 17 7.15 -58.71 0.25
C LEU L 17 6.40 -57.43 -0.10
N ARG L 18 6.96 -56.63 -1.02
CA ARG L 18 6.43 -55.33 -1.48
C ARG L 18 6.34 -54.36 -0.28
N LYS L 19 7.53 -54.02 0.21
CA LYS L 19 7.65 -53.21 1.41
C LYS L 19 8.34 -51.88 1.17
N SER L 20 9.53 -51.87 0.58
CA SER L 20 10.26 -50.64 0.37
C SER L 20 9.93 -50.04 -0.99
N ALA L 21 9.94 -48.71 -1.06
CA ALA L 21 9.51 -47.99 -2.25
C ALA L 21 10.61 -47.21 -2.95
N PHE L 22 11.71 -46.89 -2.26
CA PHE L 22 12.86 -46.13 -2.80
C PHE L 22 12.45 -44.77 -3.37
N ASP L 23 11.48 -44.13 -2.72
CA ASP L 23 10.94 -42.85 -3.17
C ASP L 23 11.03 -41.85 -2.03
N MET L 24 11.63 -40.69 -2.30
CA MET L 24 11.75 -39.66 -1.28
C MET L 24 10.41 -38.98 -1.00
N PHE L 25 9.56 -38.86 -2.02
CA PHE L 25 8.22 -38.36 -1.80
C PHE L 25 7.24 -39.52 -1.67
N ASN L 26 6.20 -39.29 -0.87
CA ASN L 26 5.19 -40.30 -0.62
C ASN L 26 3.81 -39.65 -0.80
N PHE L 27 3.32 -39.68 -2.04
CA PHE L 27 2.04 -39.09 -2.39
C PHE L 27 0.96 -40.15 -2.60
N LEU L 28 1.35 -41.42 -2.77
CA LEU L 28 0.44 -42.46 -3.26
C LEU L 28 -0.57 -42.79 -2.16
N ALA L 29 -1.62 -41.97 -2.14
CA ALA L 29 -2.74 -42.13 -1.23
C ALA L 29 -3.78 -43.07 -1.82
N SER L 30 -4.92 -43.16 -1.14
CA SER L 30 -6.01 -43.97 -1.65
C SER L 30 -6.69 -43.31 -2.85
N LYS L 31 -6.85 -41.99 -2.81
CA LYS L 31 -7.57 -41.31 -3.88
C LYS L 31 -6.65 -40.74 -4.96
N HIS L 32 -5.79 -39.79 -4.58
CA HIS L 32 -4.95 -38.99 -5.48
C HIS L 32 -5.77 -38.41 -6.64
N ARG L 33 -6.72 -37.54 -6.28
CA ARG L 33 -7.75 -37.08 -7.20
C ARG L 33 -7.19 -36.14 -8.26
N GLN L 34 -6.84 -36.70 -9.42
CA GLN L 34 -6.24 -35.96 -10.50
C GLN L 34 -7.21 -34.98 -11.14
N ALA L 53 -9.39 -12.44 -23.43
CA ALA L 53 -8.30 -12.88 -22.56
C ALA L 53 -8.19 -11.96 -21.34
N ARG L 54 -7.96 -12.55 -20.17
CA ARG L 54 -7.80 -11.79 -18.94
C ARG L 54 -6.42 -11.97 -18.31
N ARG L 55 -5.87 -13.17 -18.37
CA ARG L 55 -4.59 -13.43 -17.72
C ARG L 55 -3.42 -12.89 -18.54
N ALA L 56 -2.42 -12.37 -17.83
CA ALA L 56 -1.33 -11.62 -18.46
C ALA L 56 -0.46 -12.49 -19.35
N THR L 57 -0.36 -13.78 -19.04
CA THR L 57 0.43 -14.70 -19.85
C THR L 57 -0.27 -14.99 -21.19
N SER L 58 -1.56 -14.71 -21.29
CA SER L 58 -2.28 -14.75 -22.57
C SER L 58 -2.51 -13.36 -23.15
N MET L 59 -2.17 -12.30 -22.41
CA MET L 59 -2.28 -10.93 -22.90
C MET L 59 -1.00 -10.53 -23.64
N ASP L 60 -1.00 -9.32 -24.18
CA ASP L 60 0.20 -8.68 -24.71
C ASP L 60 0.88 -7.80 -23.67
N LEU L 61 0.64 -8.07 -22.38
CA LEU L 61 1.34 -7.37 -21.31
C LEU L 61 2.82 -7.79 -21.31
N PRO L 62 3.71 -6.93 -20.82
CA PRO L 62 5.15 -7.20 -20.94
C PRO L 62 5.62 -8.40 -20.11
N MET L 63 6.81 -8.86 -20.47
CA MET L 63 7.42 -10.05 -19.85
C MET L 63 7.65 -9.95 -18.33
N PRO L 64 7.98 -8.79 -17.71
CA PRO L 64 8.00 -8.76 -16.23
C PRO L 64 6.62 -8.95 -15.62
N MET L 65 5.55 -8.44 -16.24
CA MET L 65 4.21 -8.71 -15.73
C MET L 65 3.84 -10.17 -15.85
N ARG L 66 4.18 -10.80 -16.99
CA ARG L 66 3.95 -12.23 -17.19
C ARG L 66 4.75 -13.08 -16.20
N PHE L 67 5.99 -12.68 -15.92
CA PHE L 67 6.82 -13.47 -15.02
C PHE L 67 6.40 -13.29 -13.56
N ARG L 68 5.94 -12.09 -13.20
CA ARG L 68 5.38 -11.88 -11.87
C ARG L 68 4.06 -12.62 -11.72
N HIS L 69 3.29 -12.73 -12.80
CA HIS L 69 2.05 -13.50 -12.79
C HIS L 69 2.32 -15.00 -12.69
N LEU L 70 3.43 -15.46 -13.28
CA LEU L 70 3.73 -16.89 -13.39
C LEU L 70 3.98 -17.53 -12.03
N LYS L 71 4.79 -16.88 -11.18
CA LYS L 71 5.09 -17.46 -9.88
C LYS L 71 3.89 -17.41 -8.95
N LYS L 72 3.05 -16.38 -9.06
CA LYS L 72 1.87 -16.31 -8.21
C LYS L 72 0.76 -17.25 -8.67
N THR L 73 0.72 -17.60 -9.95
CA THR L 73 -0.41 -18.37 -10.47
C THR L 73 -0.08 -19.81 -10.85
N SER L 74 1.20 -20.18 -10.96
CA SER L 74 1.51 -21.60 -11.12
C SER L 74 1.30 -22.37 -9.82
N LYS L 75 1.26 -21.67 -8.68
CA LYS L 75 0.95 -22.29 -7.41
C LYS L 75 -0.53 -22.64 -7.27
N GLU L 76 -1.40 -21.98 -8.04
CA GLU L 76 -2.84 -22.08 -7.87
C GLU L 76 -3.57 -22.50 -9.14
N ALA L 77 -2.88 -22.66 -10.26
CA ALA L 77 -3.53 -23.10 -11.49
C ALA L 77 -3.45 -24.61 -11.68
N VAL L 78 -2.34 -25.23 -11.25
CA VAL L 78 -2.09 -26.64 -11.49
C VAL L 78 -1.89 -27.37 -10.17
N GLY L 79 -1.63 -28.67 -10.23
CA GLY L 79 -1.41 -29.45 -9.02
C GLY L 79 -0.77 -30.78 -9.33
N VAL L 80 -0.12 -31.34 -8.31
CA VAL L 80 0.62 -32.59 -8.43
C VAL L 80 -0.32 -33.73 -8.03
N TYR L 81 -0.53 -34.67 -8.95
CA TYR L 81 -1.30 -35.87 -8.65
C TYR L 81 -0.60 -37.09 -9.26
N ARG L 82 -1.06 -38.26 -8.85
CA ARG L 82 -0.43 -39.52 -9.24
C ARG L 82 -0.69 -39.81 -10.72
N SER L 83 0.38 -40.12 -11.46
CA SER L 83 0.32 -40.16 -12.91
C SER L 83 0.23 -41.59 -13.41
N PRO L 84 -0.81 -41.95 -14.16
CA PRO L 84 -0.78 -43.22 -14.89
C PRO L 84 0.21 -43.23 -16.06
N ILE L 85 0.63 -42.06 -16.53
CA ILE L 85 1.63 -42.01 -17.60
C ILE L 85 3.00 -42.45 -17.07
N HIS L 86 3.49 -41.75 -16.04
CA HIS L 86 4.68 -42.21 -15.31
C HIS L 86 4.71 -41.56 -13.94
N GLY L 87 4.61 -42.37 -12.88
CA GLY L 87 4.82 -41.92 -11.52
C GLY L 87 3.76 -41.00 -10.95
N ARG L 88 4.16 -39.79 -10.60
CA ARG L 88 3.24 -38.73 -10.19
C ARG L 88 3.40 -37.57 -11.16
N GLY L 89 2.32 -36.88 -11.44
CA GLY L 89 2.34 -35.92 -12.53
C GLY L 89 1.85 -34.54 -12.18
N LEU L 90 1.42 -33.79 -13.18
CA LEU L 90 0.94 -32.42 -13.03
C LEU L 90 -0.44 -32.37 -13.68
N PHE L 91 -1.46 -32.70 -12.90
CA PHE L 91 -2.84 -32.78 -13.39
C PHE L 91 -3.56 -31.48 -13.10
N CYS L 92 -3.79 -30.69 -14.14
CA CYS L 92 -4.50 -29.44 -13.98
C CYS L 92 -6.00 -29.68 -13.92
N LYS L 93 -6.67 -28.84 -13.15
CA LYS L 93 -8.13 -28.87 -13.02
C LYS L 93 -8.74 -27.60 -13.58
N ARG L 94 -8.25 -27.18 -14.74
CA ARG L 94 -8.59 -25.89 -15.32
C ARG L 94 -8.35 -25.94 -16.83
N ASN L 95 -9.19 -25.24 -17.57
CA ASN L 95 -9.03 -25.12 -19.01
C ASN L 95 -7.87 -24.18 -19.33
N ILE L 96 -6.65 -24.73 -19.37
CA ILE L 96 -5.46 -23.93 -19.66
C ILE L 96 -5.47 -23.50 -21.11
N ASP L 97 -5.29 -22.19 -21.34
CA ASP L 97 -5.41 -21.61 -22.67
C ASP L 97 -4.20 -21.95 -23.53
N ALA L 98 -4.23 -21.47 -24.77
CA ALA L 98 -3.20 -21.75 -25.76
C ALA L 98 -2.08 -20.73 -25.67
N GLY L 99 -0.84 -21.20 -25.75
CA GLY L 99 0.32 -20.34 -25.82
C GLY L 99 0.71 -19.63 -24.54
N GLU L 100 -0.07 -19.76 -23.47
CA GLU L 100 0.20 -19.03 -22.24
C GLU L 100 1.21 -19.77 -21.38
N MET L 101 1.65 -19.10 -20.32
CA MET L 101 2.57 -19.71 -19.38
C MET L 101 1.82 -20.67 -18.47
N VAL L 102 2.52 -21.71 -18.03
CA VAL L 102 1.92 -22.72 -17.18
C VAL L 102 2.69 -22.83 -15.86
N ILE L 103 3.97 -23.18 -15.95
CA ILE L 103 4.79 -23.43 -14.77
C ILE L 103 6.24 -23.07 -15.12
N GLU L 104 7.04 -22.81 -14.09
CA GLU L 104 8.44 -22.47 -14.24
C GLU L 104 9.29 -23.58 -13.63
N TYR L 105 10.21 -24.12 -14.43
CA TYR L 105 11.06 -25.23 -13.99
C TYR L 105 12.26 -24.64 -13.25
N ALA L 106 12.11 -24.53 -11.92
CA ALA L 106 13.11 -23.91 -11.07
C ALA L 106 13.63 -24.92 -10.07
N GLY L 107 14.95 -25.04 -9.99
CA GLY L 107 15.59 -25.93 -9.04
C GLY L 107 17.04 -25.56 -8.87
N ASN L 108 17.87 -26.56 -8.57
CA ASN L 108 19.31 -26.36 -8.40
C ASN L 108 19.97 -25.91 -9.70
N VAL L 109 20.32 -24.63 -9.79
CA VAL L 109 21.06 -24.12 -10.94
C VAL L 109 22.52 -24.40 -10.63
N ILE L 110 22.97 -25.59 -11.04
CA ILE L 110 24.31 -26.05 -10.77
C ILE L 110 25.15 -25.86 -12.03
N ARG L 111 26.47 -25.91 -11.85
CA ARG L 111 27.37 -25.82 -12.99
C ARG L 111 27.31 -27.10 -13.82
N SER L 112 27.82 -27.00 -15.05
CA SER L 112 27.66 -28.08 -16.02
C SER L 112 28.50 -29.31 -15.67
N ILE L 113 29.49 -29.17 -14.80
CA ILE L 113 30.27 -30.32 -14.36
C ILE L 113 29.81 -30.82 -12.99
N GLN L 114 29.03 -30.01 -12.25
CA GLN L 114 28.32 -30.52 -11.09
C GLN L 114 27.16 -31.42 -11.51
N THR L 115 26.74 -31.32 -12.77
CA THR L 115 25.76 -32.24 -13.34
C THR L 115 26.24 -33.68 -13.27
N ASP L 116 27.48 -33.93 -13.69
CA ASP L 116 28.01 -35.30 -13.68
C ASP L 116 28.23 -35.80 -12.26
N LYS L 117 28.62 -34.92 -11.34
CA LYS L 117 28.77 -35.31 -9.94
C LYS L 117 27.43 -35.70 -9.32
N ARG L 118 26.39 -34.90 -9.57
CA ARG L 118 25.09 -35.25 -9.01
C ARG L 118 24.45 -36.42 -9.77
N GLU L 119 24.81 -36.62 -11.04
CA GLU L 119 24.33 -37.80 -11.76
C GLU L 119 24.94 -39.08 -11.21
N LYS L 120 26.24 -39.06 -10.93
CA LYS L 120 26.87 -40.21 -10.27
C LYS L 120 26.32 -40.39 -8.85
N TYR L 121 26.03 -39.28 -8.17
CA TYR L 121 25.53 -39.35 -6.80
C TYR L 121 24.13 -39.96 -6.74
N TYR L 122 23.20 -39.45 -7.54
CA TYR L 122 21.85 -40.00 -7.53
C TYR L 122 21.70 -41.22 -8.42
N ASP L 123 22.78 -41.64 -9.08
CA ASP L 123 22.87 -43.03 -9.51
C ASP L 123 23.22 -43.92 -8.33
N SER L 124 24.07 -43.42 -7.42
CA SER L 124 24.40 -44.17 -6.21
C SER L 124 23.30 -44.10 -5.15
N LYS L 125 22.32 -43.20 -5.29
CA LYS L 125 21.25 -43.07 -4.30
C LYS L 125 19.88 -43.48 -4.80
N GLY L 126 19.69 -43.62 -6.12
CA GLY L 126 18.44 -44.10 -6.67
C GLY L 126 17.39 -43.04 -6.89
N ILE L 127 17.62 -41.79 -6.46
CA ILE L 127 16.67 -40.72 -6.72
C ILE L 127 16.77 -40.31 -8.19
N GLY L 128 15.63 -40.10 -8.82
CA GLY L 128 15.61 -39.80 -10.25
C GLY L 128 16.24 -38.44 -10.57
N CYS L 129 17.01 -38.43 -11.64
CA CYS L 129 17.74 -37.25 -12.05
C CYS L 129 16.84 -36.34 -12.89
N TYR L 130 16.85 -35.04 -12.59
CA TYR L 130 16.03 -34.05 -13.27
C TYR L 130 16.94 -32.90 -13.68
N MET L 131 17.57 -33.00 -14.86
CA MET L 131 18.51 -31.97 -15.32
C MET L 131 18.10 -31.48 -16.70
N PHE L 132 17.24 -30.47 -16.73
CA PHE L 132 16.95 -29.72 -17.95
C PHE L 132 17.67 -28.38 -17.88
N ARG L 133 18.22 -27.95 -19.01
CA ARG L 133 19.13 -26.81 -19.02
C ARG L 133 18.52 -25.61 -19.73
N ILE L 134 19.17 -24.47 -19.55
CA ILE L 134 18.92 -23.29 -20.36
C ILE L 134 19.88 -23.26 -21.55
N ASP L 135 21.16 -23.50 -21.29
CA ASP L 135 22.20 -23.43 -22.30
C ASP L 135 23.29 -24.42 -21.94
N ASP L 136 24.43 -24.32 -22.62
CA ASP L 136 25.56 -25.21 -22.41
C ASP L 136 26.56 -24.68 -21.39
N SER L 137 26.11 -23.84 -20.46
CA SER L 137 26.97 -23.30 -19.41
C SER L 137 26.62 -23.82 -18.03
N GLU L 138 25.35 -23.68 -17.62
CA GLU L 138 24.88 -24.22 -16.35
C GLU L 138 23.50 -24.84 -16.55
N VAL L 139 23.27 -25.98 -15.91
CA VAL L 139 22.08 -26.79 -16.09
C VAL L 139 21.27 -26.76 -14.80
N VAL L 140 19.97 -26.52 -14.92
CA VAL L 140 19.08 -26.51 -13.77
C VAL L 140 18.82 -27.97 -13.36
N ASP L 141 19.33 -28.35 -12.20
CA ASP L 141 18.98 -29.63 -11.60
C ASP L 141 17.72 -29.43 -10.75
N ALA L 142 16.95 -30.50 -10.60
CA ALA L 142 15.71 -30.46 -9.82
C ALA L 142 15.61 -31.67 -8.93
N THR L 143 16.64 -31.94 -8.13
CA THR L 143 16.62 -33.06 -7.20
C THR L 143 16.51 -32.63 -5.75
N MET L 144 17.43 -31.80 -5.27
CA MET L 144 17.29 -31.25 -3.92
C MET L 144 16.36 -30.05 -3.93
N HIS L 145 16.77 -29.00 -4.63
CA HIS L 145 15.93 -27.84 -4.87
C HIS L 145 15.05 -28.12 -6.09
N GLY L 146 13.77 -27.81 -5.97
CA GLY L 146 12.88 -27.99 -7.10
C GLY L 146 11.52 -27.38 -6.89
N ASN L 147 10.53 -27.88 -7.62
CA ASN L 147 9.17 -27.39 -7.56
C ASN L 147 8.25 -28.47 -8.15
N ALA L 148 7.01 -28.08 -8.44
CA ALA L 148 6.03 -28.98 -9.04
C ALA L 148 6.36 -29.33 -10.49
N ALA L 149 7.30 -28.62 -11.12
CA ALA L 149 7.72 -28.94 -12.48
C ALA L 149 8.63 -30.16 -12.56
N ARG L 150 8.98 -30.77 -11.42
CA ARG L 150 9.59 -32.09 -11.44
C ARG L 150 8.60 -33.15 -11.93
N PHE L 151 7.31 -32.93 -11.66
CA PHE L 151 6.26 -33.88 -12.02
C PHE L 151 5.65 -33.56 -13.39
N ILE L 152 6.49 -33.40 -14.40
CA ILE L 152 6.06 -33.21 -15.77
C ILE L 152 6.48 -34.43 -16.57
N ASN L 153 5.51 -35.19 -17.05
CA ASN L 153 5.83 -36.34 -17.88
C ASN L 153 6.16 -35.90 -19.30
N HIS L 154 6.48 -36.88 -20.13
CA HIS L 154 6.85 -36.65 -21.52
C HIS L 154 5.79 -37.28 -22.42
N SER L 155 5.14 -36.46 -23.24
CA SER L 155 4.31 -36.95 -24.32
C SER L 155 4.96 -36.51 -25.63
N CYS L 156 5.12 -37.46 -26.56
CA CYS L 156 5.68 -37.16 -27.86
C CYS L 156 4.71 -36.40 -28.76
N GLU L 157 3.43 -36.35 -28.41
CA GLU L 157 2.48 -35.36 -28.91
C GLU L 157 2.03 -34.53 -27.71
N PRO L 158 2.85 -33.56 -27.27
CA PRO L 158 2.56 -32.90 -26.00
C PRO L 158 1.54 -31.79 -26.15
N ASN L 159 1.29 -31.06 -25.06
CA ASN L 159 0.42 -29.90 -25.09
C ASN L 159 1.16 -28.62 -24.71
N CYS L 160 2.48 -28.67 -24.56
CA CYS L 160 3.28 -27.52 -24.18
C CYS L 160 4.65 -27.59 -24.84
N TYR L 161 5.40 -26.50 -24.67
CA TYR L 161 6.81 -26.44 -25.03
C TYR L 161 7.47 -25.46 -24.05
N SER L 162 8.69 -25.02 -24.38
CA SER L 162 9.38 -24.07 -23.52
C SER L 162 10.14 -23.05 -24.36
N ARG L 163 10.30 -21.85 -23.81
CA ARG L 163 11.12 -20.81 -24.41
C ARG L 163 11.95 -20.13 -23.33
N VAL L 164 13.20 -19.84 -23.65
CA VAL L 164 14.10 -19.15 -22.75
C VAL L 164 13.73 -17.67 -22.72
N ILE L 165 13.31 -17.19 -21.55
CA ILE L 165 12.97 -15.79 -21.38
C ILE L 165 14.08 -15.10 -20.62
N ASN L 166 13.98 -13.77 -20.52
CA ASN L 166 15.00 -12.95 -19.86
C ASN L 166 14.32 -12.01 -18.89
N ILE L 167 14.54 -12.21 -17.59
CA ILE L 167 13.99 -11.36 -16.53
C ILE L 167 15.14 -10.89 -15.65
N ASP L 168 15.38 -9.57 -15.65
CA ASP L 168 16.25 -8.88 -14.69
C ASP L 168 17.69 -9.39 -14.77
N GLY L 169 18.13 -9.76 -15.97
CA GLY L 169 19.41 -10.39 -16.17
C GLY L 169 19.39 -11.91 -16.02
N GLN L 170 18.45 -12.44 -15.24
CA GLN L 170 18.33 -13.88 -15.07
C GLN L 170 17.55 -14.49 -16.23
N LYS L 171 17.79 -15.77 -16.46
CA LYS L 171 17.04 -16.56 -17.43
C LYS L 171 16.16 -17.57 -16.70
N HIS L 172 15.01 -17.86 -17.29
CA HIS L 172 14.02 -18.69 -16.60
C HIS L 172 13.40 -19.69 -17.58
N ILE L 173 13.39 -20.96 -17.18
CA ILE L 173 12.76 -22.01 -17.97
C ILE L 173 11.25 -21.88 -17.77
N VAL L 174 10.55 -21.43 -18.81
CA VAL L 174 9.13 -21.15 -18.73
C VAL L 174 8.40 -22.04 -19.71
N ILE L 175 7.40 -22.78 -19.22
CA ILE L 175 6.69 -23.76 -20.02
C ILE L 175 5.50 -23.06 -20.67
N PHE L 176 5.64 -22.73 -21.96
CA PHE L 176 4.56 -22.13 -22.72
C PHE L 176 3.65 -23.21 -23.29
N ALA L 177 2.36 -22.92 -23.32
CA ALA L 177 1.36 -23.88 -23.77
C ALA L 177 1.29 -23.93 -25.29
N MET L 178 0.46 -24.85 -25.79
CA MET L 178 0.26 -25.01 -27.23
C MET L 178 -1.20 -24.87 -27.65
N ARG L 179 -2.13 -25.45 -26.89
CA ARG L 179 -3.53 -25.48 -27.27
C ARG L 179 -4.35 -25.28 -26.00
N LYS L 180 -5.67 -25.43 -26.13
CA LYS L 180 -6.56 -25.38 -24.97
C LYS L 180 -6.44 -26.69 -24.21
N ILE L 181 -5.80 -26.64 -23.04
CA ILE L 181 -5.54 -27.82 -22.24
C ILE L 181 -6.66 -27.94 -21.21
N TYR L 182 -7.45 -29.00 -21.33
CA TYR L 182 -8.73 -29.13 -20.63
C TYR L 182 -8.53 -29.45 -19.15
N ARG L 183 -9.65 -29.68 -18.46
CA ARG L 183 -9.63 -30.07 -17.06
C ARG L 183 -9.31 -31.55 -16.95
N GLY L 184 -8.25 -31.89 -16.20
CA GLY L 184 -7.84 -33.26 -16.00
C GLY L 184 -6.65 -33.68 -16.84
N GLU L 185 -6.28 -32.91 -17.86
CA GLU L 185 -5.18 -33.28 -18.74
C GLU L 185 -3.84 -33.05 -18.06
N GLU L 186 -2.98 -34.07 -18.07
CA GLU L 186 -1.65 -33.95 -17.52
C GLU L 186 -0.77 -33.16 -18.48
N LEU L 187 0.16 -32.38 -17.92
CA LEU L 187 0.95 -31.43 -18.68
C LEU L 187 2.29 -32.02 -19.09
N THR L 188 2.60 -31.92 -20.38
CA THR L 188 3.81 -32.48 -20.98
C THR L 188 4.38 -31.48 -21.98
N TYR L 189 5.70 -31.51 -22.17
CA TYR L 189 6.31 -30.68 -23.21
C TYR L 189 7.41 -31.50 -23.89
N ASP L 190 8.16 -30.84 -24.78
CA ASP L 190 9.18 -31.49 -25.58
C ASP L 190 10.53 -31.35 -24.87
N TYR L 191 11.12 -32.49 -24.49
CA TYR L 191 12.39 -32.46 -23.77
C TYR L 191 13.57 -32.18 -24.70
N LYS L 192 13.55 -32.79 -25.90
CA LYS L 192 14.63 -32.76 -26.89
C LYS L 192 15.98 -33.21 -26.33
N LEU L 202 15.88 -44.00 -25.64
CA LEU L 202 15.12 -43.90 -24.39
C LEU L 202 13.63 -44.07 -24.66
N PRO L 203 13.12 -45.29 -24.50
CA PRO L 203 11.69 -45.54 -24.74
C PRO L 203 10.83 -44.89 -23.66
N CYS L 204 9.83 -44.14 -24.09
CA CYS L 204 8.96 -43.38 -23.21
C CYS L 204 7.59 -44.03 -23.10
N ASN L 205 6.85 -43.62 -22.07
CA ASN L 205 5.46 -44.02 -21.86
C ASN L 205 4.53 -42.90 -22.32
N CYS L 206 4.88 -42.27 -23.45
CA CYS L 206 4.12 -41.14 -23.97
C CYS L 206 2.73 -41.56 -24.42
N GLY L 207 2.61 -42.70 -25.07
CA GLY L 207 1.36 -43.14 -25.65
C GLY L 207 1.04 -42.53 -27.00
N ALA L 208 1.94 -41.75 -27.57
CA ALA L 208 1.71 -41.10 -28.85
C ALA L 208 2.35 -41.90 -29.99
N LYS L 209 1.85 -41.66 -31.20
CA LYS L 209 2.32 -42.34 -32.40
C LYS L 209 3.47 -41.62 -33.09
N LYS L 210 3.81 -40.41 -32.66
CA LYS L 210 4.97 -39.68 -33.17
C LYS L 210 6.21 -39.93 -32.32
N CYS L 211 6.32 -41.11 -31.72
CA CYS L 211 7.30 -41.34 -30.66
C CYS L 211 8.70 -41.52 -31.24
N ARG L 212 9.66 -40.80 -30.66
CA ARG L 212 11.05 -40.87 -31.08
C ARG L 212 11.79 -42.04 -30.47
N LYS L 213 11.53 -42.32 -29.18
CA LYS L 213 12.25 -43.27 -28.33
C LYS L 213 13.75 -42.96 -28.23
N PHE L 214 14.13 -41.70 -28.43
CA PHE L 214 15.51 -41.25 -28.29
C PHE L 214 15.49 -39.83 -27.74
N LEU L 215 16.06 -39.64 -26.56
CA LEU L 215 16.06 -38.35 -25.89
C LEU L 215 17.48 -37.91 -25.53
N ASN L 216 18.39 -38.02 -26.48
CA ASN L 216 19.77 -37.57 -26.28
C ASN L 216 20.13 -36.41 -27.22
N PRO M 33 15.39 -59.10 38.58
CA PRO M 33 15.68 -59.84 37.36
C PRO M 33 15.45 -61.34 37.52
N ASN M 34 14.39 -61.71 38.24
CA ASN M 34 14.09 -63.09 38.57
C ASN M 34 12.64 -63.42 38.24
N TYR M 35 12.23 -63.08 37.01
CA TYR M 35 10.89 -63.37 36.54
C TYR M 35 10.69 -64.87 36.41
N ALA M 36 9.77 -65.40 37.21
CA ALA M 36 9.55 -66.84 37.33
C ALA M 36 8.22 -67.22 36.70
N LEU M 37 8.20 -68.36 36.02
CA LEU M 37 6.98 -68.85 35.40
C LEU M 37 6.01 -69.36 36.44
N LYS M 38 4.75 -68.94 36.34
CA LYS M 38 3.72 -69.25 37.32
C LYS M 38 2.66 -70.21 36.76
N PHE M 39 2.01 -69.85 35.66
CA PHE M 39 0.86 -70.60 35.17
C PHE M 39 0.90 -70.65 33.64
N THR M 40 -0.07 -71.37 33.08
CA THR M 40 -0.22 -71.52 31.63
C THR M 40 -1.68 -71.31 31.27
N LEU M 41 -1.93 -70.35 30.38
CA LEU M 41 -3.28 -69.95 30.00
C LEU M 41 -3.66 -70.70 28.73
N ALA M 42 -3.83 -72.02 28.88
CA ALA M 42 -4.06 -72.89 27.74
C ALA M 42 -5.52 -72.84 27.32
N GLY M 43 -5.75 -73.10 26.03
CA GLY M 43 -7.10 -73.14 25.51
C GLY M 43 -7.23 -72.59 24.11
N HIS M 44 -6.19 -71.94 23.61
CA HIS M 44 -6.24 -71.33 22.28
C HIS M 44 -6.23 -72.39 21.19
N THR M 45 -6.95 -72.11 20.09
CA THR M 45 -7.10 -73.03 18.99
C THR M 45 -6.36 -72.59 17.72
N LYS M 46 -5.91 -71.34 17.66
CA LYS M 46 -5.11 -70.86 16.54
C LYS M 46 -3.93 -70.04 17.05
N ALA M 47 -3.26 -69.33 16.14
CA ALA M 47 -2.18 -68.43 16.51
C ALA M 47 -2.73 -67.28 17.35
N VAL M 48 -2.18 -67.12 18.56
CA VAL M 48 -2.63 -66.11 19.50
C VAL M 48 -2.33 -64.73 18.93
N SER M 49 -3.38 -63.95 18.68
CA SER M 49 -3.22 -62.67 18.00
C SER M 49 -2.52 -61.65 18.90
N SER M 50 -2.97 -61.53 20.14
CA SER M 50 -2.40 -60.53 21.03
C SER M 50 -2.53 -60.98 22.47
N VAL M 51 -1.58 -60.54 23.30
CA VAL M 51 -1.64 -60.69 24.75
C VAL M 51 -1.25 -59.34 25.35
N LYS M 52 -2.25 -58.57 25.76
CA LYS M 52 -2.04 -57.26 26.35
C LYS M 52 -2.81 -57.16 27.65
N PHE M 53 -2.22 -56.48 28.63
CA PHE M 53 -2.87 -56.31 29.92
C PHE M 53 -3.99 -55.30 29.85
N SER M 54 -4.94 -55.45 30.74
CA SER M 54 -5.97 -54.44 30.91
C SER M 54 -5.41 -53.23 31.64
N PRO M 55 -6.00 -52.05 31.44
CA PRO M 55 -5.50 -50.85 32.13
C PRO M 55 -5.71 -50.86 33.65
N ASN M 56 -6.54 -51.74 34.20
CA ASN M 56 -6.57 -51.87 35.66
C ASN M 56 -5.47 -52.79 36.18
N GLY M 57 -4.67 -53.38 35.30
CA GLY M 57 -3.63 -54.30 35.72
C GLY M 57 -4.14 -55.60 36.28
N GLU M 58 -5.38 -55.99 35.96
CA GLU M 58 -6.01 -57.15 36.57
C GLU M 58 -6.56 -58.15 35.57
N TRP M 59 -6.44 -57.90 34.26
CA TRP M 59 -6.99 -58.80 33.25
C TRP M 59 -6.01 -58.90 32.09
N LEU M 60 -5.13 -59.90 32.14
CA LEU M 60 -4.30 -60.25 30.98
C LEU M 60 -5.15 -61.16 30.10
N ALA M 61 -5.97 -60.55 29.26
CA ALA M 61 -6.79 -61.30 28.33
C ALA M 61 -6.03 -61.50 27.02
N SER M 62 -6.66 -62.19 26.08
CA SER M 62 -5.99 -62.59 24.86
C SER M 62 -7.04 -62.86 23.79
N SER M 63 -6.56 -63.04 22.56
CA SER M 63 -7.43 -63.26 21.42
C SER M 63 -6.66 -64.01 20.35
N SER M 64 -7.39 -64.46 19.34
CA SER M 64 -6.79 -65.11 18.18
C SER M 64 -7.73 -64.90 16.99
N ALA M 65 -7.29 -65.38 15.83
CA ALA M 65 -8.08 -65.28 14.61
C ALA M 65 -9.10 -66.39 14.46
N ASP M 66 -9.38 -67.14 15.53
CA ASP M 66 -10.39 -68.19 15.54
C ASP M 66 -11.76 -67.69 15.96
N LYS M 67 -11.99 -66.38 15.91
CA LYS M 67 -13.18 -65.70 16.43
C LYS M 67 -13.40 -65.99 17.91
N LEU M 68 -12.31 -66.14 18.66
CA LEU M 68 -12.36 -66.46 20.09
C LEU M 68 -11.44 -65.50 20.84
N ILE M 69 -11.97 -64.34 21.22
CA ILE M 69 -11.25 -63.41 22.09
C ILE M 69 -11.38 -63.96 23.51
N LYS M 70 -10.37 -64.69 23.95
CA LYS M 70 -10.46 -65.45 25.19
C LYS M 70 -10.08 -64.55 26.37
N ILE M 71 -11.08 -64.13 27.13
CA ILE M 71 -10.87 -63.24 28.27
C ILE M 71 -10.39 -64.09 29.45
N TRP M 72 -9.12 -63.93 29.81
CA TRP M 72 -8.51 -64.65 30.91
C TRP M 72 -8.19 -63.70 32.05
N GLY M 73 -7.75 -64.26 33.16
CA GLY M 73 -7.29 -63.50 34.30
C GLY M 73 -5.85 -63.07 34.15
N ALA M 74 -5.25 -62.64 35.25
CA ALA M 74 -3.90 -62.11 35.25
C ALA M 74 -2.94 -62.88 36.14
N TYR M 75 -3.40 -63.36 37.30
CA TYR M 75 -2.52 -63.97 38.29
C TYR M 75 -2.47 -65.49 38.22
N ASP M 76 -3.57 -66.14 37.80
CA ASP M 76 -3.58 -67.59 37.68
C ASP M 76 -4.02 -68.10 36.32
N GLY M 77 -4.59 -67.26 35.46
CA GLY M 77 -5.13 -67.74 34.21
C GLY M 77 -6.51 -68.34 34.39
N LYS M 78 -7.37 -67.62 35.10
CA LYS M 78 -8.73 -68.06 35.34
C LYS M 78 -9.64 -67.58 34.21
N PHE M 79 -10.50 -68.48 33.73
CA PHE M 79 -11.35 -68.17 32.59
C PHE M 79 -12.49 -67.23 32.99
N GLU M 80 -12.76 -66.23 32.14
CA GLU M 80 -13.86 -65.31 32.36
C GLU M 80 -14.95 -65.46 31.31
N LYS M 81 -14.62 -65.27 30.03
CA LYS M 81 -15.56 -65.43 28.92
C LYS M 81 -14.77 -65.51 27.62
N THR M 82 -15.51 -65.58 26.51
CA THR M 82 -14.91 -65.62 25.18
C THR M 82 -15.83 -64.86 24.23
N ILE M 83 -15.28 -63.86 23.55
CA ILE M 83 -16.04 -63.04 22.61
C ILE M 83 -16.05 -63.71 21.25
N SER M 84 -17.24 -63.94 20.70
CA SER M 84 -17.40 -64.42 19.34
C SER M 84 -18.52 -63.61 18.69
N GLY M 85 -18.75 -63.86 17.40
CA GLY M 85 -19.77 -63.12 16.68
C GLY M 85 -19.23 -62.32 15.52
N HIS M 86 -18.14 -62.80 14.93
CA HIS M 86 -17.52 -62.17 13.78
C HIS M 86 -17.91 -62.94 12.52
N LYS M 87 -17.30 -62.58 11.39
CA LYS M 87 -17.46 -63.30 10.14
C LYS M 87 -16.19 -64.02 9.71
N LEU M 88 -15.06 -63.32 9.75
CA LEU M 88 -13.74 -63.87 9.47
C LEU M 88 -12.89 -63.74 10.73
N GLY M 89 -11.59 -63.99 10.58
CA GLY M 89 -10.65 -63.93 11.70
C GLY M 89 -10.49 -62.58 12.36
N ILE M 90 -9.63 -62.52 13.38
CA ILE M 90 -9.43 -61.31 14.17
C ILE M 90 -7.94 -60.98 14.15
N SER M 91 -7.62 -59.74 13.80
CA SER M 91 -6.22 -59.32 13.88
C SER M 91 -5.90 -58.69 15.23
N ASP M 92 -6.56 -57.59 15.58
CA ASP M 92 -6.17 -56.86 16.77
C ASP M 92 -7.37 -56.54 17.64
N VAL M 93 -7.15 -56.60 18.95
CA VAL M 93 -8.07 -56.10 19.96
C VAL M 93 -7.31 -55.14 20.85
N ALA M 94 -7.93 -54.00 21.18
CA ALA M 94 -7.24 -52.97 21.95
C ALA M 94 -8.04 -52.62 23.19
N TRP M 95 -7.33 -52.19 24.22
CA TRP M 95 -7.92 -51.94 25.53
C TRP M 95 -8.36 -50.49 25.67
N SER M 96 -9.63 -50.30 26.03
CA SER M 96 -10.08 -49.02 26.52
C SER M 96 -9.69 -48.88 28.00
N SER M 97 -9.63 -47.63 28.46
CA SER M 97 -9.07 -47.33 29.78
C SER M 97 -9.95 -47.78 30.94
N ASP M 98 -11.20 -48.17 30.69
CA ASP M 98 -12.04 -48.76 31.72
C ASP M 98 -11.92 -50.28 31.81
N SER M 99 -10.96 -50.87 31.07
CA SER M 99 -10.69 -52.31 30.98
C SER M 99 -11.89 -53.11 30.47
N ASN M 100 -12.85 -52.45 29.82
CA ASN M 100 -14.09 -53.11 29.41
C ASN M 100 -14.32 -53.07 27.91
N LEU M 101 -14.32 -51.89 27.30
CA LEU M 101 -14.67 -51.76 25.90
C LEU M 101 -13.54 -52.27 25.02
N LEU M 102 -13.86 -53.21 24.13
CA LEU M 102 -12.89 -53.78 23.22
C LEU M 102 -13.36 -53.59 21.79
N VAL M 103 -12.57 -52.89 21.00
CA VAL M 103 -12.77 -52.87 19.56
C VAL M 103 -12.01 -54.05 18.98
N SER M 104 -12.54 -54.65 17.93
CA SER M 104 -11.90 -55.78 17.27
C SER M 104 -11.53 -55.37 15.86
N ALA M 105 -10.25 -55.53 15.52
CA ALA M 105 -9.78 -55.32 14.16
C ALA M 105 -9.91 -56.64 13.39
N SER M 106 -11.15 -57.04 13.20
CA SER M 106 -11.44 -58.35 12.67
C SER M 106 -11.19 -58.41 11.17
N ASP M 107 -10.78 -59.59 10.69
CA ASP M 107 -10.30 -59.78 9.33
C ASP M 107 -11.41 -59.89 8.30
N ASP M 108 -12.67 -59.66 8.68
CA ASP M 108 -13.75 -59.47 7.72
C ASP M 108 -13.88 -58.01 7.29
N LYS M 109 -12.82 -57.21 7.50
CA LYS M 109 -12.73 -55.79 7.18
C LYS M 109 -13.81 -54.97 7.90
N THR M 110 -14.21 -55.44 9.07
CA THR M 110 -15.13 -54.73 9.95
C THR M 110 -14.38 -54.21 11.16
N LEU M 111 -15.01 -53.26 11.84
CA LEU M 111 -14.57 -52.84 13.17
C LEU M 111 -15.73 -53.19 14.10
N LYS M 112 -15.78 -54.45 14.51
CA LYS M 112 -16.80 -54.91 15.43
C LYS M 112 -16.36 -54.59 16.85
N ILE M 113 -17.24 -53.96 17.62
CA ILE M 113 -16.89 -53.46 18.93
C ILE M 113 -17.55 -54.36 19.97
N TRP M 114 -16.77 -54.79 20.96
CA TRP M 114 -17.25 -55.73 21.95
C TRP M 114 -16.89 -55.26 23.35
N ASP M 115 -17.13 -56.10 24.35
CA ASP M 115 -17.05 -55.65 25.74
C ASP M 115 -16.52 -56.77 26.61
N VAL M 116 -15.63 -56.42 27.55
CA VAL M 116 -15.27 -57.34 28.61
C VAL M 116 -16.44 -57.56 29.56
N SER M 117 -17.24 -56.52 29.78
CA SER M 117 -18.35 -56.61 30.72
C SER M 117 -19.52 -57.40 30.15
N SER M 118 -19.96 -57.05 28.94
CA SER M 118 -21.17 -57.64 28.36
C SER M 118 -20.86 -58.58 27.20
N GLY M 119 -20.17 -58.09 26.17
CA GLY M 119 -19.91 -58.90 25.00
C GLY M 119 -21.03 -58.81 23.98
N LYS M 120 -21.62 -57.63 23.85
CA LYS M 120 -22.69 -57.41 22.90
C LYS M 120 -22.11 -56.89 21.58
N CYS M 121 -22.77 -57.24 20.48
CA CYS M 121 -22.38 -56.74 19.17
C CYS M 121 -22.73 -55.27 19.10
N LEU M 122 -21.82 -54.42 19.56
CA LEU M 122 -22.14 -53.01 19.79
C LEU M 122 -22.26 -52.26 18.46
N LYS M 123 -21.16 -52.18 17.72
CA LYS M 123 -21.13 -51.54 16.41
C LYS M 123 -20.26 -52.37 15.49
N THR M 124 -20.85 -52.84 14.38
CA THR M 124 -20.07 -53.44 13.31
C THR M 124 -19.78 -52.37 12.26
N LEU M 125 -18.50 -52.06 12.07
CA LEU M 125 -18.09 -50.89 11.31
C LEU M 125 -17.18 -51.34 10.17
N LYS M 126 -17.74 -51.43 8.96
CA LYS M 126 -16.98 -51.81 7.77
C LYS M 126 -16.23 -50.59 7.24
N GLY M 127 -15.70 -50.68 6.03
CA GLY M 127 -15.17 -49.50 5.37
C GLY M 127 -13.78 -49.65 4.79
N HIS M 128 -12.90 -50.38 5.47
CA HIS M 128 -11.54 -50.56 4.98
C HIS M 128 -11.51 -51.55 3.84
N SER M 129 -10.75 -51.22 2.80
CA SER M 129 -10.67 -52.07 1.62
C SER M 129 -9.72 -53.24 1.79
N ASN M 130 -8.92 -53.27 2.86
CA ASN M 130 -7.99 -54.36 3.08
C ASN M 130 -8.06 -54.71 4.58
N TYR M 131 -7.18 -55.61 5.01
CA TYR M 131 -7.26 -56.17 6.36
C TYR M 131 -6.86 -55.14 7.41
N VAL M 132 -7.73 -54.96 8.40
CA VAL M 132 -7.46 -54.05 9.50
C VAL M 132 -6.53 -54.80 10.46
N PHE M 133 -5.23 -54.52 10.35
CA PHE M 133 -4.22 -55.30 11.07
C PHE M 133 -4.13 -54.89 12.54
N CYS M 134 -3.99 -53.60 12.80
CA CYS M 134 -3.77 -53.12 14.15
C CYS M 134 -4.78 -52.03 14.49
N CYS M 135 -5.01 -51.87 15.79
CA CYS M 135 -5.90 -50.85 16.31
C CYS M 135 -5.42 -50.43 17.69
N ASN M 136 -5.54 -49.14 17.99
CA ASN M 136 -5.09 -48.57 19.25
C ASN M 136 -6.10 -47.54 19.71
N PHE M 137 -5.86 -46.98 20.90
CA PHE M 137 -6.70 -45.94 21.48
C PHE M 137 -5.87 -44.76 21.89
N ASN M 138 -6.47 -43.57 21.79
CA ASN M 138 -5.98 -42.42 22.50
C ASN M 138 -6.18 -42.62 24.00
N PRO M 139 -5.41 -41.91 24.83
CA PRO M 139 -5.67 -41.95 26.28
C PRO M 139 -6.96 -41.27 26.71
N GLN M 140 -7.65 -40.57 25.82
CA GLN M 140 -8.93 -39.95 26.11
C GLN M 140 -10.11 -40.87 25.87
N SER M 141 -9.88 -42.00 25.19
CA SER M 141 -10.85 -43.08 24.98
C SER M 141 -12.08 -42.59 24.22
N ASN M 142 -11.85 -41.84 23.15
CA ASN M 142 -12.94 -41.36 22.31
C ASN M 142 -12.64 -41.42 20.82
N LEU M 143 -11.49 -41.95 20.41
CA LEU M 143 -11.15 -42.11 19.02
C LEU M 143 -10.78 -43.55 18.73
N ILE M 144 -11.01 -43.96 17.49
CA ILE M 144 -10.61 -45.28 17.03
C ILE M 144 -9.66 -45.06 15.87
N VAL M 145 -8.35 -45.09 16.15
CA VAL M 145 -7.38 -45.17 15.07
C VAL M 145 -7.46 -46.56 14.47
N SER M 146 -7.22 -46.65 13.16
CA SER M 146 -7.40 -47.92 12.45
C SER M 146 -6.23 -48.10 11.50
N GLY M 147 -5.24 -48.86 11.95
CA GLY M 147 -4.11 -49.19 11.09
C GLY M 147 -4.41 -50.43 10.28
N SER M 148 -4.85 -50.23 9.05
CA SER M 148 -5.25 -51.31 8.16
C SER M 148 -4.18 -51.54 7.10
N PHE M 149 -4.40 -52.55 6.27
CA PHE M 149 -3.54 -52.82 5.14
C PHE M 149 -3.95 -52.07 3.88
N ASP M 150 -4.87 -51.10 4.00
CA ASP M 150 -5.41 -50.40 2.84
C ASP M 150 -4.69 -49.10 2.53
N GLU M 151 -3.55 -48.84 3.20
CA GLU M 151 -2.68 -47.68 3.00
C GLU M 151 -3.38 -46.35 3.29
N SER M 152 -4.41 -46.37 4.14
CA SER M 152 -5.17 -45.17 4.47
C SER M 152 -5.56 -45.29 5.95
N VAL M 153 -4.92 -44.50 6.80
CA VAL M 153 -5.23 -44.51 8.23
C VAL M 153 -6.53 -43.73 8.39
N ARG M 154 -7.63 -44.45 8.50
CA ARG M 154 -8.92 -43.84 8.79
C ARG M 154 -9.14 -43.82 10.30
N ILE M 155 -9.98 -42.89 10.73
CA ILE M 155 -10.28 -42.73 12.15
C ILE M 155 -11.78 -42.90 12.31
N TRP M 156 -12.17 -43.64 13.34
CA TRP M 156 -13.56 -44.05 13.55
C TRP M 156 -14.03 -43.60 14.93
N ASP M 157 -15.34 -43.63 15.12
CA ASP M 157 -15.97 -43.09 16.31
C ASP M 157 -16.32 -44.20 17.28
N VAL M 158 -16.09 -43.93 18.58
CA VAL M 158 -16.41 -44.89 19.62
C VAL M 158 -17.92 -45.00 19.81
N LYS M 159 -18.62 -43.87 19.83
CA LYS M 159 -20.03 -43.86 20.23
C LYS M 159 -20.92 -44.41 19.11
N THR M 160 -20.72 -43.95 17.89
CA THR M 160 -21.55 -44.37 16.76
C THR M 160 -20.78 -45.08 15.66
N GLY M 161 -19.57 -44.61 15.32
CA GLY M 161 -18.77 -45.27 14.32
C GLY M 161 -18.78 -44.64 12.94
N LYS M 162 -18.62 -43.32 12.88
CA LYS M 162 -18.45 -42.62 11.62
C LYS M 162 -16.97 -42.63 11.24
N CYS M 163 -16.70 -42.79 9.95
CA CYS M 163 -15.35 -42.61 9.43
C CYS M 163 -15.01 -41.14 9.57
N LEU M 164 -14.19 -40.83 10.56
CA LEU M 164 -13.97 -39.43 10.92
C LEU M 164 -13.10 -38.73 9.88
N LYS M 165 -11.88 -39.23 9.67
CA LYS M 165 -11.01 -38.71 8.63
C LYS M 165 -10.35 -39.88 7.93
N THR M 166 -9.44 -39.58 7.02
CA THR M 166 -8.70 -40.60 6.27
C THR M 166 -7.33 -40.04 5.97
N LEU M 167 -6.31 -40.59 6.64
CA LEU M 167 -4.96 -40.06 6.50
C LEU M 167 -4.32 -40.60 5.23
N PRO M 168 -3.84 -39.75 4.33
CA PRO M 168 -3.01 -40.23 3.21
C PRO M 168 -1.64 -40.68 3.70
N ALA M 169 -1.58 -41.86 4.30
CA ALA M 169 -0.43 -42.23 5.11
C ALA M 169 0.79 -42.58 4.27
N HIS M 170 0.71 -43.68 3.51
CA HIS M 170 1.89 -44.19 2.83
C HIS M 170 1.45 -44.86 1.53
N SER M 171 2.43 -45.26 0.73
CA SER M 171 2.26 -46.27 -0.31
C SER M 171 2.53 -47.67 0.22
N ASP M 172 2.53 -47.83 1.54
CA ASP M 172 2.72 -49.08 2.25
C ASP M 172 1.57 -49.30 3.21
N PRO M 173 1.20 -50.55 3.48
CA PRO M 173 0.22 -50.83 4.52
C PRO M 173 0.77 -50.49 5.90
N VAL M 174 -0.14 -50.44 6.86
CA VAL M 174 0.17 -50.00 8.21
C VAL M 174 0.28 -51.22 9.12
N SER M 175 1.37 -51.30 9.87
CA SER M 175 1.57 -52.38 10.82
C SER M 175 1.33 -51.96 12.26
N ALA M 176 1.64 -50.71 12.61
CA ALA M 176 1.49 -50.25 13.98
C ALA M 176 1.40 -48.74 14.01
N VAL M 177 0.51 -48.23 14.86
CA VAL M 177 0.41 -46.81 15.19
C VAL M 177 0.35 -46.69 16.71
N HIS M 178 0.37 -45.44 17.18
CA HIS M 178 0.25 -45.13 18.59
C HIS M 178 -0.12 -43.67 18.73
N PHE M 179 -0.78 -43.34 19.83
CA PHE M 179 -0.95 -41.96 20.27
C PHE M 179 0.05 -41.64 21.38
N ASN M 180 0.29 -40.34 21.57
CA ASN M 180 1.14 -39.87 22.66
C ASN M 180 0.36 -39.83 23.97
N ARG M 181 0.90 -39.13 24.98
CA ARG M 181 0.35 -39.14 26.33
C ARG M 181 -1.08 -38.59 26.42
N ASP M 182 -1.50 -37.76 25.46
CA ASP M 182 -2.88 -37.29 25.42
C ASP M 182 -3.68 -37.77 24.22
N GLY M 183 -3.02 -38.05 23.11
CA GLY M 183 -3.70 -38.43 21.88
C GLY M 183 -3.56 -37.43 20.74
N SER M 184 -2.58 -36.53 20.80
CA SER M 184 -2.45 -35.46 19.83
C SER M 184 -1.56 -35.82 18.65
N LEU M 185 -0.90 -36.97 18.66
CA LEU M 185 0.00 -37.36 17.60
C LEU M 185 -0.24 -38.79 17.18
N ILE M 186 0.09 -39.10 15.93
CA ILE M 186 0.03 -40.45 15.40
C ILE M 186 1.38 -40.79 14.79
N VAL M 187 2.04 -41.78 15.35
CA VAL M 187 3.29 -42.30 14.81
C VAL M 187 2.94 -43.43 13.84
N SER M 188 3.75 -43.59 12.80
CA SER M 188 3.50 -44.56 11.74
C SER M 188 4.63 -45.58 11.69
N SER M 189 4.26 -46.82 11.40
CA SER M 189 5.24 -47.88 11.13
C SER M 189 5.00 -48.31 9.69
N SER M 190 5.65 -47.61 8.76
CA SER M 190 5.51 -47.89 7.34
C SER M 190 6.44 -49.04 6.96
N TYR M 191 6.53 -49.34 5.68
CA TYR M 191 7.36 -50.44 5.23
C TYR M 191 8.53 -49.98 4.36
N ASP M 192 8.59 -48.70 4.00
CA ASP M 192 9.73 -48.13 3.29
C ASP M 192 10.56 -47.22 4.19
N GLY M 193 10.63 -47.55 5.47
CA GLY M 193 11.45 -46.80 6.40
C GLY M 193 11.00 -45.39 6.71
N LEU M 194 9.71 -45.21 7.00
CA LEU M 194 9.16 -43.90 7.29
C LEU M 194 8.36 -43.99 8.59
N CYS M 195 8.68 -43.11 9.54
CA CYS M 195 7.90 -42.98 10.77
C CYS M 195 7.42 -41.54 10.83
N ARG M 196 6.32 -41.27 10.15
CA ARG M 196 5.76 -39.93 10.12
C ARG M 196 4.96 -39.70 11.38
N ILE M 197 5.36 -38.70 12.16
CA ILE M 197 4.61 -38.32 13.36
C ILE M 197 3.46 -37.45 12.88
N TRP M 198 2.31 -38.06 12.67
CA TRP M 198 1.16 -37.36 12.09
C TRP M 198 0.47 -36.53 13.16
N ASP M 199 -0.10 -35.40 12.72
CA ASP M 199 -0.99 -34.66 13.58
C ASP M 199 -2.31 -35.41 13.72
N THR M 200 -2.99 -35.20 14.84
CA THR M 200 -4.29 -35.82 15.07
C THR M 200 -5.43 -34.85 14.84
N ALA M 201 -5.32 -33.62 15.34
CA ALA M 201 -6.43 -32.67 15.23
C ALA M 201 -6.57 -32.13 13.82
N SER M 202 -5.55 -31.41 13.33
CA SER M 202 -5.57 -30.94 11.95
C SER M 202 -5.22 -32.06 10.99
N GLY M 203 -4.33 -32.95 11.40
CA GLY M 203 -4.06 -34.16 10.65
C GLY M 203 -3.19 -33.98 9.42
N GLN M 204 -1.96 -33.51 9.63
CA GLN M 204 -0.97 -33.46 8.56
C GLN M 204 0.36 -33.99 9.10
N CYS M 205 1.25 -34.32 8.16
CA CYS M 205 2.58 -34.82 8.53
C CYS M 205 3.39 -33.71 9.17
N LEU M 206 3.72 -33.88 10.43
CA LEU M 206 4.49 -32.88 11.15
C LEU M 206 5.98 -33.13 11.03
N LYS M 207 6.43 -34.34 11.38
CA LYS M 207 7.83 -34.70 11.23
C LYS M 207 7.92 -36.10 10.65
N THR M 208 8.75 -36.25 9.63
CA THR M 208 9.03 -37.54 9.02
C THR M 208 10.38 -38.02 9.53
N LEU M 209 10.37 -39.13 10.27
CA LEU M 209 11.62 -39.73 10.74
C LEU M 209 12.36 -40.33 9.54
N ILE M 210 13.51 -39.76 9.23
CA ILE M 210 14.20 -40.04 7.98
C ILE M 210 15.29 -41.08 8.22
N ASP M 211 15.52 -41.92 7.21
CA ASP M 211 16.53 -42.95 7.24
C ASP M 211 16.95 -43.18 5.80
N ASP M 212 18.27 -43.23 5.56
CA ASP M 212 18.75 -43.54 4.21
C ASP M 212 18.44 -44.99 3.84
N ASP M 213 18.53 -45.89 4.81
CA ASP M 213 17.93 -47.21 4.67
C ASP M 213 16.42 -47.08 4.66
N ASN M 214 15.75 -48.04 4.02
CA ASN M 214 14.30 -48.15 4.06
C ASN M 214 13.86 -49.49 4.65
N PRO M 215 14.02 -49.68 5.96
CA PRO M 215 13.67 -50.96 6.55
C PRO M 215 12.18 -51.08 6.72
N PRO M 216 11.65 -52.29 6.79
CA PRO M 216 10.23 -52.45 7.12
C PRO M 216 10.01 -52.11 8.59
N VAL M 217 9.44 -50.95 8.87
CA VAL M 217 9.27 -50.51 10.25
C VAL M 217 8.07 -51.24 10.83
N SER M 218 8.29 -51.99 11.90
CA SER M 218 7.30 -52.95 12.38
C SER M 218 6.39 -52.36 13.45
N PHE M 219 6.95 -51.97 14.59
CA PHE M 219 6.15 -51.59 15.75
C PHE M 219 6.76 -50.37 16.42
N VAL M 220 6.22 -49.19 16.13
CA VAL M 220 6.63 -47.96 16.78
C VAL M 220 5.65 -47.62 17.88
N LYS M 221 6.15 -46.89 18.88
CA LYS M 221 5.32 -46.36 19.95
C LYS M 221 6.01 -45.14 20.52
N PHE M 222 5.21 -44.21 21.03
CA PHE M 222 5.75 -43.10 21.78
C PHE M 222 6.25 -43.59 23.13
N SER M 223 7.14 -42.80 23.71
CA SER M 223 7.53 -43.00 25.09
C SER M 223 6.34 -42.66 26.00
N PRO M 224 6.32 -43.20 27.23
CA PRO M 224 5.20 -42.89 28.14
C PRO M 224 5.10 -41.42 28.54
N ASN M 225 6.17 -40.64 28.43
CA ASN M 225 6.00 -39.19 28.53
C ASN M 225 5.54 -38.57 27.22
N GLY M 226 5.76 -39.25 26.10
CA GLY M 226 5.46 -38.73 24.79
C GLY M 226 6.61 -38.05 24.09
N LYS M 227 7.84 -38.17 24.61
CA LYS M 227 8.95 -37.37 24.13
C LYS M 227 10.13 -38.21 23.64
N TYR M 228 9.96 -39.51 23.47
CA TYR M 228 11.00 -40.35 22.87
C TYR M 228 10.34 -41.42 22.00
N ILE M 229 11.12 -41.93 21.06
CA ILE M 229 10.60 -42.82 20.01
C ILE M 229 11.42 -44.10 20.01
N LEU M 230 10.75 -45.23 20.15
CA LEU M 230 11.39 -46.53 19.98
C LEU M 230 10.93 -47.09 18.63
N ALA M 231 11.76 -46.91 17.61
CA ALA M 231 11.45 -47.42 16.27
C ALA M 231 12.02 -48.82 16.12
N ALA M 232 11.14 -49.81 16.01
CA ALA M 232 11.55 -51.21 15.90
C ALA M 232 11.69 -51.56 14.42
N THR M 233 12.82 -51.18 13.85
CA THR M 233 13.14 -51.56 12.48
C THR M 233 13.66 -52.99 12.46
N LEU M 234 13.42 -53.69 11.36
CA LEU M 234 13.71 -55.12 11.28
C LEU M 234 15.14 -55.30 10.77
N ASP M 235 16.09 -55.10 11.68
CA ASP M 235 17.50 -55.33 11.39
C ASP M 235 18.23 -55.95 12.57
N ASN M 236 17.50 -56.71 13.40
CA ASN M 236 17.99 -57.28 14.67
C ASN M 236 18.57 -56.21 15.59
N THR M 237 17.95 -55.03 15.59
CA THR M 237 18.46 -53.89 16.34
C THR M 237 17.30 -52.96 16.65
N LEU M 238 16.96 -52.81 17.92
CA LEU M 238 15.97 -51.81 18.30
C LEU M 238 16.64 -50.44 18.36
N LYS M 239 15.85 -49.41 18.03
CA LYS M 239 16.37 -48.05 17.89
C LYS M 239 15.56 -47.10 18.76
N LEU M 240 16.20 -46.52 19.77
CA LEU M 240 15.58 -45.50 20.60
C LEU M 240 15.93 -44.13 20.03
N TRP M 241 14.95 -43.46 19.43
CA TRP M 241 15.13 -42.14 18.87
C TRP M 241 14.58 -41.09 19.82
N ASP M 242 15.27 -39.96 19.91
CA ASP M 242 14.69 -38.82 20.59
C ASP M 242 13.61 -38.19 19.72
N TYR M 243 12.63 -37.57 20.37
CA TYR M 243 11.60 -36.84 19.64
C TYR M 243 11.96 -35.38 19.47
N SER M 244 12.58 -34.78 20.49
CA SER M 244 13.00 -33.39 20.40
C SER M 244 14.19 -33.22 19.47
N LYS M 245 15.30 -33.89 19.80
CA LYS M 245 16.50 -33.80 18.97
C LYS M 245 16.35 -34.61 17.68
N GLY M 246 16.15 -35.92 17.80
CA GLY M 246 15.90 -36.76 16.67
C GLY M 246 16.99 -37.75 16.32
N LYS M 247 18.02 -37.91 17.15
CA LYS M 247 19.08 -38.86 16.88
C LYS M 247 18.98 -40.05 17.84
N CYS M 248 19.58 -41.15 17.42
CA CYS M 248 19.55 -42.38 18.20
C CYS M 248 20.60 -42.33 19.30
N LEU M 249 20.28 -42.97 20.43
CA LEU M 249 21.15 -42.96 21.60
C LEU M 249 21.68 -44.34 21.91
N LYS M 250 20.80 -45.32 22.10
CA LYS M 250 21.19 -46.67 22.49
C LYS M 250 20.46 -47.69 21.64
N THR M 251 21.14 -48.81 21.39
CA THR M 251 20.59 -49.92 20.61
C THR M 251 20.67 -51.21 21.42
N TYR M 252 20.40 -52.35 20.78
CA TYR M 252 20.44 -53.64 21.45
C TYR M 252 21.07 -54.67 20.52
N THR M 253 21.81 -55.60 21.12
CA THR M 253 22.55 -56.62 20.38
C THR M 253 22.12 -58.01 20.81
N GLY M 254 22.26 -58.96 19.91
CA GLY M 254 22.02 -60.36 20.24
C GLY M 254 20.57 -60.75 20.36
N HIS M 255 19.72 -60.32 19.44
CA HIS M 255 18.33 -60.76 19.40
C HIS M 255 17.91 -60.99 17.96
N LYS M 256 16.93 -61.86 17.79
CA LYS M 256 16.44 -62.32 16.49
C LYS M 256 15.11 -61.63 16.20
N ASN M 257 15.15 -60.60 15.33
CA ASN M 257 13.94 -59.91 14.90
C ASN M 257 14.19 -59.42 13.47
N GLU M 258 13.79 -60.23 12.49
CA GLU M 258 13.95 -59.86 11.09
C GLU M 258 12.68 -60.00 10.27
N LYS M 259 11.89 -61.05 10.50
CA LYS M 259 10.76 -61.36 9.64
C LYS M 259 9.45 -60.81 10.19
N TYR M 260 9.08 -61.21 11.40
CA TYR M 260 7.79 -60.85 11.97
C TYR M 260 7.84 -59.45 12.57
N CYS M 261 6.66 -58.87 12.74
CA CYS M 261 6.52 -57.55 13.34
C CYS M 261 6.46 -57.72 14.86
N ILE M 262 7.61 -58.03 15.44
CA ILE M 262 7.70 -58.38 16.85
C ILE M 262 7.51 -57.14 17.71
N PHE M 263 6.58 -57.22 18.66
CA PHE M 263 6.29 -56.12 19.56
C PHE M 263 7.41 -55.94 20.57
N ALA M 264 7.67 -54.68 20.93
CA ALA M 264 8.58 -54.32 22.00
C ALA M 264 7.82 -53.50 23.04
N ASN M 265 8.36 -53.43 24.25
CA ASN M 265 7.67 -52.78 25.35
C ASN M 265 8.64 -51.94 26.15
N PHE M 266 8.13 -51.34 27.23
CA PHE M 266 8.92 -50.63 28.23
C PHE M 266 8.52 -51.16 29.59
N SER M 267 9.51 -51.42 30.43
CA SER M 267 9.25 -51.89 31.80
C SER M 267 10.11 -51.11 32.77
N VAL M 268 9.46 -50.46 33.74
CA VAL M 268 10.14 -49.77 34.83
C VAL M 268 9.68 -50.30 36.19
N THR M 269 8.93 -51.40 36.19
CA THR M 269 8.44 -51.96 37.45
C THR M 269 9.56 -52.65 38.22
N GLY M 270 10.45 -53.35 37.51
CA GLY M 270 11.66 -53.86 38.11
C GLY M 270 12.83 -52.93 37.84
N GLY M 271 13.70 -53.32 36.92
CA GLY M 271 14.70 -52.43 36.36
C GLY M 271 14.12 -51.68 35.17
N LYS M 272 15.01 -51.18 34.33
CA LYS M 272 14.58 -50.49 33.10
C LYS M 272 14.50 -51.46 31.93
N TRP M 273 13.76 -52.55 32.11
CA TRP M 273 13.74 -53.65 31.17
C TRP M 273 12.92 -53.30 29.93
N ILE M 274 13.24 -53.97 28.83
CA ILE M 274 12.58 -53.77 27.53
C ILE M 274 12.07 -55.14 27.10
N VAL M 275 10.78 -55.37 27.24
CA VAL M 275 10.18 -56.68 26.97
C VAL M 275 9.82 -56.76 25.49
N SER M 276 10.25 -57.85 24.84
CA SER M 276 9.99 -58.05 23.43
C SER M 276 9.78 -59.53 23.16
N GLY M 277 9.11 -59.83 22.06
CA GLY M 277 8.95 -61.20 21.64
C GLY M 277 10.18 -61.74 20.96
N SER M 278 10.17 -63.05 20.69
CA SER M 278 11.33 -63.76 20.17
C SER M 278 10.94 -64.65 19.00
N GLU M 279 11.96 -65.16 18.31
CA GLU M 279 11.77 -66.14 17.25
C GLU M 279 12.48 -67.46 17.51
N ASP M 280 13.54 -67.48 18.32
CA ASP M 280 14.22 -68.70 18.70
C ASP M 280 13.68 -69.30 19.99
N ASN M 281 12.38 -69.10 20.26
CA ASN M 281 11.65 -69.66 21.40
C ASN M 281 12.22 -69.16 22.73
N LEU M 282 12.28 -67.84 22.85
CA LEU M 282 12.69 -67.17 24.08
C LEU M 282 11.67 -66.12 24.47
N VAL M 283 11.97 -65.32 25.49
CA VAL M 283 11.21 -64.11 25.81
C VAL M 283 12.23 -63.00 25.95
N TYR M 284 12.38 -62.18 24.91
CA TYR M 284 13.44 -61.18 24.83
C TYR M 284 13.16 -60.03 25.78
N ILE M 285 13.86 -60.01 26.92
CA ILE M 285 13.73 -58.95 27.92
C ILE M 285 15.14 -58.53 28.29
N TRP M 286 15.54 -57.31 27.91
CA TRP M 286 16.83 -56.78 28.32
C TRP M 286 16.68 -55.31 28.71
N ASN M 287 17.78 -54.74 29.19
CA ASN M 287 17.79 -53.45 29.86
C ASN M 287 18.45 -52.40 28.98
N LEU M 288 17.92 -51.17 29.06
CA LEU M 288 18.53 -50.04 28.38
C LEU M 288 19.81 -49.61 29.07
N GLN M 289 19.96 -49.94 30.35
CA GLN M 289 21.21 -49.72 31.06
C GLN M 289 22.29 -50.71 30.63
N THR M 290 21.91 -51.88 30.11
CA THR M 290 22.87 -52.93 29.77
C THR M 290 23.14 -53.03 28.28
N LYS M 291 22.09 -52.97 27.44
CA LYS M 291 22.10 -53.07 25.98
C LYS M 291 22.54 -54.42 25.45
N GLU M 292 22.78 -55.42 26.31
CA GLU M 292 23.32 -56.70 25.90
C GLU M 292 22.53 -57.80 26.59
N ILE M 293 23.03 -59.03 26.51
CA ILE M 293 22.33 -60.19 27.05
C ILE M 293 22.63 -60.29 28.55
N VAL M 294 21.64 -59.96 29.37
CA VAL M 294 21.75 -60.06 30.81
C VAL M 294 20.67 -60.92 31.45
N GLN M 295 19.54 -61.14 30.77
CA GLN M 295 18.50 -62.03 31.29
C GLN M 295 17.71 -62.59 30.11
N LYS M 296 17.43 -63.89 30.14
CA LYS M 296 16.63 -64.55 29.12
C LYS M 296 15.59 -65.43 29.79
N LEU M 297 14.38 -65.44 29.22
CA LEU M 297 13.32 -66.34 29.65
C LEU M 297 12.97 -67.24 28.47
N GLN M 298 12.41 -68.41 28.76
CA GLN M 298 12.38 -69.46 27.76
C GLN M 298 11.21 -70.40 28.04
N GLY M 299 10.72 -71.05 26.98
CA GLY M 299 9.73 -72.10 27.15
C GLY M 299 8.72 -72.21 26.01
N HIS M 300 8.71 -71.23 25.12
CA HIS M 300 7.76 -71.24 24.01
C HIS M 300 8.19 -72.24 22.95
N THR M 301 7.28 -72.50 21.99
CA THR M 301 7.57 -73.37 20.87
C THR M 301 7.23 -72.71 19.52
N ASP M 302 7.07 -71.39 19.50
CA ASP M 302 6.80 -70.68 18.25
C ASP M 302 7.31 -69.25 18.41
N VAL M 303 7.10 -68.44 17.38
CA VAL M 303 7.52 -67.04 17.39
C VAL M 303 6.58 -66.23 18.27
N VAL M 304 7.14 -65.55 19.27
CA VAL M 304 6.37 -64.68 20.15
C VAL M 304 6.17 -63.35 19.42
N ILE M 305 4.92 -63.08 19.04
CA ILE M 305 4.59 -61.87 18.28
C ILE M 305 4.08 -60.74 19.18
N SER M 306 3.49 -61.05 20.33
CA SER M 306 2.89 -60.07 21.20
C SER M 306 3.45 -60.22 22.60
N THR M 307 3.90 -59.12 23.18
CA THR M 307 4.31 -59.05 24.58
C THR M 307 3.72 -57.78 25.20
N ALA M 308 3.67 -57.77 26.53
CA ALA M 308 3.14 -56.64 27.26
C ALA M 308 3.72 -56.62 28.67
N CYS M 309 3.58 -55.48 29.34
CA CYS M 309 4.07 -55.30 30.69
C CYS M 309 2.92 -54.93 31.62
N HIS M 310 2.97 -55.45 32.83
CA HIS M 310 2.06 -54.98 33.86
C HIS M 310 2.50 -53.58 34.29
N PRO M 311 1.57 -52.64 34.49
CA PRO M 311 1.98 -51.26 34.72
C PRO M 311 2.62 -51.01 36.08
N THR M 312 2.21 -51.74 37.11
CA THR M 312 2.76 -51.54 38.45
C THR M 312 3.61 -52.71 38.93
N GLU M 313 3.10 -53.93 38.82
CA GLU M 313 3.78 -55.11 39.31
C GLU M 313 4.57 -55.77 38.19
N ASN M 314 5.26 -56.86 38.54
CA ASN M 314 6.21 -57.52 37.65
C ASN M 314 5.60 -58.72 36.95
N ILE M 315 4.55 -58.47 36.15
CA ILE M 315 3.90 -59.51 35.36
C ILE M 315 4.15 -59.19 33.89
N ILE M 316 4.66 -60.17 33.15
CA ILE M 316 5.09 -59.98 31.77
C ILE M 316 4.33 -60.96 30.89
N ALA M 317 3.62 -60.42 29.89
CA ALA M 317 2.88 -61.24 28.94
C ALA M 317 3.82 -61.86 27.94
N SER M 318 3.74 -63.18 27.78
CA SER M 318 4.56 -63.91 26.82
C SER M 318 3.72 -65.03 26.22
N ALA M 319 3.43 -64.93 24.94
CA ALA M 319 2.66 -65.94 24.23
C ALA M 319 3.04 -65.91 22.76
N ALA M 320 3.23 -67.08 22.18
CA ALA M 320 3.70 -67.19 20.81
C ALA M 320 2.55 -67.54 19.87
N LEU M 321 2.90 -67.84 18.62
CA LEU M 321 1.96 -68.16 17.55
C LEU M 321 1.47 -69.60 17.63
N GLU M 322 0.94 -70.10 16.51
CA GLU M 322 0.14 -71.32 16.43
C GLU M 322 0.85 -72.56 17.00
N ASN M 323 2.17 -72.63 16.93
CA ASN M 323 2.83 -73.81 17.47
C ASN M 323 3.04 -73.77 18.98
N ASP M 324 2.54 -72.74 19.67
CA ASP M 324 2.59 -72.70 21.12
C ASP M 324 1.20 -72.72 21.73
N LYS M 325 0.36 -71.73 21.40
CA LYS M 325 -1.03 -71.57 21.89
C LYS M 325 -1.13 -71.49 23.41
N THR M 326 -0.05 -71.11 24.09
CA THR M 326 -0.01 -71.00 25.54
C THR M 326 0.52 -69.63 25.93
N ILE M 327 0.06 -69.14 27.08
CA ILE M 327 0.47 -67.85 27.61
C ILE M 327 1.17 -68.11 28.94
N LYS M 328 2.39 -67.60 29.07
CA LYS M 328 3.28 -67.97 30.16
C LYS M 328 3.44 -66.80 31.13
N LEU M 329 2.89 -66.95 32.33
CA LEU M 329 2.93 -65.91 33.35
C LEU M 329 4.31 -65.86 33.99
N TRP M 330 5.17 -65.01 33.46
CA TRP M 330 6.43 -64.72 34.13
C TRP M 330 6.18 -63.70 35.24
N LYS M 331 6.85 -63.90 36.37
CA LYS M 331 6.59 -63.09 37.56
C LYS M 331 7.84 -63.06 38.43
N SER M 332 8.31 -61.84 38.72
CA SER M 332 9.46 -61.68 39.62
C SER M 332 9.02 -61.80 41.07
N VAL N 287 51.99 -9.68 -22.07
CA VAL N 287 51.51 -10.97 -22.56
C VAL N 287 49.98 -11.02 -22.51
N LEU N 288 49.37 -11.19 -23.67
CA LEU N 288 47.92 -11.13 -23.80
C LEU N 288 47.30 -12.44 -23.32
N LEU N 289 46.29 -12.33 -22.45
CA LEU N 289 45.64 -13.51 -21.88
C LEU N 289 44.58 -14.05 -22.85
N ALA N 290 43.75 -14.97 -22.35
CA ALA N 290 42.81 -15.68 -23.21
C ALA N 290 41.58 -14.84 -23.50
N LEU N 291 41.09 -14.97 -24.73
CA LEU N 291 39.91 -14.26 -25.22
C LEU N 291 38.69 -15.17 -25.34
N HIS N 292 38.87 -16.39 -25.82
CA HIS N 292 37.76 -17.32 -26.02
C HIS N 292 37.86 -18.59 -25.18
N ASP N 293 39.07 -19.12 -24.95
CA ASP N 293 39.23 -20.34 -24.18
C ASP N 293 39.49 -20.02 -22.71
N ARG N 294 38.56 -19.29 -22.12
CA ARG N 294 38.59 -18.98 -20.69
C ARG N 294 37.14 -18.89 -20.22
N ALA N 295 36.96 -18.52 -18.94
CA ALA N 295 35.63 -18.29 -18.41
C ALA N 295 35.37 -16.79 -18.39
N PRO N 296 34.58 -16.25 -19.32
CA PRO N 296 34.46 -14.79 -19.46
C PRO N 296 33.72 -14.11 -18.32
N GLN N 297 33.03 -14.86 -17.46
CA GLN N 297 32.35 -14.26 -16.31
C GLN N 297 33.30 -13.97 -15.16
N LEU N 298 34.56 -14.39 -15.25
CA LEU N 298 35.52 -14.14 -14.19
C LEU N 298 36.21 -12.81 -14.42
N LYS N 299 36.82 -12.29 -13.35
CA LYS N 299 37.37 -10.94 -13.36
C LYS N 299 38.84 -10.93 -13.83
N ILE N 300 39.02 -11.34 -15.08
CA ILE N 300 40.30 -11.14 -15.75
C ILE N 300 40.42 -9.67 -16.10
N SER N 301 41.51 -9.04 -15.65
CA SER N 301 41.63 -7.59 -15.66
C SER N 301 41.83 -7.05 -17.07
N ASP N 302 41.67 -5.73 -17.21
CA ASP N 302 41.71 -5.09 -18.52
C ASP N 302 43.13 -4.89 -19.05
N ASP N 303 44.13 -4.80 -18.16
CA ASP N 303 45.51 -4.83 -18.62
C ASP N 303 45.99 -6.24 -18.95
N ARG N 304 45.17 -7.26 -18.62
CA ARG N 304 45.40 -8.67 -18.95
C ARG N 304 46.68 -9.19 -18.28
N LEU N 305 46.84 -8.83 -17.01
CA LEU N 305 47.96 -9.31 -16.20
C LEU N 305 47.54 -9.68 -14.78
N THR N 306 46.23 -9.70 -14.49
CA THR N 306 45.74 -9.94 -13.14
C THR N 306 44.52 -10.84 -13.20
N VAL N 307 44.52 -11.91 -12.41
CA VAL N 307 43.47 -12.92 -12.42
C VAL N 307 42.70 -12.86 -11.09
N VAL N 308 41.38 -12.63 -11.21
CA VAL N 308 40.47 -12.62 -10.06
C VAL N 308 39.28 -13.52 -10.41
N GLY N 309 38.93 -14.43 -9.49
CA GLY N 309 37.86 -15.38 -9.71
C GLY N 309 36.56 -14.94 -9.08
N GLU N 310 35.54 -15.79 -9.21
CA GLU N 310 34.21 -15.53 -8.69
C GLU N 310 33.64 -16.82 -8.11
N LYS N 311 32.37 -16.77 -7.73
CA LYS N 311 31.68 -17.93 -7.18
C LYS N 311 31.41 -18.96 -8.26
N GLY N 312 31.44 -20.23 -7.85
CA GLY N 312 31.31 -21.33 -8.79
C GLY N 312 32.67 -21.66 -9.36
N TYR N 313 33.09 -22.92 -9.25
CA TYR N 313 34.43 -23.31 -9.69
C TYR N 313 34.49 -23.39 -11.22
N SER N 314 34.50 -22.22 -11.84
CA SER N 314 34.88 -22.07 -13.24
C SER N 314 36.37 -21.72 -13.24
N MET N 315 37.17 -22.53 -13.90
CA MET N 315 38.61 -22.36 -13.91
C MET N 315 39.01 -21.58 -15.16
N VAL N 316 39.45 -20.34 -14.97
CA VAL N 316 40.02 -19.58 -16.08
C VAL N 316 41.37 -20.17 -16.44
N ARG N 317 41.59 -20.38 -17.73
CA ARG N 317 42.84 -20.95 -18.23
C ARG N 317 43.43 -19.98 -19.25
N ALA N 318 44.69 -19.63 -19.07
CA ALA N 318 45.34 -18.67 -19.95
C ALA N 318 45.59 -19.28 -21.32
N SER N 319 45.89 -18.41 -22.28
CA SER N 319 46.03 -18.80 -23.68
C SER N 319 47.42 -19.32 -24.03
N HIS N 320 48.20 -19.73 -23.04
CA HIS N 320 49.56 -20.21 -23.26
C HIS N 320 49.75 -21.55 -22.57
N GLY N 321 49.37 -22.63 -23.25
CA GLY N 321 49.55 -23.96 -22.73
C GLY N 321 50.93 -24.48 -23.08
N VAL N 322 51.65 -24.96 -22.06
CA VAL N 322 53.02 -25.38 -22.25
C VAL N 322 53.07 -26.72 -22.98
N ARG N 323 54.10 -26.89 -23.82
CA ARG N 323 54.23 -28.05 -24.68
C ARG N 323 55.46 -28.90 -24.37
N LYS N 324 56.65 -28.29 -24.34
CA LYS N 324 57.88 -29.03 -24.18
C LYS N 324 58.95 -28.09 -23.64
N GLY N 325 60.16 -28.63 -23.45
CA GLY N 325 61.29 -27.85 -23.01
C GLY N 325 61.27 -27.51 -21.53
N ALA N 326 61.19 -26.22 -21.23
CA ALA N 326 61.11 -25.76 -19.84
C ALA N 326 60.48 -24.38 -19.84
N TRP N 327 59.23 -24.29 -19.35
CA TRP N 327 58.56 -23.00 -19.25
C TRP N 327 57.99 -22.85 -17.85
N TYR N 328 58.33 -21.74 -17.20
CA TYR N 328 57.86 -21.47 -15.85
C TYR N 328 57.35 -20.04 -15.77
N PHE N 329 56.12 -19.88 -15.31
CA PHE N 329 55.57 -18.57 -14.98
C PHE N 329 55.26 -18.52 -13.49
N GLU N 330 55.14 -17.30 -12.97
CA GLU N 330 54.77 -17.08 -11.58
C GLU N 330 53.35 -16.56 -11.47
N ILE N 331 52.71 -16.84 -10.34
CA ILE N 331 51.39 -16.34 -10.02
C ILE N 331 51.57 -15.56 -8.72
N THR N 332 51.82 -14.25 -8.84
CA THR N 332 52.20 -13.44 -7.69
C THR N 332 50.97 -13.14 -6.85
N VAL N 333 50.79 -13.91 -5.77
CA VAL N 333 49.67 -13.69 -4.86
C VAL N 333 49.94 -12.44 -4.03
N ASP N 334 49.07 -11.44 -4.15
CA ASP N 334 49.21 -10.19 -3.43
C ASP N 334 48.06 -9.93 -2.48
N GLU N 335 46.82 -9.99 -2.97
CA GLU N 335 45.63 -9.69 -2.17
C GLU N 335 44.75 -10.92 -2.15
N MET N 336 44.64 -11.57 -1.00
CA MET N 336 43.78 -12.73 -0.87
C MET N 336 43.17 -12.80 0.52
N PRO N 337 41.84 -12.75 0.64
CA PRO N 337 41.20 -12.89 1.95
C PRO N 337 41.30 -14.32 2.45
N PRO N 338 41.06 -14.56 3.73
CA PRO N 338 40.95 -15.94 4.22
C PRO N 338 39.68 -16.62 3.72
N ASP N 339 39.60 -17.91 4.03
CA ASP N 339 38.58 -18.84 3.52
C ASP N 339 38.53 -18.80 2.00
N THR N 340 39.70 -18.95 1.38
CA THR N 340 39.82 -19.10 -0.06
C THR N 340 40.66 -20.35 -0.33
N ALA N 341 40.02 -21.39 -0.83
CA ALA N 341 40.72 -22.58 -1.29
C ALA N 341 41.22 -22.32 -2.72
N ALA N 342 42.26 -21.47 -2.80
CA ALA N 342 42.81 -21.03 -4.07
C ALA N 342 43.58 -22.18 -4.70
N ARG N 343 42.90 -22.92 -5.56
CA ARG N 343 43.52 -24.07 -6.21
C ARG N 343 44.45 -23.60 -7.32
N LEU N 344 45.71 -23.99 -7.22
CA LEU N 344 46.71 -23.71 -8.25
C LEU N 344 47.41 -25.01 -8.58
N GLY N 345 47.76 -25.19 -9.85
CA GLY N 345 48.39 -26.41 -10.28
C GLY N 345 48.54 -26.50 -11.77
N TRP N 346 48.19 -27.65 -12.34
CA TRP N 346 48.25 -27.86 -13.77
C TRP N 346 47.00 -28.58 -14.24
N SER N 347 46.69 -28.41 -15.53
CA SER N 347 45.47 -28.97 -16.10
C SER N 347 45.66 -29.13 -17.60
N GLN N 348 44.92 -30.08 -18.17
CA GLN N 348 44.90 -30.39 -19.59
C GLN N 348 43.70 -29.75 -20.25
N PRO N 349 43.70 -29.58 -21.59
CA PRO N 349 42.53 -28.96 -22.25
C PRO N 349 41.24 -29.79 -22.20
N LEU N 350 41.30 -31.07 -21.84
CA LEU N 350 40.07 -31.85 -21.75
C LEU N 350 39.33 -31.63 -20.43
N GLY N 351 39.88 -30.83 -19.52
CA GLY N 351 39.09 -30.33 -18.41
C GLY N 351 38.21 -29.18 -18.83
N ASN N 352 37.08 -29.03 -18.15
CA ASN N 352 36.08 -28.06 -18.55
C ASN N 352 36.52 -26.65 -18.16
N LEU N 353 35.96 -25.65 -18.87
CA LEU N 353 36.07 -24.27 -18.43
C LEU N 353 35.33 -24.05 -17.11
N GLN N 354 34.30 -24.86 -16.86
CA GLN N 354 33.56 -24.84 -15.60
C GLN N 354 34.03 -25.92 -14.64
N ALA N 355 35.22 -26.48 -14.87
CA ALA N 355 35.70 -27.55 -14.00
C ALA N 355 36.38 -26.98 -12.76
N PRO N 356 36.23 -27.61 -11.61
CA PRO N 356 37.10 -27.28 -10.48
C PRO N 356 38.49 -27.85 -10.73
N LEU N 357 39.50 -27.16 -10.22
CA LEU N 357 40.87 -27.61 -10.42
C LEU N 357 41.12 -28.81 -9.51
N GLY N 358 40.95 -30.00 -10.05
CA GLY N 358 41.02 -31.22 -9.27
C GLY N 358 39.79 -32.07 -9.39
N TYR N 359 39.07 -31.92 -10.51
CA TYR N 359 37.90 -32.74 -10.77
C TYR N 359 38.29 -34.14 -11.21
N ASP N 360 39.12 -34.23 -12.25
CA ASP N 360 39.35 -35.50 -12.93
C ASP N 360 40.84 -35.83 -13.00
N LYS N 361 41.18 -36.82 -13.81
CA LYS N 361 42.53 -37.34 -14.02
C LYS N 361 43.44 -36.40 -14.79
N PHE N 362 43.03 -35.17 -15.12
CA PHE N 362 43.84 -34.26 -15.92
C PHE N 362 44.21 -32.97 -15.20
N SER N 363 43.64 -32.70 -14.03
CA SER N 363 43.84 -31.44 -13.33
C SER N 363 44.21 -31.70 -11.87
N TYR N 364 45.26 -31.05 -11.38
CA TYR N 364 45.76 -31.27 -10.04
C TYR N 364 44.96 -30.43 -9.04
N SER N 365 45.34 -30.45 -7.76
CA SER N 365 44.54 -29.75 -6.78
C SER N 365 45.39 -29.42 -5.56
N TRP N 366 45.08 -28.28 -4.94
CA TRP N 366 45.95 -27.69 -3.93
C TRP N 366 45.09 -26.82 -3.03
N ARG N 367 44.73 -27.35 -1.86
CA ARG N 367 43.80 -26.66 -0.97
C ARG N 367 44.58 -25.83 0.05
N SER N 368 44.03 -24.66 0.39
CA SER N 368 44.60 -23.85 1.48
C SER N 368 44.43 -24.53 2.82
N LYS N 369 43.28 -25.17 3.03
CA LYS N 369 42.99 -25.88 4.27
C LYS N 369 43.70 -27.23 4.23
N LYS N 370 44.75 -27.38 5.05
CA LYS N 370 45.44 -28.64 5.33
C LYS N 370 46.10 -29.28 4.12
N GLY N 371 46.24 -28.53 3.02
CA GLY N 371 46.92 -28.99 1.82
C GLY N 371 46.33 -30.23 1.18
N THR N 372 45.03 -30.43 1.32
CA THR N 372 44.40 -31.68 0.89
C THR N 372 44.22 -31.67 -0.63
N LYS N 373 44.81 -32.66 -1.30
CA LYS N 373 44.74 -32.73 -2.75
C LYS N 373 43.69 -33.75 -3.18
N PHE N 374 42.96 -33.42 -4.25
CA PHE N 374 41.94 -34.29 -4.83
C PHE N 374 42.22 -34.40 -6.32
N HIS N 375 42.80 -35.52 -6.74
CA HIS N 375 43.06 -35.76 -8.16
C HIS N 375 42.72 -37.20 -8.45
N GLN N 376 42.11 -37.43 -9.63
CA GLN N 376 41.38 -38.65 -9.98
C GLN N 376 40.29 -38.98 -8.96
N SER N 377 39.73 -37.93 -8.35
CA SER N 377 38.76 -38.00 -7.26
C SER N 377 39.24 -38.90 -6.11
N ILE N 378 40.40 -38.53 -5.57
CA ILE N 378 41.04 -39.29 -4.49
C ILE N 378 41.28 -38.33 -3.33
N GLY N 379 40.76 -38.68 -2.15
CA GLY N 379 40.90 -37.84 -0.97
C GLY N 379 42.18 -38.07 -0.20
N LYS N 380 43.13 -37.14 -0.33
CA LYS N 380 44.43 -37.27 0.31
C LYS N 380 44.74 -35.99 1.07
N HIS N 381 44.65 -36.03 2.41
CA HIS N 381 45.11 -34.96 3.28
C HIS N 381 46.63 -35.00 3.29
N TYR N 382 47.22 -34.46 2.22
CA TYR N 382 48.56 -34.82 1.79
C TYR N 382 49.62 -33.78 2.13
N SER N 383 49.35 -32.52 1.84
CA SER N 383 50.38 -31.50 1.75
C SER N 383 50.07 -30.37 2.70
N SER N 384 50.80 -29.27 2.55
CA SER N 384 50.54 -28.05 3.28
C SER N 384 49.81 -27.05 2.38
N GLY N 385 49.28 -26.01 3.01
CA GLY N 385 48.60 -24.96 2.29
C GLY N 385 49.59 -23.95 1.77
N TYR N 386 49.35 -22.67 2.07
CA TYR N 386 50.25 -21.61 1.66
C TYR N 386 50.06 -20.43 2.61
N GLY N 387 50.86 -19.39 2.41
CA GLY N 387 50.69 -18.15 3.15
C GLY N 387 50.27 -17.02 2.22
N GLN N 388 49.63 -16.00 2.79
CA GLN N 388 49.20 -14.84 2.00
C GLN N 388 50.41 -13.98 1.64
N GLY N 389 50.46 -13.54 0.40
CA GLY N 389 51.55 -12.71 -0.07
C GLY N 389 52.70 -13.46 -0.68
N ASP N 390 52.66 -14.79 -0.70
CA ASP N 390 53.76 -15.56 -1.26
C ASP N 390 53.68 -15.54 -2.78
N VAL N 391 54.85 -15.47 -3.43
CA VAL N 391 54.90 -15.42 -4.89
C VAL N 391 54.74 -16.85 -5.39
N LEU N 392 53.53 -17.19 -5.80
CA LEU N 392 53.24 -18.54 -6.28
C LEU N 392 53.61 -18.65 -7.76
N GLY N 393 53.14 -19.72 -8.39
CA GLY N 393 53.57 -20.06 -9.73
C GLY N 393 54.21 -21.43 -9.71
N PHE N 394 53.65 -22.37 -10.46
CA PHE N 394 54.07 -23.75 -10.40
C PHE N 394 54.76 -24.15 -11.70
N TYR N 395 55.40 -25.31 -11.66
CA TYR N 395 56.14 -25.83 -12.79
C TYR N 395 55.83 -27.30 -12.99
N ILE N 396 55.56 -27.67 -14.23
CA ILE N 396 55.48 -29.07 -14.63
C ILE N 396 56.56 -29.28 -15.68
N ASN N 397 57.26 -30.41 -15.59
CA ASN N 397 58.48 -30.61 -16.35
C ASN N 397 58.15 -31.38 -17.63
N LEU N 398 58.40 -30.74 -18.77
CA LEU N 398 58.10 -31.31 -20.08
C LEU N 398 59.35 -31.39 -20.95
N PRO N 399 60.13 -32.45 -20.84
CA PRO N 399 61.14 -32.72 -21.87
C PRO N 399 60.46 -33.10 -23.18
N GLU N 400 61.13 -32.82 -24.28
CA GLU N 400 60.58 -33.12 -25.60
C GLU N 400 60.61 -34.62 -25.87
N PRO N 443 56.70 -36.32 -20.15
CA PRO N 443 57.42 -37.51 -19.66
C PRO N 443 57.94 -37.36 -18.24
N HIS N 444 59.21 -37.00 -18.08
CA HIS N 444 59.83 -36.83 -16.76
C HIS N 444 59.31 -35.52 -16.16
N SER N 445 58.43 -35.63 -15.18
CA SER N 445 57.76 -34.47 -14.61
C SER N 445 58.30 -34.17 -13.21
N GLU N 446 58.17 -32.90 -12.83
CA GLU N 446 58.51 -32.41 -11.48
C GLU N 446 57.28 -31.66 -11.00
N ILE N 447 56.32 -32.38 -10.45
CA ILE N 447 55.04 -31.79 -10.04
C ILE N 447 55.12 -31.66 -8.52
N ILE N 448 55.63 -30.53 -8.07
CA ILE N 448 55.71 -30.17 -6.66
C ILE N 448 55.12 -28.77 -6.55
N PHE N 449 54.34 -28.54 -5.50
CA PHE N 449 53.70 -27.23 -5.35
C PHE N 449 54.76 -26.18 -4.98
N TYR N 450 55.37 -25.62 -6.02
CA TYR N 450 56.48 -24.68 -5.91
C TYR N 450 56.03 -23.32 -5.41
N LYS N 451 55.99 -23.15 -4.10
CA LYS N 451 55.74 -21.85 -3.48
C LYS N 451 57.09 -21.27 -3.06
N ASN N 452 57.56 -20.27 -3.83
CA ASN N 452 58.82 -19.56 -3.57
C ASN N 452 60.02 -20.50 -3.57
N GLY N 453 59.96 -21.58 -4.35
CA GLY N 453 60.99 -22.61 -4.30
C GLY N 453 60.98 -23.46 -3.05
N VAL N 454 59.91 -23.42 -2.26
CA VAL N 454 59.80 -24.18 -1.02
C VAL N 454 58.73 -25.24 -1.22
N ASN N 455 58.98 -26.45 -0.72
CA ASN N 455 58.08 -27.58 -0.89
C ASN N 455 56.76 -27.33 -0.17
N GLN N 456 55.66 -27.46 -0.91
CA GLN N 456 54.31 -27.47 -0.36
C GLN N 456 53.60 -28.73 -0.78
N GLY N 457 54.34 -29.83 -0.87
CA GLY N 457 53.79 -31.12 -1.26
C GLY N 457 54.26 -31.60 -2.63
N VAL N 458 54.99 -32.72 -2.64
CA VAL N 458 55.40 -33.35 -3.89
C VAL N 458 54.17 -34.01 -4.48
N ALA N 459 53.53 -33.36 -5.45
CA ALA N 459 52.16 -33.70 -5.80
C ALA N 459 52.02 -34.98 -6.59
N TYR N 460 52.51 -35.01 -7.83
CA TYR N 460 52.22 -36.11 -8.75
C TYR N 460 53.41 -36.30 -9.66
N LYS N 461 53.24 -37.14 -10.69
CA LYS N 461 54.35 -37.66 -11.47
C LYS N 461 53.77 -38.32 -12.71
N ASP N 462 54.61 -38.43 -13.75
CA ASP N 462 54.39 -39.27 -14.93
C ASP N 462 53.15 -38.85 -15.71
N ILE N 463 53.24 -37.65 -16.27
CA ILE N 463 52.22 -37.11 -17.16
C ILE N 463 52.38 -37.67 -18.56
N PHE N 464 51.37 -37.46 -19.40
CA PHE N 464 51.45 -37.82 -20.80
C PHE N 464 52.11 -36.68 -21.60
N GLU N 465 52.20 -36.86 -22.90
CA GLU N 465 52.74 -35.84 -23.79
C GLU N 465 51.60 -35.02 -24.38
N GLY N 466 51.65 -33.71 -24.18
CA GLY N 466 50.62 -32.85 -24.73
C GLY N 466 50.71 -31.44 -24.16
N VAL N 467 49.62 -30.70 -24.34
CA VAL N 467 49.52 -29.31 -23.91
C VAL N 467 48.99 -29.28 -22.49
N TYR N 468 49.57 -28.41 -21.65
CA TYR N 468 49.15 -28.29 -20.26
C TYR N 468 48.83 -26.82 -19.98
N PHE N 469 47.55 -26.53 -19.80
CA PHE N 469 47.12 -25.15 -19.62
C PHE N 469 47.49 -24.63 -18.23
N PRO N 470 47.66 -23.31 -18.10
CA PRO N 470 47.63 -22.70 -16.76
C PRO N 470 46.26 -22.91 -16.12
N ALA N 471 46.26 -23.05 -14.81
CA ALA N 471 45.10 -23.59 -14.12
C ALA N 471 44.85 -22.80 -12.84
N ILE N 472 43.82 -21.94 -12.87
CA ILE N 472 43.47 -21.08 -11.74
C ILE N 472 41.96 -21.17 -11.56
N SER N 473 41.51 -21.79 -10.46
CA SER N 473 40.11 -21.79 -10.08
C SER N 473 40.01 -21.25 -8.66
N LEU N 474 39.06 -20.35 -8.44
CA LEU N 474 38.97 -19.62 -7.18
C LEU N 474 37.57 -19.74 -6.60
N TYR N 475 37.49 -19.63 -5.27
CA TYR N 475 36.23 -19.66 -4.54
C TYR N 475 35.69 -18.27 -4.22
N LYS N 476 36.58 -17.31 -3.95
CA LYS N 476 36.15 -15.93 -3.72
C LYS N 476 36.87 -15.01 -4.69
N SER N 477 36.64 -13.70 -4.55
CA SER N 477 37.20 -12.70 -5.47
C SER N 477 38.48 -12.13 -4.86
N CYS N 478 39.56 -12.90 -4.99
CA CYS N 478 40.87 -12.46 -4.51
C CYS N 478 41.69 -11.91 -5.66
N THR N 479 42.53 -10.93 -5.36
CA THR N 479 43.29 -10.19 -6.36
C THR N 479 44.74 -10.67 -6.34
N VAL N 480 45.07 -11.57 -7.26
CA VAL N 480 46.43 -12.10 -7.39
C VAL N 480 46.95 -11.75 -8.77
N SER N 481 48.26 -11.58 -8.86
CA SER N 481 48.92 -11.29 -10.12
C SER N 481 49.43 -12.57 -10.75
N ILE N 482 49.80 -12.48 -12.03
CA ILE N 482 50.47 -13.55 -12.74
C ILE N 482 51.63 -12.95 -13.52
N ASN N 483 52.79 -13.58 -13.43
CA ASN N 483 54.04 -12.99 -13.92
C ASN N 483 54.48 -13.73 -15.17
N PHE N 484 54.81 -12.96 -16.21
CA PHE N 484 55.46 -13.48 -17.39
C PHE N 484 56.77 -12.79 -17.69
N GLY N 485 57.30 -12.00 -16.74
CA GLY N 485 58.57 -11.33 -16.91
C GLY N 485 59.73 -12.26 -16.63
N PRO N 486 60.81 -12.13 -17.42
CA PRO N 486 61.93 -13.08 -17.29
C PRO N 486 62.72 -12.94 -15.99
N CYS N 487 62.77 -11.73 -15.42
CA CYS N 487 63.39 -11.53 -14.11
C CYS N 487 62.35 -11.88 -13.05
N PHE N 488 62.23 -13.18 -12.79
CA PHE N 488 61.20 -13.68 -11.88
C PHE N 488 61.56 -13.41 -10.43
N LYS N 489 60.52 -13.35 -9.59
CA LYS N 489 60.70 -12.96 -8.19
C LYS N 489 61.20 -14.13 -7.36
N TYR N 490 60.46 -15.24 -7.33
CA TYR N 490 60.89 -16.45 -6.65
C TYR N 490 60.63 -17.67 -7.51
N PRO N 491 61.53 -18.00 -8.42
CA PRO N 491 61.40 -19.24 -9.19
C PRO N 491 61.87 -20.42 -8.36
N PRO N 492 61.67 -21.67 -8.83
CA PRO N 492 62.37 -22.79 -8.21
C PRO N 492 63.87 -22.64 -8.37
N LYS N 493 64.59 -23.06 -7.33
CA LYS N 493 66.02 -22.83 -7.27
C LYS N 493 66.75 -23.75 -8.24
N ASP N 494 67.66 -23.16 -9.02
CA ASP N 494 68.41 -23.82 -10.09
C ASP N 494 67.49 -24.46 -11.13
N LEU N 495 66.40 -23.75 -11.45
CA LEU N 495 65.53 -24.14 -12.55
C LEU N 495 66.03 -23.49 -13.82
N THR N 496 66.41 -24.31 -14.80
CA THR N 496 66.89 -23.82 -16.09
C THR N 496 65.71 -23.71 -17.05
N TYR N 497 64.77 -22.86 -16.68
CA TYR N 497 63.59 -22.58 -17.48
C TYR N 497 63.95 -21.67 -18.65
N ARG N 498 63.16 -21.77 -19.71
CA ARG N 498 63.28 -20.73 -20.72
C ARG N 498 62.54 -19.48 -20.25
N PRO N 499 63.07 -18.28 -20.50
CA PRO N 499 62.39 -17.06 -20.08
C PRO N 499 61.12 -16.83 -20.88
N MET N 500 60.09 -16.33 -20.20
CA MET N 500 58.75 -16.20 -20.77
C MET N 500 58.61 -15.02 -21.73
N SER N 501 59.71 -14.41 -22.18
CA SER N 501 59.71 -13.40 -23.23
C SER N 501 59.75 -14.01 -24.62
N ASP N 502 59.52 -15.32 -24.74
CA ASP N 502 59.38 -15.98 -26.03
C ASP N 502 58.01 -16.64 -26.17
N MET N 503 57.07 -16.38 -25.26
CA MET N 503 55.72 -16.90 -25.35
C MET N 503 54.71 -15.88 -25.85
N GLY N 504 55.04 -14.59 -25.82
CA GLY N 504 54.11 -13.56 -26.28
C GLY N 504 54.24 -12.25 -25.53
N SAH O . 9.13 -38.97 -9.21
CA SAH O . 7.74 -39.04 -9.62
CB SAH O . 7.62 -39.40 -11.10
CG SAH O . 8.66 -40.38 -11.64
SD SAH O . 10.35 -39.73 -11.59
C SAH O . 6.95 -40.05 -8.77
O SAH O . 6.96 -41.27 -9.00
OXT SAH O . 6.30 -39.67 -7.81
C5' SAH O . 10.22 -39.31 -13.34
C4' SAH O . 11.36 -39.85 -14.19
O4' SAH O . 10.80 -40.56 -15.26
C3' SAH O . 12.20 -38.72 -14.77
O3' SAH O . 13.55 -38.91 -14.45
C2' SAH O . 12.00 -38.79 -16.28
O2' SAH O . 13.24 -38.85 -16.93
C1' SAH O . 11.19 -40.06 -16.53
N9 SAH O . 9.96 -39.74 -17.27
C8 SAH O . 9.38 -38.50 -17.38
N7 SAH O . 8.27 -38.62 -18.14
C5 SAH O . 8.12 -39.90 -18.50
C6 SAH O . 7.16 -40.56 -19.26
N6 SAH O . 6.15 -39.88 -19.77
N1 SAH O . 7.27 -41.91 -19.48
C2 SAH O . 8.33 -42.62 -18.93
N3 SAH O . 9.28 -41.97 -18.17
C4 SAH O . 9.17 -40.63 -17.96
ZN ZN P . 6.62 -42.46 -24.86
#